data_8QOC
#
_entry.id   8QOC
#
_cell.length_a   192.419
_cell.length_b   192.419
_cell.length_c   448.198
_cell.angle_alpha   90.000
_cell.angle_beta   90.000
_cell.angle_gamma   120.000
#
_symmetry.space_group_name_H-M   'H 3 2'
#
loop_
_entity.id
_entity.type
_entity.pdbx_description
1 polymer "Pyridoxal 5'-phosphate synthase subunit PdxS"
2 non-polymer 'PHOSPHATE ION'
3 non-polymer 1,2-ETHANEDIOL
4 non-polymer 'CHLORIDE ION'
5 non-polymer 'MAGNESIUM ION'
6 water water
#
_entity_poly.entity_id   1
_entity_poly.type   'polypeptide(L)'
_entity_poly.pdbx_seq_one_letter_code
;IGSDRVKRGMAEMQKGGVIMDVVNAEQARIAEEAGAVAVMALERVPSDIRAAGGVARMANPKIVEEVMNAVSIPVMAKAR
IGHITEARVLEAMGVDYIDESEVLTPADEEYHLRKDQFTVPFVCGCRNLGEAARRIGEGAAMLRTKGEPGTGNIVEAVRH
MRQVNSEVSRLTVMNDDEIMTFAKDIGAPYEILKQIKDNGRLPVVNFAAGGVATPQDAALMMELGADGVFVGSGIFKSED
PEKFAKAIVQATTHYQDYELIGRLASELGTAMKG
;
_entity_poly.pdbx_strand_id   A,B,C,D,E,F,G,H
#
loop_
_chem_comp.id
_chem_comp.type
_chem_comp.name
_chem_comp.formula
CL non-polymer 'CHLORIDE ION' 'Cl -1'
EDO non-polymer 1,2-ETHANEDIOL 'C2 H6 O2'
MG non-polymer 'MAGNESIUM ION' 'Mg 2'
PO4 non-polymer 'PHOSPHATE ION' 'O4 P -3'
#
# COMPACT_ATOMS: atom_id res chain seq x y z
N ILE A 1 -23.24 5.12 -54.87
CA ILE A 1 -22.42 5.33 -56.07
C ILE A 1 -20.93 5.41 -55.66
N GLY A 2 -20.06 4.73 -56.42
CA GLY A 2 -18.63 4.64 -56.09
C GLY A 2 -18.33 3.55 -55.06
N SER A 3 -17.12 3.59 -54.52
CA SER A 3 -16.79 2.81 -53.33
C SER A 3 -16.01 3.66 -52.36
N ASP A 4 -16.31 3.48 -51.07
CA ASP A 4 -15.54 4.17 -50.05
C ASP A 4 -14.09 3.70 -50.04
N ARG A 5 -13.89 2.39 -50.18
CA ARG A 5 -12.55 1.83 -50.30
C ARG A 5 -11.74 2.57 -51.37
N VAL A 6 -12.30 2.69 -52.57
CA VAL A 6 -11.51 3.28 -53.66
C VAL A 6 -11.20 4.74 -53.37
N LYS A 7 -12.24 5.55 -53.11
CA LYS A 7 -12.09 6.98 -52.83
C LYS A 7 -11.10 7.24 -51.68
N ARG A 8 -11.36 6.64 -50.52
CA ARG A 8 -10.44 6.84 -49.40
C ARG A 8 -9.07 6.28 -49.72
N GLY A 9 -9.01 5.11 -50.36
CA GLY A 9 -7.72 4.53 -50.72
C GLY A 9 -6.84 5.48 -51.52
N MET A 10 -7.43 6.11 -52.56
CA MET A 10 -6.66 7.06 -53.37
C MET A 10 -6.19 8.26 -52.55
N ALA A 11 -7.07 8.88 -51.76
CA ALA A 11 -6.68 10.04 -50.97
C ALA A 11 -5.47 9.73 -50.08
N GLU A 12 -5.41 8.52 -49.54
CA GLU A 12 -4.29 8.12 -48.69
C GLU A 12 -2.96 8.15 -49.44
N MET A 13 -2.96 8.00 -50.76
CA MET A 13 -1.67 8.07 -51.46
C MET A 13 -1.00 9.44 -51.39
N GLN A 14 -1.69 10.47 -50.91
CA GLN A 14 -1.02 11.76 -50.75
C GLN A 14 -0.49 11.97 -49.34
N LYS A 15 -0.78 11.07 -48.39
CA LYS A 15 -0.26 11.15 -47.03
C LYS A 15 1.21 11.54 -47.05
N GLY A 16 1.59 12.45 -46.15
CA GLY A 16 2.95 12.95 -46.13
C GLY A 16 3.28 14.01 -47.15
N GLY A 17 2.36 14.40 -48.02
CA GLY A 17 2.67 15.29 -49.11
C GLY A 17 2.23 16.73 -48.91
N VAL A 18 2.62 17.57 -49.88
CA VAL A 18 2.23 18.96 -49.92
C VAL A 18 1.40 19.16 -51.19
N ILE A 19 0.25 19.81 -51.03
CA ILE A 19 -0.64 20.12 -52.15
C ILE A 19 -0.66 21.62 -52.32
N MET A 20 -0.63 22.07 -53.57
CA MET A 20 -0.40 23.46 -53.91
C MET A 20 -1.54 23.99 -54.75
N ASP A 21 -2.30 24.94 -54.20
CA ASP A 21 -3.14 25.80 -55.01
C ASP A 21 -2.30 26.41 -56.14
N VAL A 22 -2.75 26.24 -57.39
CA VAL A 22 -2.09 26.78 -58.57
C VAL A 22 -3.14 27.41 -59.48
N VAL A 23 -2.69 28.35 -60.32
CA VAL A 23 -3.61 29.14 -61.15
C VAL A 23 -3.33 29.02 -62.64
N ASN A 24 -2.21 28.40 -63.06
CA ASN A 24 -1.92 28.24 -64.48
C ASN A 24 -0.97 27.05 -64.67
N ALA A 25 -0.55 26.84 -65.92
CA ALA A 25 0.42 25.79 -66.19
C ALA A 25 1.73 26.05 -65.46
N GLU A 26 2.27 27.27 -65.59
CA GLU A 26 3.57 27.60 -65.00
C GLU A 26 3.60 27.28 -63.51
N GLN A 27 2.66 27.85 -62.75
CA GLN A 27 2.53 27.49 -61.33
C GLN A 27 2.37 25.99 -61.16
N ALA A 28 1.61 25.35 -62.04
CA ALA A 28 1.37 23.92 -61.91
C ALA A 28 2.66 23.13 -62.05
N ARG A 29 3.43 23.39 -63.12
CA ARG A 29 4.68 22.64 -63.25
C ARG A 29 5.68 23.06 -62.19
N ILE A 30 5.68 24.33 -61.79
CA ILE A 30 6.51 24.70 -60.65
C ILE A 30 6.13 23.85 -59.45
N ALA A 31 4.83 23.67 -59.20
CA ALA A 31 4.40 22.81 -58.10
C ALA A 31 4.94 21.39 -58.27
N GLU A 32 4.77 20.83 -59.47
CA GLU A 32 5.15 19.43 -59.68
C GLU A 32 6.65 19.27 -59.56
N GLU A 33 7.41 20.17 -60.20
CA GLU A 33 8.86 20.04 -60.23
C GLU A 33 9.47 20.18 -58.84
N ALA A 34 8.84 21.00 -57.97
CA ALA A 34 9.34 21.20 -56.63
C ALA A 34 8.99 20.06 -55.67
N GLY A 35 8.19 19.10 -56.11
CA GLY A 35 7.85 17.94 -55.30
C GLY A 35 6.42 17.86 -54.74
N ALA A 36 5.47 18.63 -55.27
CA ALA A 36 4.11 18.56 -54.74
C ALA A 36 3.47 17.25 -55.16
N VAL A 37 2.80 16.58 -54.20
CA VAL A 37 2.14 15.31 -54.50
C VAL A 37 0.77 15.47 -55.12
N ALA A 38 0.27 16.71 -55.29
CA ALA A 38 -0.97 17.00 -56.02
C ALA A 38 -1.08 18.52 -56.12
N VAL A 39 -1.90 18.97 -57.07
CA VAL A 39 -2.15 20.39 -57.24
C VAL A 39 -3.65 20.64 -57.04
N MET A 40 -3.98 21.90 -56.75
CA MET A 40 -5.36 22.37 -56.60
C MET A 40 -5.57 23.54 -57.56
N ALA A 41 -6.44 23.35 -58.53
CA ALA A 41 -6.66 24.36 -59.56
C ALA A 41 -7.69 25.36 -59.09
N LEU A 42 -7.41 26.63 -59.34
CA LEU A 42 -8.36 27.69 -59.00
C LEU A 42 -8.04 28.95 -59.79
N GLU A 43 -9.02 29.86 -59.85
CA GLU A 43 -8.89 31.07 -60.65
C GLU A 43 -8.06 32.15 -59.96
N ARG A 44 -8.11 32.23 -58.62
CA ARG A 44 -7.27 33.15 -57.86
C ARG A 44 -7.10 32.63 -56.44
N VAL A 45 -5.89 32.77 -55.89
CA VAL A 45 -5.41 32.06 -54.71
C VAL A 45 -6.14 32.64 -53.48
N PRO A 46 -6.38 31.89 -52.37
CA PRO A 46 -7.31 32.40 -51.34
C PRO A 46 -6.99 33.80 -50.81
N SER A 47 -5.72 34.20 -50.83
CA SER A 47 -5.35 35.57 -50.47
C SER A 47 -6.06 36.60 -51.35
N ASP A 48 -6.03 36.41 -52.66
CA ASP A 48 -6.68 37.34 -53.58
C ASP A 48 -8.20 37.24 -53.51
N ILE A 49 -8.73 36.09 -53.09
CA ILE A 49 -10.17 35.89 -53.00
C ILE A 49 -10.76 36.79 -51.93
N ARG A 50 -10.14 36.81 -50.74
CA ARG A 50 -10.61 37.68 -49.67
C ARG A 50 -10.38 39.15 -50.01
N ALA A 51 -9.29 39.44 -50.73
CA ALA A 51 -9.04 40.79 -51.21
C ALA A 51 -10.08 41.21 -52.24
N ALA A 52 -10.20 40.43 -53.33
CA ALA A 52 -11.14 40.77 -54.39
C ALA A 52 -12.57 40.84 -53.88
N GLY A 53 -12.90 40.03 -52.87
CA GLY A 53 -14.30 39.91 -52.52
C GLY A 53 -15.05 39.36 -53.71
N GLY A 54 -16.24 39.89 -53.95
CA GLY A 54 -17.08 39.41 -55.02
C GLY A 54 -17.60 38.02 -54.72
N VAL A 55 -18.29 37.44 -55.70
CA VAL A 55 -18.74 36.07 -55.60
C VAL A 55 -17.64 35.17 -56.16
N ALA A 56 -17.13 34.26 -55.35
CA ALA A 56 -16.12 33.29 -55.79
C ALA A 56 -16.83 32.01 -56.23
N ARG A 57 -16.85 31.78 -57.54
CA ARG A 57 -17.41 30.57 -58.11
C ARG A 57 -16.26 29.62 -58.50
N MET A 58 -16.59 28.44 -59.01
CA MET A 58 -15.55 27.54 -59.49
C MET A 58 -14.77 28.21 -60.62
N ALA A 59 -13.63 27.62 -60.95
CA ALA A 59 -12.83 28.18 -62.03
C ALA A 59 -13.46 27.89 -63.38
N ASN A 60 -13.08 28.68 -64.38
CA ASN A 60 -13.42 28.33 -65.74
C ASN A 60 -12.85 26.93 -66.04
N PRO A 61 -13.61 26.03 -66.65
CA PRO A 61 -13.04 24.71 -66.99
C PRO A 61 -11.78 24.81 -67.83
N LYS A 62 -11.67 25.82 -68.70
CA LYS A 62 -10.43 26.06 -69.43
C LYS A 62 -9.22 26.09 -68.50
N ILE A 63 -9.36 26.74 -67.35
CA ILE A 63 -8.26 26.83 -66.41
C ILE A 63 -7.92 25.44 -65.87
N VAL A 64 -8.95 24.66 -65.51
CA VAL A 64 -8.69 23.37 -64.88
C VAL A 64 -7.98 22.43 -65.84
N GLU A 65 -8.47 22.33 -67.09
CA GLU A 65 -7.82 21.39 -68.01
C GLU A 65 -6.44 21.88 -68.42
N GLU A 66 -6.21 23.19 -68.47
CA GLU A 66 -4.87 23.67 -68.75
C GLU A 66 -3.89 23.23 -67.66
N VAL A 67 -4.36 23.10 -66.42
CA VAL A 67 -3.54 22.59 -65.33
C VAL A 67 -3.42 21.07 -65.42
N MET A 68 -4.53 20.38 -65.72
CA MET A 68 -4.47 18.92 -65.85
C MET A 68 -3.51 18.50 -66.97
N ASN A 69 -3.41 19.34 -68.00
CA ASN A 69 -2.52 19.13 -69.12
C ASN A 69 -1.08 19.52 -68.82
N ALA A 70 -0.81 20.09 -67.66
CA ALA A 70 0.55 20.50 -67.35
C ALA A 70 1.28 19.53 -66.44
N VAL A 71 0.59 18.59 -65.80
CA VAL A 71 1.17 17.86 -64.68
C VAL A 71 0.74 16.40 -64.71
N SER A 72 1.58 15.56 -64.11
CA SER A 72 1.35 14.13 -64.00
C SER A 72 0.84 13.73 -62.63
N ILE A 73 0.78 14.67 -61.69
CA ILE A 73 0.26 14.40 -60.35
C ILE A 73 -1.26 14.62 -60.37
N PRO A 74 -2.00 14.16 -59.37
CA PRO A 74 -3.46 14.38 -59.40
C PRO A 74 -3.81 15.87 -59.33
N VAL A 75 -4.91 16.23 -59.99
CA VAL A 75 -5.39 17.60 -60.07
C VAL A 75 -6.68 17.70 -59.26
N MET A 76 -6.71 18.61 -58.29
CA MET A 76 -7.91 18.91 -57.52
C MET A 76 -8.51 20.22 -58.00
N ALA A 77 -9.83 20.33 -57.89
CA ALA A 77 -10.49 21.60 -58.18
C ALA A 77 -11.58 21.89 -57.16
N LYS A 78 -11.80 23.18 -56.91
CA LYS A 78 -12.76 23.63 -55.92
C LYS A 78 -14.14 23.85 -56.54
N ALA A 79 -15.17 23.56 -55.75
CA ALA A 79 -16.55 23.89 -56.09
C ALA A 79 -17.26 24.47 -54.87
N ARG A 80 -18.21 25.34 -55.14
CA ARG A 80 -18.93 26.02 -54.09
C ARG A 80 -19.74 25.02 -53.27
N ILE A 81 -19.83 25.28 -51.97
CA ILE A 81 -20.58 24.40 -51.09
C ILE A 81 -21.99 24.25 -51.63
N GLY A 82 -22.41 22.99 -51.81
CA GLY A 82 -23.73 22.69 -52.29
C GLY A 82 -23.99 22.93 -53.75
N HIS A 83 -22.99 23.41 -54.52
CA HIS A 83 -23.23 23.66 -55.94
C HIS A 83 -23.19 22.34 -56.69
N ILE A 84 -24.35 21.67 -56.71
CA ILE A 84 -24.48 20.37 -57.36
C ILE A 84 -23.91 20.43 -58.78
N THR A 85 -24.29 21.46 -59.54
CA THR A 85 -23.87 21.49 -60.94
C THR A 85 -22.37 21.65 -61.08
N GLU A 86 -21.74 22.51 -60.28
CA GLU A 86 -20.31 22.71 -60.41
C GLU A 86 -19.55 21.40 -60.15
N ALA A 87 -19.95 20.66 -59.11
CA ALA A 87 -19.27 19.40 -58.83
C ALA A 87 -19.45 18.41 -59.97
N ARG A 88 -20.69 18.23 -60.45
CA ARG A 88 -20.94 17.34 -61.58
C ARG A 88 -20.11 17.75 -62.79
N VAL A 89 -20.02 19.04 -63.06
CA VAL A 89 -19.19 19.51 -64.18
C VAL A 89 -17.73 19.13 -63.96
N LEU A 90 -17.18 19.46 -62.79
CA LEU A 90 -15.79 19.10 -62.51
C LEU A 90 -15.57 17.59 -62.61
N GLU A 91 -16.52 16.80 -62.13
CA GLU A 91 -16.33 15.35 -62.13
C GLU A 91 -16.36 14.79 -63.55
N ALA A 92 -17.27 15.29 -64.38
CA ALA A 92 -17.26 14.91 -65.79
C ALA A 92 -15.93 15.28 -66.45
N MET A 93 -15.39 16.45 -66.10
CA MET A 93 -14.06 16.82 -66.59
C MET A 93 -13.00 15.80 -66.21
N GLY A 94 -13.30 14.95 -65.23
CA GLY A 94 -12.33 14.00 -64.72
C GLY A 94 -11.23 14.64 -63.91
N VAL A 95 -11.59 15.43 -62.91
CA VAL A 95 -10.62 15.83 -61.90
C VAL A 95 -10.43 14.68 -60.93
N ASP A 96 -9.26 14.60 -60.32
CA ASP A 96 -9.02 13.48 -59.42
C ASP A 96 -9.76 13.68 -58.11
N TYR A 97 -9.92 14.93 -57.66
CA TYR A 97 -10.67 15.26 -56.45
C TYR A 97 -11.39 16.59 -56.63
N ILE A 98 -12.55 16.72 -55.99
CA ILE A 98 -13.23 18.02 -55.80
C ILE A 98 -13.14 18.43 -54.33
N ASP A 99 -12.86 19.71 -54.11
CA ASP A 99 -12.90 20.33 -52.78
C ASP A 99 -14.21 21.11 -52.67
N GLU A 100 -15.14 20.60 -51.85
CA GLU A 100 -16.29 21.39 -51.43
C GLU A 100 -15.77 22.44 -50.47
N SER A 101 -15.51 23.64 -50.97
CA SER A 101 -14.57 24.54 -50.31
C SER A 101 -15.26 25.79 -49.80
N GLU A 102 -15.25 25.96 -48.48
CA GLU A 102 -15.70 27.17 -47.83
C GLU A 102 -14.84 28.39 -48.16
N VAL A 103 -13.74 28.22 -48.91
CA VAL A 103 -13.02 29.39 -49.44
C VAL A 103 -13.85 30.07 -50.53
N LEU A 104 -14.63 29.32 -51.28
CA LEU A 104 -15.51 29.88 -52.29
C LEU A 104 -16.83 30.27 -51.64
N THR A 105 -17.39 31.39 -52.09
CA THR A 105 -18.67 31.82 -51.52
C THR A 105 -19.69 30.72 -51.79
N PRO A 106 -20.44 30.27 -50.78
CA PRO A 106 -21.32 29.12 -50.97
C PRO A 106 -22.43 29.35 -51.99
N ALA A 107 -23.03 28.24 -52.36
CA ALA A 107 -24.27 28.28 -53.10
C ALA A 107 -25.44 27.80 -52.26
N ASP A 108 -25.16 27.05 -51.19
CA ASP A 108 -26.19 26.53 -50.31
C ASP A 108 -25.69 26.72 -48.88
N GLU A 109 -26.39 27.53 -48.11
CA GLU A 109 -25.94 27.83 -46.77
C GLU A 109 -26.49 26.88 -45.73
N GLU A 110 -27.32 25.90 -46.12
CA GLU A 110 -27.84 24.94 -45.17
C GLU A 110 -27.50 23.48 -45.49
N TYR A 111 -27.19 23.14 -46.74
CA TYR A 111 -26.98 21.73 -47.08
C TYR A 111 -25.75 21.57 -47.96
N HIS A 112 -24.86 20.66 -47.56
CA HIS A 112 -23.72 20.29 -48.37
C HIS A 112 -24.12 19.22 -49.39
N LEU A 113 -23.23 18.96 -50.36
CA LEU A 113 -23.47 17.92 -51.36
C LEU A 113 -23.59 16.55 -50.72
N ARG A 114 -24.42 15.70 -51.32
CA ARG A 114 -24.42 14.31 -50.90
C ARG A 114 -23.28 13.65 -51.67
N LYS A 115 -22.08 13.70 -51.09
CA LYS A 115 -20.89 13.30 -51.82
C LYS A 115 -20.83 11.80 -52.10
N ASP A 116 -21.57 10.99 -51.33
CA ASP A 116 -21.60 9.56 -51.62
C ASP A 116 -22.27 9.25 -52.95
N GLN A 117 -23.11 10.14 -53.48
CA GLN A 117 -23.77 9.95 -54.78
C GLN A 117 -22.89 10.42 -55.95
N PHE A 118 -21.60 10.65 -55.73
CA PHE A 118 -20.62 10.94 -56.77
C PHE A 118 -19.64 9.78 -56.90
N THR A 119 -18.89 9.74 -58.00
CA THR A 119 -17.77 8.81 -57.99
C THR A 119 -16.45 9.49 -57.72
N VAL A 120 -16.29 10.74 -58.14
CA VAL A 120 -15.02 11.43 -57.82
C VAL A 120 -14.94 11.65 -56.32
N PRO A 121 -13.79 11.45 -55.69
CA PRO A 121 -13.69 11.69 -54.24
C PRO A 121 -13.73 13.18 -53.91
N PHE A 122 -14.13 13.48 -52.68
CA PHE A 122 -14.30 14.84 -52.20
C PHE A 122 -13.45 15.08 -50.98
N VAL A 123 -12.80 16.24 -50.95
CA VAL A 123 -12.19 16.75 -49.71
C VAL A 123 -13.08 17.85 -49.18
N CYS A 124 -13.29 17.82 -47.86
CA CYS A 124 -14.16 18.74 -47.15
C CYS A 124 -13.37 19.33 -46.00
N GLY A 125 -13.66 20.62 -45.68
CA GLY A 125 -13.01 21.28 -44.56
C GLY A 125 -13.70 21.02 -43.21
N CYS A 126 -12.98 21.22 -42.10
CA CYS A 126 -13.61 21.10 -40.79
C CYS A 126 -12.76 21.76 -39.69
N ARG A 127 -13.34 21.84 -38.49
CA ARG A 127 -12.78 22.55 -37.32
C ARG A 127 -12.95 21.76 -36.04
N ASN A 128 -13.68 20.66 -36.06
CA ASN A 128 -13.94 19.85 -34.87
C ASN A 128 -14.51 18.50 -35.32
N LEU A 129 -14.67 17.62 -34.35
CA LEU A 129 -15.12 16.27 -34.66
C LEU A 129 -16.54 16.25 -35.18
N GLY A 130 -17.39 17.18 -34.73
CA GLY A 130 -18.74 17.24 -35.24
C GLY A 130 -18.80 17.55 -36.73
N GLU A 131 -18.01 18.55 -37.17
CA GLU A 131 -17.98 18.87 -38.59
C GLU A 131 -17.32 17.74 -39.39
N ALA A 132 -16.19 17.23 -38.89
CA ALA A 132 -15.56 16.10 -39.54
C ALA A 132 -16.56 14.95 -39.74
N ALA A 133 -17.33 14.62 -38.70
CA ALA A 133 -18.21 13.46 -38.81
C ALA A 133 -19.39 13.72 -39.74
N ARG A 134 -19.88 14.95 -39.82
CA ARG A 134 -20.95 15.22 -40.75
C ARG A 134 -20.44 15.14 -42.19
N ARG A 135 -19.24 15.70 -42.44
CA ARG A 135 -18.66 15.61 -43.78
C ARG A 135 -18.36 14.16 -44.14
N ILE A 136 -17.78 13.40 -43.20
CA ILE A 136 -17.51 11.98 -43.45
C ILE A 136 -18.81 11.24 -43.75
N GLY A 137 -19.82 11.44 -42.90
CA GLY A 137 -21.11 10.81 -43.12
C GLY A 137 -21.77 11.20 -44.43
N GLU A 138 -21.44 12.37 -44.98
CA GLU A 138 -21.92 12.75 -46.30
C GLU A 138 -21.13 12.10 -47.42
N GLY A 139 -20.06 11.38 -47.13
CA GLY A 139 -19.27 10.74 -48.14
C GLY A 139 -17.93 11.37 -48.46
N ALA A 140 -17.51 12.38 -47.71
CA ALA A 140 -16.19 12.93 -47.95
C ALA A 140 -15.15 11.84 -47.76
N ALA A 141 -14.06 11.93 -48.51
CA ALA A 141 -13.01 10.92 -48.42
C ALA A 141 -11.72 11.50 -47.89
N MET A 142 -11.68 12.81 -47.71
CA MET A 142 -10.51 13.51 -47.26
C MET A 142 -10.98 14.70 -46.42
N LEU A 143 -10.23 15.02 -45.38
CA LEU A 143 -10.53 16.16 -44.53
C LEU A 143 -9.34 17.12 -44.48
N ARG A 144 -9.64 18.39 -44.26
CA ARG A 144 -8.58 19.36 -44.01
C ARG A 144 -9.10 20.43 -43.04
N THR A 145 -8.19 20.94 -42.21
CA THR A 145 -8.52 22.07 -41.34
C THR A 145 -9.08 23.21 -42.17
N LYS A 146 -10.13 23.86 -41.68
CA LYS A 146 -10.59 25.07 -42.36
C LYS A 146 -9.55 26.17 -42.27
N GLY A 147 -8.87 26.29 -41.12
CA GLY A 147 -7.86 27.28 -40.90
C GLY A 147 -8.37 28.70 -41.10
N GLU A 148 -7.48 29.55 -41.60
CA GLU A 148 -7.82 30.94 -41.90
C GLU A 148 -7.15 31.26 -43.23
N PRO A 149 -7.75 30.83 -44.34
CA PRO A 149 -7.03 30.85 -45.61
C PRO A 149 -6.70 32.26 -46.06
N GLY A 150 -5.52 32.41 -46.65
CA GLY A 150 -5.09 33.68 -47.20
C GLY A 150 -4.52 34.65 -46.21
N THR A 151 -4.32 34.24 -44.95
CA THR A 151 -3.77 35.13 -43.93
C THR A 151 -2.30 34.88 -43.65
N GLY A 152 -1.74 33.76 -44.11
CA GLY A 152 -0.39 33.42 -43.70
C GLY A 152 -0.25 33.27 -42.20
N ASN A 153 -1.36 33.13 -41.48
CA ASN A 153 -1.36 32.93 -40.05
C ASN A 153 -1.78 31.50 -39.76
N ILE A 154 -0.91 30.77 -39.08
CA ILE A 154 -1.11 29.35 -38.89
C ILE A 154 -2.02 29.03 -37.72
N VAL A 155 -2.35 30.02 -36.88
CA VAL A 155 -2.90 29.71 -35.56
C VAL A 155 -4.26 29.00 -35.69
N GLU A 156 -5.13 29.49 -36.57
CA GLU A 156 -6.45 28.89 -36.71
C GLU A 156 -6.35 27.42 -37.11
N ALA A 157 -5.48 27.10 -38.08
CA ALA A 157 -5.30 25.71 -38.49
C ALA A 157 -4.77 24.87 -37.34
N VAL A 158 -3.83 25.42 -36.55
CA VAL A 158 -3.36 24.75 -35.33
C VAL A 158 -4.54 24.44 -34.40
N ARG A 159 -5.42 25.42 -34.18
CA ARG A 159 -6.57 25.20 -33.31
C ARG A 159 -7.42 24.03 -33.79
N HIS A 160 -7.74 24.00 -35.10
CA HIS A 160 -8.65 22.98 -35.66
C HIS A 160 -8.06 21.59 -35.59
N MET A 161 -6.81 21.43 -36.06
CA MET A 161 -6.13 20.15 -35.96
C MET A 161 -6.07 19.67 -34.52
N ARG A 162 -5.77 20.57 -33.58
CA ARG A 162 -5.73 20.20 -32.16
C ARG A 162 -7.09 19.75 -31.65
N GLN A 163 -8.17 20.38 -32.13
CA GLN A 163 -9.52 20.09 -31.66
C GLN A 163 -10.02 18.76 -32.19
N VAL A 164 -9.96 18.55 -33.51
CA VAL A 164 -10.30 17.26 -34.10
C VAL A 164 -9.50 16.15 -33.44
N ASN A 165 -8.17 16.33 -33.32
CA ASN A 165 -7.35 15.28 -32.75
C ASN A 165 -7.76 14.98 -31.31
N SER A 166 -7.93 16.03 -30.51
CA SER A 166 -8.33 15.86 -29.12
C SER A 166 -9.65 15.11 -29.01
N GLU A 167 -10.67 15.56 -29.75
CA GLU A 167 -11.96 14.90 -29.67
C GLU A 167 -11.87 13.46 -30.16
N VAL A 168 -11.12 13.21 -31.24
CA VAL A 168 -10.99 11.85 -31.75
C VAL A 168 -10.39 10.95 -30.68
N SER A 169 -9.28 11.39 -30.09
CA SER A 169 -8.57 10.51 -29.16
C SER A 169 -9.41 10.26 -27.92
N ARG A 170 -10.15 11.27 -27.49
CA ARG A 170 -11.10 11.08 -26.41
C ARG A 170 -12.12 10.01 -26.76
N LEU A 171 -12.63 10.02 -28.01
CA LEU A 171 -13.60 9.02 -28.45
C LEU A 171 -12.98 7.63 -28.54
N THR A 172 -11.72 7.52 -28.95
CA THR A 172 -11.12 6.20 -29.06
C THR A 172 -11.07 5.46 -27.72
N VAL A 173 -11.18 6.14 -26.60
CA VAL A 173 -11.18 5.45 -25.31
C VAL A 173 -12.48 5.72 -24.53
N MET A 174 -13.55 6.08 -25.23
CA MET A 174 -14.83 6.43 -24.64
C MET A 174 -15.71 5.20 -24.39
N ASN A 175 -16.36 5.17 -23.21
CA ASN A 175 -17.36 4.13 -22.90
C ASN A 175 -18.40 3.98 -24.01
N ASP A 176 -18.59 2.74 -24.46
CA ASP A 176 -19.56 2.43 -25.51
C ASP A 176 -20.92 3.07 -25.26
N ASP A 177 -21.39 3.06 -24.02
CA ASP A 177 -22.72 3.56 -23.71
C ASP A 177 -22.77 5.07 -23.53
N GLU A 178 -21.64 5.74 -23.74
CA GLU A 178 -21.60 7.19 -23.71
C GLU A 178 -21.52 7.81 -25.09
N ILE A 179 -21.43 7.00 -26.15
CA ILE A 179 -21.17 7.57 -27.46
C ILE A 179 -22.43 8.22 -28.06
N MET A 180 -23.61 7.64 -27.84
CA MET A 180 -24.82 8.27 -28.36
C MET A 180 -24.94 9.70 -27.89
N THR A 181 -24.81 9.93 -26.59
CA THR A 181 -25.09 11.31 -26.21
C THR A 181 -23.87 12.19 -26.39
N PHE A 182 -22.68 11.61 -26.53
CA PHE A 182 -21.57 12.37 -27.08
C PHE A 182 -21.90 12.84 -28.49
N ALA A 183 -22.43 11.93 -29.31
CA ALA A 183 -22.79 12.30 -30.67
C ALA A 183 -23.87 13.37 -30.68
N LYS A 184 -24.90 13.22 -29.84
CA LYS A 184 -25.90 14.26 -29.73
C LYS A 184 -25.26 15.60 -29.42
N ASP A 185 -24.38 15.63 -28.41
CA ASP A 185 -23.79 16.88 -27.95
C ASP A 185 -22.92 17.56 -29.00
N ILE A 186 -22.26 16.83 -29.90
CA ILE A 186 -21.42 17.49 -30.88
C ILE A 186 -22.07 17.57 -32.26
N GLY A 187 -23.26 17.00 -32.44
CA GLY A 187 -23.95 17.08 -33.71
C GLY A 187 -23.40 16.16 -34.77
N ALA A 188 -22.91 14.99 -34.38
CA ALA A 188 -22.21 14.04 -35.23
C ALA A 188 -23.00 12.75 -35.37
N PRO A 189 -22.93 12.10 -36.52
CA PRO A 189 -23.69 10.87 -36.74
C PRO A 189 -23.15 9.74 -35.87
N TYR A 190 -24.04 9.14 -35.08
CA TYR A 190 -23.63 8.14 -34.09
C TYR A 190 -22.76 7.05 -34.72
N GLU A 191 -23.14 6.55 -35.90
CA GLU A 191 -22.39 5.42 -36.47
C GLU A 191 -21.02 5.83 -37.00
N ILE A 192 -20.88 7.06 -37.48
CA ILE A 192 -19.53 7.50 -37.82
C ILE A 192 -18.65 7.51 -36.57
N LEU A 193 -19.17 8.01 -35.45
CA LEU A 193 -18.37 8.00 -34.25
C LEU A 193 -18.02 6.56 -33.85
N LYS A 194 -18.99 5.64 -33.93
CA LYS A 194 -18.70 4.26 -33.57
C LYS A 194 -17.65 3.66 -34.50
N GLN A 195 -17.71 3.97 -35.81
CA GLN A 195 -16.62 3.60 -36.71
C GLN A 195 -15.30 4.16 -36.22
N ILE A 196 -15.25 5.47 -35.99
CA ILE A 196 -13.98 6.14 -35.67
C ILE A 196 -13.30 5.47 -34.50
N LYS A 197 -14.07 5.16 -33.44
CA LYS A 197 -13.51 4.47 -32.28
C LYS A 197 -12.87 3.15 -32.67
N ASP A 198 -13.62 2.31 -33.41
CA ASP A 198 -13.13 0.99 -33.74
C ASP A 198 -11.90 1.06 -34.63
N ASN A 199 -11.81 2.09 -35.46
CA ASN A 199 -10.64 2.28 -36.30
C ASN A 199 -9.47 2.83 -35.52
N GLY A 200 -9.69 3.36 -34.31
CA GLY A 200 -8.65 4.00 -33.55
C GLY A 200 -8.16 5.34 -34.07
N ARG A 201 -8.72 5.85 -35.17
CA ARG A 201 -8.51 7.22 -35.63
C ARG A 201 -9.54 7.51 -36.73
N LEU A 202 -9.38 8.64 -37.41
CA LEU A 202 -10.30 8.99 -38.48
C LEU A 202 -10.15 8.04 -39.66
N PRO A 203 -11.26 7.58 -40.26
CA PRO A 203 -11.17 6.66 -41.39
C PRO A 203 -10.71 7.30 -42.69
N VAL A 204 -10.48 8.62 -42.70
CA VAL A 204 -9.97 9.35 -43.85
C VAL A 204 -8.75 10.14 -43.37
N VAL A 205 -7.97 10.67 -44.32
CA VAL A 205 -6.80 11.46 -43.92
C VAL A 205 -7.21 12.91 -43.76
N ASN A 206 -6.63 13.57 -42.76
CA ASN A 206 -6.98 14.92 -42.36
C ASN A 206 -5.78 15.82 -42.55
N PHE A 207 -5.78 16.61 -43.63
CA PHE A 207 -4.65 17.49 -43.93
C PHE A 207 -4.77 18.80 -43.16
N ALA A 208 -3.69 19.56 -43.15
CA ALA A 208 -3.70 20.91 -42.64
C ALA A 208 -3.81 21.87 -43.83
N ALA A 209 -4.37 23.05 -43.58
CA ALA A 209 -4.66 23.99 -44.66
C ALA A 209 -5.03 25.36 -44.10
N GLY A 210 -4.48 26.41 -44.72
CA GLY A 210 -4.79 27.77 -44.35
C GLY A 210 -3.70 28.47 -43.55
N GLY A 211 -2.99 29.39 -44.19
CA GLY A 211 -2.00 30.17 -43.46
C GLY A 211 -0.64 29.53 -43.29
N VAL A 212 -0.29 28.52 -44.08
CA VAL A 212 1.08 28.04 -44.12
C VAL A 212 1.90 28.99 -44.98
N ALA A 213 2.87 29.66 -44.35
CA ALA A 213 3.66 30.70 -45.01
C ALA A 213 5.16 30.47 -44.97
N THR A 214 5.63 29.51 -44.18
CA THR A 214 7.03 29.24 -43.93
C THR A 214 7.28 27.74 -43.79
N PRO A 215 8.49 27.26 -44.13
CA PRO A 215 8.81 25.84 -43.92
C PRO A 215 8.50 25.34 -42.52
N GLN A 216 8.95 26.09 -41.49
CA GLN A 216 8.63 25.72 -40.12
C GLN A 216 7.11 25.57 -39.93
N ASP A 217 6.31 26.43 -40.58
CA ASP A 217 4.85 26.29 -40.51
C ASP A 217 4.40 24.90 -40.90
N ALA A 218 4.84 24.45 -42.08
CA ALA A 218 4.45 23.12 -42.57
C ALA A 218 4.92 22.05 -41.60
N ALA A 219 6.20 22.08 -41.23
CA ALA A 219 6.71 21.05 -40.32
C ALA A 219 5.91 21.03 -39.04
N LEU A 220 5.42 22.22 -38.62
CA LEU A 220 4.64 22.34 -37.39
C LEU A 220 3.34 21.54 -37.46
N MET A 221 2.59 21.72 -38.54
CA MET A 221 1.36 20.94 -38.73
C MET A 221 1.64 19.44 -38.65
N MET A 222 2.74 18.98 -39.27
CA MET A 222 3.04 17.56 -39.21
C MET A 222 3.39 17.14 -37.81
N GLU A 223 4.13 18.01 -37.10
CA GLU A 223 4.38 17.76 -35.70
C GLU A 223 3.06 17.67 -34.93
N LEU A 224 2.13 18.57 -35.22
CA LEU A 224 0.81 18.53 -34.59
C LEU A 224 -0.06 17.34 -35.05
N GLY A 225 0.41 16.49 -35.95
CA GLY A 225 -0.30 15.28 -36.27
C GLY A 225 -1.09 15.31 -37.56
N ALA A 226 -0.94 16.33 -38.39
CA ALA A 226 -1.54 16.35 -39.71
C ALA A 226 -1.08 15.17 -40.54
N ASP A 227 -1.89 14.80 -41.53
CA ASP A 227 -1.54 13.79 -42.52
C ASP A 227 -0.87 14.39 -43.74
N GLY A 228 -0.75 15.70 -43.80
CA GLY A 228 -0.23 16.37 -44.97
C GLY A 228 -0.64 17.82 -44.91
N VAL A 229 -0.23 18.56 -45.94
CA VAL A 229 -0.33 20.02 -45.92
C VAL A 229 -0.84 20.52 -47.26
N PHE A 230 -1.85 21.38 -47.24
CA PHE A 230 -2.19 22.25 -48.35
C PHE A 230 -1.49 23.59 -48.15
N VAL A 231 -1.15 24.26 -49.24
CA VAL A 231 -0.61 25.61 -49.16
C VAL A 231 -0.71 26.28 -50.51
N GLY A 232 -1.30 27.48 -50.55
CA GLY A 232 -1.49 28.18 -51.80
C GLY A 232 -0.86 29.56 -51.81
N SER A 233 -1.46 30.48 -51.04
CA SER A 233 -0.95 31.84 -50.95
C SER A 233 0.50 31.87 -50.47
N GLY A 234 0.79 31.13 -49.38
CA GLY A 234 2.11 31.20 -48.77
C GLY A 234 3.28 31.04 -49.74
N ILE A 235 3.08 30.31 -50.85
CA ILE A 235 4.14 30.01 -51.81
C ILE A 235 4.24 31.09 -52.89
N PHE A 236 3.12 31.37 -53.57
CA PHE A 236 3.24 32.20 -54.75
C PHE A 236 3.19 33.68 -54.43
N LYS A 237 2.71 34.03 -53.24
CA LYS A 237 2.74 35.40 -52.72
C LYS A 237 4.07 35.72 -52.02
N SER A 238 5.18 35.15 -52.48
CA SER A 238 6.48 35.33 -51.83
CA SER A 238 6.49 35.27 -51.84
C SER A 238 7.51 35.79 -52.84
N GLU A 239 8.73 36.10 -52.35
CA GLU A 239 9.77 36.65 -53.20
C GLU A 239 10.32 35.63 -54.19
N ASP A 240 10.18 34.33 -53.92
CA ASP A 240 10.66 33.30 -54.83
C ASP A 240 9.85 32.03 -54.61
N PRO A 241 8.66 31.96 -55.21
CA PRO A 241 7.83 30.75 -55.08
C PRO A 241 8.55 29.45 -55.44
N GLU A 242 9.47 29.47 -56.40
CA GLU A 242 10.22 28.25 -56.74
C GLU A 242 10.96 27.71 -55.53
N LYS A 243 11.73 28.57 -54.84
CA LYS A 243 12.48 28.11 -53.68
C LYS A 243 11.55 27.82 -52.51
N PHE A 244 10.50 28.64 -52.33
CA PHE A 244 9.56 28.43 -51.23
C PHE A 244 8.87 27.08 -51.36
N ALA A 245 8.47 26.72 -52.58
CA ALA A 245 7.81 25.44 -52.81
C ALA A 245 8.71 24.27 -52.40
N LYS A 246 9.95 24.24 -52.90
CA LYS A 246 10.81 23.10 -52.55
C LYS A 246 11.15 23.10 -51.06
N ALA A 247 11.19 24.29 -50.44
CA ALA A 247 11.43 24.35 -49.01
C ALA A 247 10.27 23.77 -48.21
N ILE A 248 9.04 24.07 -48.64
CA ILE A 248 7.87 23.58 -47.93
C ILE A 248 7.70 22.08 -48.19
N VAL A 249 8.10 21.58 -49.36
CA VAL A 249 8.02 20.16 -49.62
C VAL A 249 8.99 19.38 -48.73
N GLN A 250 10.25 19.81 -48.68
CA GLN A 250 11.22 19.09 -47.87
C GLN A 250 10.89 19.18 -46.39
N ALA A 251 10.44 20.38 -45.94
CA ALA A 251 10.10 20.59 -44.53
C ALA A 251 8.95 19.70 -44.11
N THR A 252 7.97 19.47 -45.00
CA THR A 252 6.87 18.57 -44.68
C THR A 252 7.32 17.11 -44.63
N THR A 253 8.24 16.72 -45.54
CA THR A 253 8.77 15.36 -45.49
C THR A 253 9.67 15.15 -44.27
N HIS A 254 10.58 16.08 -44.03
CA HIS A 254 11.48 15.94 -42.90
C HIS A 254 11.10 16.90 -41.78
N TYR A 255 9.89 16.75 -41.26
CA TYR A 255 9.40 17.76 -40.33
C TYR A 255 10.12 17.76 -38.99
N GLN A 256 10.99 16.78 -38.74
CA GLN A 256 11.73 16.69 -37.48
C GLN A 256 13.23 16.88 -37.69
N ASP A 257 13.66 17.18 -38.93
CA ASP A 257 15.05 17.48 -39.27
C ASP A 257 15.25 18.97 -39.09
N TYR A 258 15.46 19.36 -37.84
CA TYR A 258 15.41 20.76 -37.45
C TYR A 258 16.54 21.57 -38.09
N GLU A 259 17.71 20.98 -38.33
CA GLU A 259 18.77 21.73 -38.99
C GLU A 259 18.57 21.81 -40.49
N LEU A 260 17.95 20.79 -41.09
CA LEU A 260 17.55 20.93 -42.49
C LEU A 260 16.54 22.06 -42.65
N ILE A 261 15.66 22.22 -41.67
CA ILE A 261 14.63 23.25 -41.79
C ILE A 261 15.25 24.62 -41.62
N GLY A 262 16.20 24.74 -40.67
CA GLY A 262 16.87 26.02 -40.49
C GLY A 262 17.68 26.41 -41.70
N ARG A 263 18.39 25.45 -42.28
CA ARG A 263 19.12 25.68 -43.52
C ARG A 263 18.16 26.15 -44.61
N LEU A 264 17.14 25.33 -44.91
CA LEU A 264 16.09 25.66 -45.86
C LEU A 264 15.51 27.04 -45.57
N ALA A 265 15.45 27.40 -44.30
CA ALA A 265 14.80 28.63 -43.90
C ALA A 265 15.47 29.87 -44.47
N SER A 266 16.72 29.79 -44.94
CA SER A 266 17.36 30.95 -45.56
C SER A 266 16.83 31.16 -46.98
N GLU A 267 15.75 31.93 -47.03
CA GLU A 267 15.09 32.54 -48.17
C GLU A 267 14.58 33.92 -47.75
N LEU A 268 13.48 34.41 -48.29
CA LEU A 268 13.15 35.83 -48.17
C LEU A 268 11.74 36.12 -47.64
N GLY A 269 11.29 37.37 -47.85
CA GLY A 269 10.03 37.80 -47.26
C GLY A 269 8.86 37.03 -47.81
N THR A 270 7.80 36.92 -47.00
CA THR A 270 6.66 36.10 -47.39
C THR A 270 5.31 36.76 -47.13
N ALA A 271 4.21 36.01 -47.30
CA ALA A 271 2.85 36.50 -47.08
C ALA A 271 2.70 37.08 -45.66
N MET A 272 1.71 37.98 -45.49
CA MET A 272 1.34 38.54 -44.18
C MET A 272 -0.16 38.45 -43.96
N LYS A 273 -0.59 38.76 -42.73
CA LYS A 273 -2.02 38.70 -42.35
C LYS A 273 -2.78 39.73 -43.12
N SER B 3 -29.59 -9.78 -35.90
CA SER B 3 -30.34 -10.10 -34.70
C SER B 3 -31.25 -8.97 -34.26
N ASP B 4 -31.25 -7.86 -35.01
CA ASP B 4 -32.23 -6.81 -34.77
C ASP B 4 -33.55 -7.12 -35.47
N ARG B 5 -33.50 -7.84 -36.60
CA ARG B 5 -34.72 -8.30 -37.27
C ARG B 5 -35.53 -9.23 -36.38
N VAL B 6 -34.86 -10.06 -35.56
CA VAL B 6 -35.60 -10.99 -34.71
C VAL B 6 -36.21 -10.27 -33.52
N LYS B 7 -35.45 -9.35 -32.89
CA LYS B 7 -35.99 -8.55 -31.79
C LYS B 7 -37.16 -7.69 -32.26
N ARG B 8 -37.01 -7.00 -33.40
CA ARG B 8 -38.09 -6.18 -33.96
C ARG B 8 -39.24 -7.04 -34.46
N GLY B 9 -38.99 -8.29 -34.89
CA GLY B 9 -40.05 -9.15 -35.38
C GLY B 9 -40.97 -9.68 -34.28
N MET B 10 -40.42 -9.95 -33.10
CA MET B 10 -41.27 -10.34 -31.97
C MET B 10 -42.15 -9.18 -31.53
N ALA B 11 -41.59 -7.95 -31.48
CA ALA B 11 -42.37 -6.79 -31.07
C ALA B 11 -43.59 -6.60 -31.96
N GLU B 12 -43.48 -6.92 -33.25
CA GLU B 12 -44.60 -6.77 -34.18
C GLU B 12 -45.70 -7.78 -33.90
N MET B 13 -45.41 -8.84 -33.15
CA MET B 13 -46.42 -9.82 -32.75
C MET B 13 -47.55 -9.21 -31.92
N GLN B 14 -47.34 -8.02 -31.35
CA GLN B 14 -48.40 -7.34 -30.61
C GLN B 14 -49.05 -6.21 -31.40
N LYS B 15 -48.63 -5.96 -32.64
CA LYS B 15 -49.20 -4.86 -33.41
C LYS B 15 -50.72 -5.01 -33.46
N GLY B 16 -51.42 -4.02 -32.92
CA GLY B 16 -52.86 -4.03 -32.83
C GLY B 16 -53.44 -4.31 -31.45
N GLY B 17 -52.59 -4.59 -30.44
CA GLY B 17 -53.02 -5.12 -29.17
C GLY B 17 -52.92 -4.14 -28.01
N VAL B 18 -53.13 -4.67 -26.81
CA VAL B 18 -53.18 -3.88 -25.58
C VAL B 18 -52.28 -4.54 -24.53
N ILE B 19 -51.33 -3.79 -24.00
CA ILE B 19 -50.42 -4.26 -22.95
C ILE B 19 -50.83 -3.62 -21.64
N MET B 20 -50.78 -4.38 -20.55
CA MET B 20 -51.41 -3.96 -19.31
C MET B 20 -50.47 -4.02 -18.11
N ASP B 21 -50.35 -2.90 -17.39
CA ASP B 21 -49.68 -2.91 -16.10
C ASP B 21 -50.47 -3.75 -15.10
N VAL B 22 -49.89 -4.86 -14.63
CA VAL B 22 -50.46 -5.70 -13.59
C VAL B 22 -49.48 -5.84 -12.43
N VAL B 23 -50.01 -5.92 -11.21
CA VAL B 23 -49.16 -5.89 -10.02
C VAL B 23 -49.10 -7.22 -9.32
N ASN B 24 -49.79 -8.23 -9.80
CA ASN B 24 -49.75 -9.56 -9.19
C ASN B 24 -50.46 -10.55 -10.10
N ALA B 25 -50.40 -11.82 -9.70
CA ALA B 25 -50.92 -12.89 -10.55
C ALA B 25 -52.37 -12.64 -10.97
N GLU B 26 -53.22 -12.21 -10.04
CA GLU B 26 -54.63 -12.10 -10.37
C GLU B 26 -54.90 -10.93 -11.32
N GLN B 27 -54.19 -9.80 -11.15
CA GLN B 27 -54.28 -8.77 -12.18
C GLN B 27 -53.70 -9.26 -13.49
N ALA B 28 -52.62 -10.05 -13.43
CA ALA B 28 -52.06 -10.59 -14.67
C ALA B 28 -53.05 -11.51 -15.35
N ARG B 29 -53.82 -12.27 -14.56
CA ARG B 29 -54.79 -13.18 -15.13
C ARG B 29 -55.98 -12.43 -15.71
N ILE B 30 -56.50 -11.44 -14.95
CA ILE B 30 -57.54 -10.55 -15.46
C ILE B 30 -57.14 -10.01 -16.82
N ALA B 31 -55.92 -9.49 -16.91
CA ALA B 31 -55.40 -8.98 -18.17
C ALA B 31 -55.50 -10.01 -19.29
N GLU B 32 -54.93 -11.21 -19.07
CA GLU B 32 -54.93 -12.24 -20.10
C GLU B 32 -56.34 -12.68 -20.45
N GLU B 33 -57.20 -12.83 -19.43
CA GLU B 33 -58.59 -13.21 -19.67
C GLU B 33 -59.28 -12.22 -20.58
N ALA B 34 -59.06 -10.92 -20.34
CA ALA B 34 -59.74 -9.87 -21.09
C ALA B 34 -59.20 -9.70 -22.50
N GLY B 35 -58.00 -10.18 -22.79
CA GLY B 35 -57.50 -10.10 -24.15
C GLY B 35 -56.16 -9.42 -24.36
N ALA B 36 -55.47 -9.08 -23.27
CA ALA B 36 -54.16 -8.45 -23.41
C ALA B 36 -53.26 -9.29 -24.30
N VAL B 37 -52.47 -8.63 -25.15
CA VAL B 37 -51.45 -9.34 -25.92
C VAL B 37 -50.17 -9.54 -25.15
N ALA B 38 -50.01 -8.85 -24.02
CA ALA B 38 -48.80 -8.86 -23.20
C ALA B 38 -49.15 -8.15 -21.90
N VAL B 39 -48.28 -8.31 -20.90
CA VAL B 39 -48.48 -7.63 -19.62
C VAL B 39 -47.16 -7.02 -19.16
N MET B 40 -47.28 -5.99 -18.33
CA MET B 40 -46.14 -5.26 -17.80
C MET B 40 -46.10 -5.51 -16.30
N ALA B 41 -45.13 -6.32 -15.87
CA ALA B 41 -44.97 -6.59 -14.45
C ALA B 41 -44.38 -5.37 -13.75
N LEU B 42 -44.99 -4.96 -12.65
CA LEU B 42 -44.49 -3.81 -11.88
C LEU B 42 -45.13 -3.76 -10.51
N GLU B 43 -44.49 -3.00 -9.61
CA GLU B 43 -44.85 -3.02 -8.19
C GLU B 43 -45.92 -1.99 -7.82
N ARG B 44 -45.85 -0.75 -8.31
CA ARG B 44 -46.86 0.27 -8.05
C ARG B 44 -47.23 0.94 -9.36
N VAL B 45 -48.50 0.84 -9.76
CA VAL B 45 -49.04 1.34 -11.02
C VAL B 45 -48.62 2.79 -11.29
N PRO B 46 -48.50 3.24 -12.56
CA PRO B 46 -47.92 4.58 -12.80
C PRO B 46 -48.63 5.70 -12.04
N SER B 47 -49.96 5.59 -11.88
CA SER B 47 -50.77 6.57 -11.16
C SER B 47 -50.30 6.75 -9.73
N ASP B 48 -50.50 5.75 -8.87
CA ASP B 48 -50.09 5.83 -7.47
C ASP B 48 -48.62 5.51 -7.29
N ILE B 49 -47.80 5.78 -8.31
CA ILE B 49 -46.37 5.99 -8.08
C ILE B 49 -46.13 7.40 -7.59
N ARG B 50 -46.67 8.38 -8.32
CA ARG B 50 -46.54 9.80 -8.04
C ARG B 50 -46.65 10.13 -6.54
N VAL B 55 -38.34 7.40 -4.60
CA VAL B 55 -37.47 6.62 -5.49
C VAL B 55 -38.08 5.32 -5.92
N ALA B 56 -38.19 5.13 -7.24
CA ALA B 56 -38.88 4.00 -7.85
C ALA B 56 -37.89 3.18 -8.66
N ARG B 57 -37.54 2.00 -8.16
CA ARG B 57 -36.55 1.13 -8.78
C ARG B 57 -37.28 0.00 -9.51
N MET B 58 -36.53 -1.02 -9.97
CA MET B 58 -37.23 -2.17 -10.54
C MET B 58 -38.09 -2.86 -9.48
N ALA B 59 -38.94 -3.76 -9.94
CA ALA B 59 -39.76 -4.54 -9.03
C ALA B 59 -38.96 -5.71 -8.45
N ASN B 60 -39.34 -6.12 -7.25
CA ASN B 60 -38.72 -7.32 -6.69
C ASN B 60 -38.85 -8.46 -7.69
N PRO B 61 -37.79 -9.23 -7.91
CA PRO B 61 -37.89 -10.36 -8.85
C PRO B 61 -39.02 -11.32 -8.51
N LYS B 62 -39.39 -11.41 -7.23
CA LYS B 62 -40.47 -12.31 -6.81
C LYS B 62 -41.79 -11.91 -7.45
N ILE B 63 -42.11 -10.61 -7.41
CA ILE B 63 -43.31 -10.09 -8.05
C ILE B 63 -43.26 -10.35 -9.55
N VAL B 64 -42.09 -10.22 -10.16
CA VAL B 64 -41.98 -10.40 -11.61
C VAL B 64 -42.30 -11.83 -12.01
N GLU B 65 -41.67 -12.80 -11.34
CA GLU B 65 -41.81 -14.19 -11.78
C GLU B 65 -43.22 -14.70 -11.49
N GLU B 66 -43.86 -14.18 -10.44
CA GLU B 66 -45.27 -14.46 -10.21
C GLU B 66 -46.12 -14.12 -11.44
N VAL B 67 -45.87 -12.98 -12.07
CA VAL B 67 -46.62 -12.62 -13.27
C VAL B 67 -46.23 -13.50 -14.44
N MET B 68 -44.97 -13.88 -14.55
CA MET B 68 -44.60 -14.84 -15.58
C MET B 68 -45.30 -16.17 -15.35
N ASN B 69 -45.49 -16.52 -14.07
CA ASN B 69 -46.05 -17.81 -13.72
C ASN B 69 -47.55 -17.85 -13.95
N ALA B 70 -48.21 -16.69 -13.93
CA ALA B 70 -49.67 -16.65 -13.99
C ALA B 70 -50.21 -16.69 -15.43
N VAL B 71 -49.46 -16.21 -16.42
CA VAL B 71 -49.98 -16.07 -17.77
C VAL B 71 -49.00 -16.64 -18.78
N SER B 72 -49.53 -16.87 -19.98
CA SER B 72 -48.79 -17.46 -21.09
C SER B 72 -48.48 -16.48 -22.20
N ILE B 73 -49.09 -15.30 -22.17
CA ILE B 73 -48.73 -14.20 -23.07
C ILE B 73 -47.46 -13.54 -22.52
N PRO B 74 -46.65 -12.88 -23.35
CA PRO B 74 -45.33 -12.43 -22.88
C PRO B 74 -45.44 -11.44 -21.72
N VAL B 75 -44.37 -11.36 -20.92
CA VAL B 75 -44.32 -10.46 -19.78
C VAL B 75 -43.18 -9.48 -20.03
N MET B 76 -43.46 -8.19 -19.82
CA MET B 76 -42.40 -7.19 -19.74
C MET B 76 -42.29 -6.66 -18.32
N ALA B 77 -41.11 -6.15 -17.99
CA ALA B 77 -40.93 -5.41 -16.76
C ALA B 77 -40.04 -4.20 -17.03
N LYS B 78 -40.24 -3.16 -16.20
CA LYS B 78 -39.48 -1.92 -16.29
C LYS B 78 -38.17 -1.98 -15.51
N ALA B 79 -37.21 -1.18 -15.95
CA ALA B 79 -35.93 -0.97 -15.28
C ALA B 79 -35.50 0.48 -15.46
N ARG B 80 -34.81 1.02 -14.45
CA ARG B 80 -34.47 2.44 -14.48
C ARG B 80 -33.51 2.75 -15.63
N ILE B 81 -33.70 3.91 -16.26
CA ILE B 81 -32.88 4.33 -17.39
C ILE B 81 -31.41 4.24 -17.05
N GLY B 82 -30.67 3.54 -17.91
CA GLY B 82 -29.25 3.41 -17.74
C GLY B 82 -28.80 2.50 -16.63
N HIS B 83 -29.71 1.81 -15.95
CA HIS B 83 -29.34 0.92 -14.86
C HIS B 83 -28.93 -0.44 -15.43
N ILE B 84 -27.61 -0.61 -15.61
CA ILE B 84 -27.09 -1.78 -16.32
C ILE B 84 -27.47 -3.07 -15.60
N THR B 85 -27.22 -3.15 -14.29
CA THR B 85 -27.51 -4.41 -13.61
C THR B 85 -29.01 -4.65 -13.38
N GLU B 86 -29.86 -3.63 -13.33
CA GLU B 86 -31.29 -3.92 -13.28
C GLU B 86 -31.75 -4.63 -14.55
N ALA B 87 -31.35 -4.08 -15.70
CA ALA B 87 -31.70 -4.71 -16.97
C ALA B 87 -31.06 -6.10 -17.10
N ARG B 88 -29.81 -6.24 -16.66
CA ARG B 88 -29.18 -7.55 -16.81
C ARG B 88 -29.90 -8.60 -15.98
N VAL B 89 -30.25 -8.26 -14.73
CA VAL B 89 -31.03 -9.17 -13.90
C VAL B 89 -32.33 -9.56 -14.60
N LEU B 90 -33.08 -8.58 -15.10
CA LEU B 90 -34.35 -8.86 -15.77
C LEU B 90 -34.15 -9.77 -16.98
N GLU B 91 -33.11 -9.49 -17.78
CA GLU B 91 -32.85 -10.29 -18.97
C GLU B 91 -32.59 -11.74 -18.61
N ALA B 92 -31.87 -11.98 -17.52
CA ALA B 92 -31.50 -13.31 -17.05
C ALA B 92 -32.60 -13.97 -16.24
N MET B 93 -33.63 -13.25 -15.81
CA MET B 93 -34.84 -13.91 -15.33
C MET B 93 -35.68 -14.45 -16.49
N GLY B 94 -35.38 -14.03 -17.70
CA GLY B 94 -36.13 -14.44 -18.87
C GLY B 94 -37.37 -13.63 -19.20
N VAL B 95 -37.48 -12.38 -18.75
CA VAL B 95 -38.60 -11.56 -19.23
C VAL B 95 -38.49 -11.44 -20.76
N ASP B 96 -39.63 -11.17 -21.38
CA ASP B 96 -39.68 -11.15 -22.84
C ASP B 96 -39.21 -9.82 -23.41
N TYR B 97 -39.55 -8.72 -22.72
CA TYR B 97 -39.02 -7.40 -23.03
C TYR B 97 -38.68 -6.71 -21.73
N ILE B 98 -37.69 -5.83 -21.79
CA ILE B 98 -37.43 -4.86 -20.74
C ILE B 98 -37.85 -3.49 -21.26
N ASP B 99 -38.53 -2.73 -20.40
CA ASP B 99 -38.92 -1.34 -20.66
C ASP B 99 -37.94 -0.43 -19.90
N GLU B 100 -36.96 0.13 -20.62
CA GLU B 100 -36.12 1.18 -20.07
C GLU B 100 -36.98 2.42 -19.87
N SER B 101 -37.59 2.54 -18.70
CA SER B 101 -38.76 3.39 -18.51
C SER B 101 -38.43 4.62 -17.70
N GLU B 102 -38.78 5.78 -18.26
CA GLU B 102 -38.66 7.04 -17.54
C GLU B 102 -39.70 7.17 -16.43
N VAL B 103 -40.72 6.31 -16.40
CA VAL B 103 -41.66 6.30 -15.29
C VAL B 103 -40.96 6.01 -13.98
N LEU B 104 -39.91 5.18 -14.02
CA LEU B 104 -39.09 4.92 -12.85
C LEU B 104 -38.01 5.99 -12.71
N THR B 105 -37.58 6.22 -11.48
CA THR B 105 -36.52 7.18 -11.19
C THR B 105 -35.26 6.85 -11.98
N PRO B 106 -34.78 7.73 -12.85
CA PRO B 106 -33.60 7.41 -13.67
C PRO B 106 -32.37 7.14 -12.82
N ALA B 107 -31.59 6.14 -13.24
CA ALA B 107 -30.32 5.88 -12.56
C ALA B 107 -29.17 6.58 -13.25
N ASP B 108 -29.27 6.77 -14.55
CA ASP B 108 -28.28 7.51 -15.31
C ASP B 108 -29.02 8.62 -16.07
N GLU B 109 -28.73 9.87 -15.72
CA GLU B 109 -29.43 10.99 -16.33
C GLU B 109 -28.81 11.44 -17.64
N GLU B 110 -27.60 11.00 -17.97
CA GLU B 110 -26.98 11.37 -19.24
C GLU B 110 -26.96 10.26 -20.28
N TYR B 111 -26.92 9.00 -19.88
CA TYR B 111 -26.64 7.92 -20.82
C TYR B 111 -27.66 6.83 -20.63
N HIS B 112 -28.21 6.33 -21.75
CA HIS B 112 -29.09 5.18 -21.75
C HIS B 112 -28.28 3.90 -21.95
N LEU B 113 -28.96 2.77 -21.80
CA LEU B 113 -28.29 1.50 -21.99
C LEU B 113 -27.98 1.27 -23.46
N ARG B 114 -26.93 0.50 -23.70
CA ARG B 114 -26.62 0.01 -25.05
C ARG B 114 -27.46 -1.25 -25.25
N LYS B 115 -28.66 -1.07 -25.81
CA LYS B 115 -29.60 -2.17 -25.91
C LYS B 115 -29.20 -3.17 -26.99
N ASP B 116 -28.35 -2.77 -27.93
CA ASP B 116 -27.84 -3.71 -28.92
C ASP B 116 -26.91 -4.74 -28.29
N GLN B 117 -26.35 -4.45 -27.12
CA GLN B 117 -25.46 -5.36 -26.43
C GLN B 117 -26.23 -6.29 -25.49
N PHE B 118 -27.54 -6.39 -25.68
CA PHE B 118 -28.42 -7.27 -24.93
C PHE B 118 -29.07 -8.26 -25.89
N THR B 119 -29.69 -9.31 -25.35
CA THR B 119 -30.42 -10.21 -26.21
C THR B 119 -31.92 -10.14 -25.98
N VAL B 120 -32.36 -9.77 -24.79
CA VAL B 120 -33.78 -9.43 -24.61
C VAL B 120 -34.08 -8.16 -25.41
N PRO B 121 -35.20 -8.09 -26.13
CA PRO B 121 -35.53 -6.85 -26.85
C PRO B 121 -36.06 -5.79 -25.90
N PHE B 122 -35.80 -4.54 -26.24
CA PHE B 122 -36.16 -3.41 -25.38
C PHE B 122 -37.27 -2.54 -25.99
N VAL B 123 -37.98 -1.85 -25.10
CA VAL B 123 -38.92 -0.81 -25.49
C VAL B 123 -38.54 0.48 -24.74
N CYS B 124 -38.51 1.61 -25.47
CA CYS B 124 -38.25 2.92 -24.89
C CYS B 124 -39.37 3.91 -25.23
N GLY B 125 -39.52 4.93 -24.37
CA GLY B 125 -40.41 6.02 -24.67
C GLY B 125 -39.74 7.12 -25.49
N CYS B 126 -40.55 7.89 -26.20
CA CYS B 126 -40.07 9.03 -26.95
C CYS B 126 -41.19 10.06 -27.07
N ARG B 127 -40.84 11.26 -27.56
CA ARG B 127 -41.78 12.37 -27.74
C ARG B 127 -41.61 13.07 -29.09
N ASN B 128 -40.62 12.67 -29.88
CA ASN B 128 -40.34 13.28 -31.18
C ASN B 128 -39.38 12.37 -31.93
N LEU B 129 -39.19 12.67 -33.22
CA LEU B 129 -38.36 11.81 -34.06
C LEU B 129 -36.92 11.76 -33.58
N GLY B 130 -36.45 12.85 -32.98
CA GLY B 130 -35.14 12.88 -32.31
C GLY B 130 -34.97 11.81 -31.26
N GLU B 131 -35.78 11.85 -30.18
CA GLU B 131 -35.66 10.81 -29.16
C GLU B 131 -35.91 9.42 -29.72
N ALA B 132 -36.76 9.30 -30.73
CA ALA B 132 -37.04 8.00 -31.33
C ALA B 132 -35.81 7.44 -32.01
N ALA B 133 -35.12 8.26 -32.81
CA ALA B 133 -34.00 7.75 -33.57
C ALA B 133 -32.86 7.39 -32.64
N ARG B 134 -32.63 8.21 -31.61
CA ARG B 134 -31.59 7.89 -30.65
C ARG B 134 -31.89 6.57 -29.93
N ARG B 135 -33.16 6.32 -29.58
CA ARG B 135 -33.46 5.06 -28.92
C ARG B 135 -33.31 3.88 -29.87
N ILE B 136 -33.74 4.04 -31.12
CA ILE B 136 -33.50 3.01 -32.13
C ILE B 136 -32.00 2.79 -32.31
N GLY B 137 -31.24 3.89 -32.39
CA GLY B 137 -29.81 3.79 -32.58
C GLY B 137 -29.11 3.01 -31.49
N GLU B 138 -29.64 3.08 -30.26
CA GLU B 138 -29.14 2.31 -29.15
C GLU B 138 -29.62 0.86 -29.17
N GLY B 139 -30.63 0.53 -29.99
CA GLY B 139 -31.10 -0.81 -30.12
C GLY B 139 -32.45 -1.12 -29.54
N ALA B 140 -33.25 -0.11 -29.22
CA ALA B 140 -34.63 -0.36 -28.90
C ALA B 140 -35.27 -1.16 -30.03
N ALA B 141 -36.13 -2.11 -29.68
CA ALA B 141 -36.85 -2.87 -30.68
C ALA B 141 -38.28 -2.39 -30.83
N MET B 142 -38.75 -1.56 -29.91
CA MET B 142 -40.12 -1.11 -29.94
C MET B 142 -40.19 0.20 -29.15
N LEU B 143 -41.03 1.12 -29.62
CA LEU B 143 -41.16 2.45 -29.04
C LEU B 143 -42.56 2.63 -28.46
N ARG B 144 -42.68 3.58 -27.54
CA ARG B 144 -43.96 4.05 -27.03
C ARG B 144 -43.87 5.55 -26.79
N THR B 145 -45.01 6.23 -26.89
CA THR B 145 -45.03 7.64 -26.51
C THR B 145 -44.78 7.76 -25.02
N LYS B 146 -44.07 8.83 -24.62
CA LYS B 146 -43.85 9.07 -23.20
C LYS B 146 -45.17 9.42 -22.51
N GLY B 147 -46.04 10.19 -23.18
CA GLY B 147 -47.33 10.57 -22.65
C GLY B 147 -47.19 11.27 -21.31
N GLU B 148 -48.24 11.20 -20.50
CA GLU B 148 -48.20 11.69 -19.12
C GLU B 148 -48.79 10.64 -18.19
N PRO B 149 -48.01 9.60 -17.85
CA PRO B 149 -48.56 8.46 -17.11
C PRO B 149 -49.17 8.84 -15.77
N GLY B 150 -50.26 8.13 -15.44
CA GLY B 150 -50.93 8.27 -14.18
C GLY B 150 -51.91 9.41 -14.07
N THR B 151 -52.17 10.14 -15.16
CA THR B 151 -53.01 11.32 -15.14
C THR B 151 -54.39 11.08 -15.77
N GLY B 152 -54.60 9.92 -16.39
CA GLY B 152 -55.84 9.65 -17.09
C GLY B 152 -56.11 10.60 -18.22
N ASN B 153 -55.14 11.47 -18.51
CA ASN B 153 -55.30 12.50 -19.52
C ASN B 153 -54.47 12.17 -20.74
N ILE B 154 -55.13 12.19 -21.90
CA ILE B 154 -54.57 11.65 -23.13
C ILE B 154 -53.75 12.67 -23.91
N VAL B 155 -53.84 13.96 -23.57
CA VAL B 155 -53.38 14.99 -24.49
C VAL B 155 -51.89 14.84 -24.82
N GLU B 156 -51.07 14.47 -23.83
CA GLU B 156 -49.64 14.37 -24.11
C GLU B 156 -49.34 13.24 -25.08
N ALA B 157 -49.94 12.06 -24.87
CA ALA B 157 -49.79 10.97 -25.84
C ALA B 157 -50.21 11.39 -27.25
N VAL B 158 -51.30 12.16 -27.36
CA VAL B 158 -51.72 12.69 -28.66
C VAL B 158 -50.62 13.55 -29.25
N ARG B 159 -50.06 14.45 -28.44
CA ARG B 159 -49.02 15.34 -28.96
C ARG B 159 -47.81 14.55 -29.42
N HIS B 160 -47.39 13.58 -28.61
CA HIS B 160 -46.20 12.79 -28.93
C HIS B 160 -46.41 11.96 -30.18
N MET B 161 -47.53 11.22 -30.26
CA MET B 161 -47.87 10.46 -31.47
C MET B 161 -47.89 11.37 -32.69
N ARG B 162 -48.61 12.50 -32.61
CA ARG B 162 -48.71 13.40 -33.76
C ARG B 162 -47.34 13.92 -34.14
N GLN B 163 -46.50 14.13 -33.14
CA GLN B 163 -45.21 14.79 -33.35
C GLN B 163 -44.26 13.84 -34.05
N VAL B 164 -44.18 12.60 -33.56
CA VAL B 164 -43.41 11.55 -34.20
C VAL B 164 -43.87 11.32 -35.62
N ASN B 165 -45.19 11.24 -35.82
CA ASN B 165 -45.69 10.86 -37.15
C ASN B 165 -45.46 11.97 -38.16
N SER B 166 -45.65 13.21 -37.76
CA SER B 166 -45.37 14.32 -38.67
C SER B 166 -43.92 14.31 -39.14
N GLU B 167 -42.97 14.16 -38.20
CA GLU B 167 -41.59 14.27 -38.63
C GLU B 167 -41.15 13.04 -39.41
N VAL B 168 -41.76 11.88 -39.13
CA VAL B 168 -41.53 10.72 -39.98
C VAL B 168 -42.03 11.00 -41.39
N SER B 169 -43.28 11.49 -41.50
CA SER B 169 -43.85 11.81 -42.80
C SER B 169 -42.98 12.82 -43.54
N ARG B 170 -42.61 13.90 -42.86
CA ARG B 170 -41.72 14.87 -43.46
CA ARG B 170 -41.71 14.88 -43.45
C ARG B 170 -40.46 14.20 -44.00
N LEU B 171 -39.97 13.19 -43.28
CA LEU B 171 -38.74 12.51 -43.66
C LEU B 171 -38.94 11.57 -44.83
N THR B 172 -40.09 10.86 -44.92
CA THR B 172 -40.26 9.93 -46.03
C THR B 172 -40.23 10.62 -47.39
N VAL B 173 -40.52 11.92 -47.44
CA VAL B 173 -40.46 12.70 -48.68
C VAL B 173 -39.39 13.77 -48.65
N MET B 174 -38.56 13.83 -47.61
CA MET B 174 -37.52 14.83 -47.52
C MET B 174 -36.42 14.56 -48.53
N ASN B 175 -35.88 15.63 -49.10
CA ASN B 175 -34.74 15.54 -50.00
C ASN B 175 -33.60 14.72 -49.41
N ASP B 176 -32.83 14.09 -50.30
CA ASP B 176 -31.69 13.30 -49.82
C ASP B 176 -30.60 14.19 -49.24
N ASP B 177 -30.31 15.30 -49.90
CA ASP B 177 -29.21 16.16 -49.49
C ASP B 177 -29.61 17.09 -48.34
N GLU B 178 -30.73 16.83 -47.68
CA GLU B 178 -31.15 17.63 -46.53
C GLU B 178 -31.23 16.83 -45.25
N ILE B 179 -31.03 15.51 -45.33
CA ILE B 179 -31.33 14.68 -44.18
C ILE B 179 -30.26 14.84 -43.13
N MET B 180 -29.02 15.14 -43.54
CA MET B 180 -27.97 15.40 -42.57
C MET B 180 -28.28 16.63 -41.73
N THR B 181 -28.66 17.75 -42.37
CA THR B 181 -28.94 18.94 -41.56
C THR B 181 -30.16 18.72 -40.69
N PHE B 182 -31.19 18.07 -41.23
CA PHE B 182 -32.32 17.59 -40.42
C PHE B 182 -31.81 16.80 -39.22
N ALA B 183 -31.02 15.75 -39.47
CA ALA B 183 -30.52 14.92 -38.39
C ALA B 183 -29.80 15.76 -37.34
N LYS B 184 -28.94 16.69 -37.78
CA LYS B 184 -28.26 17.53 -36.81
C LYS B 184 -29.27 18.34 -36.00
N ASP B 185 -30.25 18.95 -36.69
CA ASP B 185 -31.16 19.87 -36.02
C ASP B 185 -32.02 19.17 -34.98
N ILE B 186 -32.35 17.88 -35.18
CA ILE B 186 -33.22 17.18 -34.23
C ILE B 186 -32.44 16.26 -33.31
N GLY B 187 -31.12 16.20 -33.45
CA GLY B 187 -30.35 15.29 -32.61
C GLY B 187 -30.46 13.83 -32.95
N ALA B 188 -30.59 13.48 -34.26
CA ALA B 188 -30.82 12.10 -34.64
C ALA B 188 -29.62 11.46 -35.34
N PRO B 189 -29.35 10.18 -35.08
CA PRO B 189 -28.40 9.42 -35.91
C PRO B 189 -28.81 9.46 -37.38
N TYR B 190 -27.91 10.01 -38.21
CA TYR B 190 -28.20 10.25 -39.61
C TYR B 190 -28.55 8.96 -40.35
N GLU B 191 -27.79 7.91 -40.07
CA GLU B 191 -28.03 6.56 -40.56
C GLU B 191 -29.44 6.08 -40.29
N ILE B 192 -29.98 6.34 -39.10
CA ILE B 192 -31.33 5.88 -38.79
C ILE B 192 -32.36 6.63 -39.65
N LEU B 193 -32.16 7.94 -39.84
CA LEU B 193 -33.13 8.68 -40.63
C LEU B 193 -33.13 8.24 -42.08
N LYS B 194 -31.98 7.87 -42.64
CA LYS B 194 -31.99 7.34 -43.98
C LYS B 194 -32.71 6.00 -44.05
N GLN B 195 -32.65 5.19 -42.99
CA GLN B 195 -33.41 3.94 -43.00
C GLN B 195 -34.88 4.21 -42.89
N ILE B 196 -35.28 5.11 -41.99
CA ILE B 196 -36.69 5.44 -41.85
C ILE B 196 -37.25 5.87 -43.19
N LYS B 197 -36.52 6.73 -43.92
CA LYS B 197 -36.96 7.12 -45.25
C LYS B 197 -37.13 5.91 -46.16
N ASP B 198 -36.12 5.02 -46.20
CA ASP B 198 -36.23 3.87 -47.10
C ASP B 198 -37.34 2.93 -46.68
N ASN B 199 -37.55 2.76 -45.37
CA ASN B 199 -38.64 1.94 -44.89
C ASN B 199 -40.00 2.57 -45.09
N GLY B 200 -40.08 3.88 -45.37
CA GLY B 200 -41.35 4.58 -45.45
C GLY B 200 -42.10 4.74 -44.14
N ARG B 201 -41.64 4.09 -43.08
CA ARG B 201 -42.16 4.31 -41.74
C ARG B 201 -41.06 3.92 -40.76
N LEU B 202 -41.35 4.11 -39.47
CA LEU B 202 -40.41 3.69 -38.43
C LEU B 202 -40.15 2.20 -38.56
N PRO B 203 -38.89 1.76 -38.46
CA PRO B 203 -38.59 0.34 -38.60
C PRO B 203 -38.97 -0.49 -37.39
N VAL B 204 -39.56 0.13 -36.36
CA VAL B 204 -40.06 -0.55 -35.17
C VAL B 204 -41.47 -0.03 -34.94
N VAL B 205 -42.23 -0.74 -34.10
CA VAL B 205 -43.60 -0.36 -33.84
C VAL B 205 -43.63 0.62 -32.68
N ASN B 206 -44.54 1.58 -32.77
CA ASN B 206 -44.66 2.69 -31.84
C ASN B 206 -46.04 2.62 -31.18
N PHE B 207 -46.08 2.24 -29.90
CA PHE B 207 -47.32 2.12 -29.15
C PHE B 207 -47.61 3.43 -28.44
N ALA B 208 -48.90 3.68 -28.21
CA ALA B 208 -49.31 4.83 -27.42
C ALA B 208 -49.33 4.41 -25.95
N ALA B 209 -48.78 5.27 -25.10
CA ALA B 209 -48.71 5.01 -23.68
C ALA B 209 -48.90 6.32 -22.91
N GLY B 210 -49.62 6.24 -21.79
CA GLY B 210 -49.73 7.36 -20.88
C GLY B 210 -51.04 8.11 -20.98
N GLY B 211 -51.99 7.75 -20.11
CA GLY B 211 -53.22 8.50 -19.96
C GLY B 211 -54.46 7.83 -20.51
N VAL B 212 -54.33 6.75 -21.29
CA VAL B 212 -55.51 6.05 -21.80
C VAL B 212 -56.40 5.64 -20.64
N ALA B 213 -57.57 6.29 -20.55
CA ALA B 213 -58.50 6.10 -19.45
C ALA B 213 -59.82 5.49 -19.86
N THR B 214 -60.21 5.58 -21.13
CA THR B 214 -61.51 5.12 -21.61
C THR B 214 -61.38 4.34 -22.91
N PRO B 215 -62.37 3.49 -23.23
CA PRO B 215 -62.41 2.88 -24.57
C PRO B 215 -62.23 3.88 -25.69
N GLN B 216 -62.83 5.07 -25.57
CA GLN B 216 -62.66 6.09 -26.59
C GLN B 216 -61.20 6.51 -26.72
N ASP B 217 -60.47 6.59 -25.60
CA ASP B 217 -59.06 6.97 -25.64
C ASP B 217 -58.24 5.96 -26.43
N ALA B 218 -58.42 4.67 -26.13
CA ALA B 218 -57.65 3.64 -26.84
C ALA B 218 -57.96 3.66 -28.33
N ALA B 219 -59.22 3.89 -28.68
CA ALA B 219 -59.60 4.01 -30.09
C ALA B 219 -58.97 5.24 -30.73
N LEU B 220 -58.94 6.36 -30.01
CA LEU B 220 -58.35 7.59 -30.55
C LEU B 220 -56.89 7.38 -30.90
N MET B 221 -56.11 6.80 -29.97
CA MET B 221 -54.69 6.58 -30.22
C MET B 221 -54.49 5.72 -31.47
N MET B 222 -55.39 4.76 -31.71
CA MET B 222 -55.23 3.93 -32.89
C MET B 222 -55.62 4.69 -34.16
N GLU B 223 -56.75 5.39 -34.11
CA GLU B 223 -57.07 6.36 -35.14
C GLU B 223 -55.87 7.24 -35.48
N LEU B 224 -55.08 7.61 -34.47
CA LEU B 224 -54.01 8.59 -34.65
C LEU B 224 -52.73 8.00 -35.23
N GLY B 225 -52.65 6.68 -35.41
CA GLY B 225 -51.54 6.07 -36.13
C GLY B 225 -50.73 5.11 -35.30
N ALA B 226 -51.06 4.92 -34.03
CA ALA B 226 -50.26 4.06 -33.17
C ALA B 226 -50.34 2.63 -33.66
N ASP B 227 -49.38 1.83 -33.23
CA ASP B 227 -49.39 0.40 -33.50
C ASP B 227 -50.00 -0.39 -32.36
N GLY B 228 -50.50 0.28 -31.34
CA GLY B 228 -51.00 -0.43 -30.18
C GLY B 228 -51.11 0.51 -28.99
N VAL B 229 -51.59 -0.05 -27.88
CA VAL B 229 -51.90 0.75 -26.70
C VAL B 229 -51.28 0.11 -25.47
N PHE B 230 -50.64 0.92 -24.63
CA PHE B 230 -50.31 0.55 -23.25
C PHE B 230 -51.35 1.18 -22.32
N VAL B 231 -51.82 0.40 -21.34
CA VAL B 231 -52.75 0.90 -20.34
C VAL B 231 -52.32 0.34 -18.99
N GLY B 232 -52.42 1.18 -17.96
CA GLY B 232 -52.14 0.72 -16.62
C GLY B 232 -53.17 1.20 -15.63
N SER B 233 -53.17 2.52 -15.39
CA SER B 233 -53.98 3.09 -14.32
C SER B 233 -55.46 3.01 -14.65
N GLY B 234 -55.84 3.45 -15.86
CA GLY B 234 -57.26 3.57 -16.20
C GLY B 234 -58.06 2.29 -16.07
N ILE B 235 -57.40 1.13 -15.95
CA ILE B 235 -58.08 -0.16 -15.83
C ILE B 235 -58.35 -0.49 -14.37
N PHE B 236 -57.31 -0.60 -13.56
CA PHE B 236 -57.51 -1.12 -12.22
C PHE B 236 -57.91 -0.04 -11.23
N LYS B 237 -57.65 1.23 -11.54
CA LYS B 237 -58.18 2.33 -10.74
C LYS B 237 -59.50 2.84 -11.29
N SER B 238 -60.44 1.91 -11.50
CA SER B 238 -61.79 2.23 -11.92
C SER B 238 -62.72 1.16 -11.36
N GLU B 239 -64.02 1.35 -11.56
CA GLU B 239 -65.00 0.37 -11.15
C GLU B 239 -65.00 -0.81 -12.11
N ASP B 240 -65.00 -2.03 -11.57
CA ASP B 240 -64.87 -3.26 -12.35
C ASP B 240 -63.74 -3.12 -13.38
N PRO B 241 -62.47 -3.23 -12.95
CA PRO B 241 -61.38 -3.31 -13.93
C PRO B 241 -61.54 -4.38 -15.00
N GLU B 242 -62.18 -5.51 -14.68
CA GLU B 242 -62.25 -6.58 -15.68
C GLU B 242 -63.05 -6.16 -16.90
N LYS B 243 -64.19 -5.47 -16.71
CA LYS B 243 -64.90 -4.94 -17.88
C LYS B 243 -64.12 -3.84 -18.56
N PHE B 244 -63.48 -2.97 -17.77
CA PHE B 244 -62.65 -1.90 -18.32
C PHE B 244 -61.55 -2.46 -19.21
N ALA B 245 -60.99 -3.61 -18.85
CA ALA B 245 -59.99 -4.26 -19.68
C ALA B 245 -60.62 -4.75 -20.99
N LYS B 246 -61.65 -5.60 -20.89
CA LYS B 246 -62.28 -6.11 -22.10
C LYS B 246 -62.77 -4.97 -22.98
N ALA B 247 -63.36 -3.94 -22.37
CA ALA B 247 -63.80 -2.78 -23.13
C ALA B 247 -62.64 -2.17 -23.91
N ILE B 248 -61.49 -1.99 -23.25
CA ILE B 248 -60.40 -1.30 -23.91
C ILE B 248 -59.79 -2.17 -24.99
N VAL B 249 -59.66 -3.47 -24.71
CA VAL B 249 -59.10 -4.41 -25.68
C VAL B 249 -59.93 -4.43 -26.95
N GLN B 250 -61.26 -4.55 -26.81
CA GLN B 250 -62.14 -4.56 -27.97
C GLN B 250 -62.10 -3.24 -28.71
N ALA B 251 -62.22 -2.12 -27.97
CA ALA B 251 -62.11 -0.79 -28.55
C ALA B 251 -60.82 -0.62 -29.34
N THR B 252 -59.71 -1.20 -28.85
CA THR B 252 -58.44 -0.99 -29.57
C THR B 252 -58.41 -1.74 -30.90
N THR B 253 -58.87 -2.99 -30.94
CA THR B 253 -58.86 -3.70 -32.23
C THR B 253 -59.95 -3.21 -33.19
N HIS B 254 -61.10 -2.78 -32.67
CA HIS B 254 -62.15 -2.27 -33.53
C HIS B 254 -62.35 -0.77 -33.34
N TYR B 255 -61.28 0.00 -33.55
CA TYR B 255 -61.28 1.42 -33.20
C TYR B 255 -62.11 2.30 -34.13
N GLN B 256 -62.66 1.76 -35.22
CA GLN B 256 -63.53 2.54 -36.09
C GLN B 256 -64.97 2.04 -36.04
N ASP B 257 -65.25 1.04 -35.21
CA ASP B 257 -66.61 0.57 -34.96
C ASP B 257 -67.16 1.44 -33.84
N TYR B 258 -67.64 2.61 -34.24
CA TYR B 258 -68.00 3.62 -33.26
C TYR B 258 -69.25 3.24 -32.48
N GLU B 259 -70.24 2.61 -33.14
CA GLU B 259 -71.42 2.12 -32.44
C GLU B 259 -71.04 1.08 -31.39
N LEU B 260 -70.10 0.19 -31.71
CA LEU B 260 -69.58 -0.75 -30.71
C LEU B 260 -68.94 -0.01 -29.55
N ILE B 261 -68.11 0.99 -29.84
CA ILE B 261 -67.41 1.68 -28.76
C ILE B 261 -68.40 2.36 -27.83
N GLY B 262 -69.44 3.00 -28.40
CA GLY B 262 -70.45 3.63 -27.57
C GLY B 262 -71.20 2.62 -26.72
N ARG B 263 -71.64 1.52 -27.36
CA ARG B 263 -72.07 0.31 -26.66
C ARG B 263 -71.09 -0.02 -25.53
N LEU B 264 -69.84 -0.30 -25.92
CA LEU B 264 -68.82 -0.71 -24.97
C LEU B 264 -68.68 0.30 -23.84
N ALA B 265 -68.70 1.59 -24.17
CA ALA B 265 -68.63 2.63 -23.15
C ALA B 265 -69.93 2.60 -22.33
N SER B 266 -69.93 1.73 -21.32
CA SER B 266 -71.10 1.57 -20.47
C SER B 266 -70.67 0.95 -19.15
N GLU B 267 -69.85 1.72 -18.40
CA GLU B 267 -69.31 1.40 -17.09
C GLU B 267 -69.52 2.57 -16.15
N LEU B 268 -68.57 2.80 -15.23
CA LEU B 268 -68.67 3.93 -14.31
C LEU B 268 -67.37 4.72 -14.21
N GLY B 269 -67.07 5.27 -13.03
CA GLY B 269 -65.94 6.18 -12.82
C GLY B 269 -64.60 5.70 -13.35
N THR B 270 -63.63 6.62 -13.51
CA THR B 270 -62.36 6.31 -14.16
C THR B 270 -61.20 7.05 -13.48
N ALA B 271 -59.98 6.80 -13.97
CA ALA B 271 -58.75 7.41 -13.46
C ALA B 271 -58.85 8.94 -13.44
N MET B 272 -58.04 9.60 -12.60
CA MET B 272 -58.10 11.04 -12.31
C MET B 272 -59.49 11.65 -12.50
N ILE C 1 -0.17 -4.32 11.29
CA ILE C 1 -0.26 -5.33 10.24
C ILE C 1 -0.51 -4.68 8.90
N GLY C 2 -1.14 -3.51 8.89
CA GLY C 2 -1.52 -2.85 7.64
C GLY C 2 -0.34 -2.43 6.77
N SER C 3 0.54 -1.59 7.33
CA SER C 3 1.69 -1.13 6.56
C SER C 3 2.72 -2.24 6.29
N ASP C 4 2.78 -3.26 7.17
CA ASP C 4 3.68 -4.39 6.94
C ASP C 4 3.33 -5.10 5.62
N ARG C 5 2.04 -5.46 5.46
CA ARG C 5 1.54 -6.02 4.21
C ARG C 5 2.00 -5.19 3.01
N VAL C 6 1.92 -3.88 3.12
CA VAL C 6 2.28 -3.04 1.99
C VAL C 6 3.78 -3.16 1.71
N LYS C 7 4.61 -2.94 2.72
CA LYS C 7 6.05 -3.09 2.58
C LYS C 7 6.42 -4.47 2.00
N ARG C 8 5.83 -5.53 2.55
CA ARG C 8 6.17 -6.88 2.08
C ARG C 8 5.72 -7.09 0.64
N GLY C 9 4.53 -6.60 0.28
CA GLY C 9 4.11 -6.64 -1.10
C GLY C 9 5.12 -6.04 -2.04
N MET C 10 5.77 -4.95 -1.64
CA MET C 10 6.70 -4.29 -2.55
C MET C 10 7.95 -5.12 -2.78
N ALA C 11 8.41 -5.79 -1.73
CA ALA C 11 9.56 -6.67 -1.87
C ALA C 11 9.21 -7.88 -2.73
N GLU C 12 7.98 -8.38 -2.60
CA GLU C 12 7.54 -9.47 -3.46
C GLU C 12 7.67 -9.15 -4.93
N MET C 13 7.57 -7.87 -5.30
CA MET C 13 7.63 -7.51 -6.71
C MET C 13 8.95 -7.95 -7.34
N GLN C 14 10.02 -8.10 -6.57
CA GLN C 14 11.29 -8.56 -7.09
C GLN C 14 11.46 -10.09 -7.06
N LYS C 15 10.44 -10.85 -6.61
CA LYS C 15 10.56 -12.30 -6.49
C LYS C 15 10.93 -12.92 -7.83
N GLY C 16 11.90 -13.82 -7.83
CA GLY C 16 12.31 -14.49 -9.04
C GLY C 16 13.48 -13.87 -9.77
N GLY C 17 14.08 -12.79 -9.23
CA GLY C 17 15.07 -12.03 -9.97
C GLY C 17 16.41 -11.86 -9.26
N VAL C 18 17.28 -11.08 -9.91
CA VAL C 18 18.67 -10.92 -9.52
C VAL C 18 18.90 -9.46 -9.13
N ILE C 19 19.37 -9.24 -7.92
CA ILE C 19 19.75 -7.91 -7.43
C ILE C 19 21.26 -7.85 -7.41
N MET C 20 21.82 -6.72 -7.85
CA MET C 20 23.24 -6.67 -8.16
C MET C 20 23.92 -5.52 -7.42
N ASP C 21 24.99 -5.84 -6.69
CA ASP C 21 25.86 -4.81 -6.12
C ASP C 21 26.54 -4.03 -7.25
N VAL C 22 26.33 -2.70 -7.28
CA VAL C 22 26.97 -1.81 -8.24
C VAL C 22 27.58 -0.63 -7.50
N VAL C 23 28.69 -0.09 -8.02
CA VAL C 23 29.40 0.97 -7.32
C VAL C 23 29.43 2.28 -8.11
N ASN C 24 28.71 2.38 -9.23
CA ASN C 24 28.57 3.64 -9.94
C ASN C 24 27.53 3.49 -11.04
N ALA C 25 27.27 4.60 -11.74
CA ALA C 25 26.24 4.61 -12.78
C ALA C 25 26.54 3.61 -13.87
N GLU C 26 27.79 3.59 -14.36
CA GLU C 26 28.13 2.66 -15.45
C GLU C 26 27.74 1.24 -15.07
N GLN C 27 28.05 0.85 -13.83
CA GLN C 27 27.67 -0.49 -13.40
C GLN C 27 26.16 -0.63 -13.26
N ALA C 28 25.50 0.40 -12.70
CA ALA C 28 24.06 0.35 -12.55
C ALA C 28 23.38 0.11 -13.89
N ARG C 29 23.86 0.75 -14.95
CA ARG C 29 23.26 0.55 -16.26
C ARG C 29 23.44 -0.89 -16.72
N ILE C 30 24.68 -1.41 -16.60
CA ILE C 30 24.96 -2.79 -16.99
C ILE C 30 24.01 -3.74 -16.30
N ALA C 31 23.88 -3.60 -14.97
CA ALA C 31 22.94 -4.42 -14.22
C ALA C 31 21.54 -4.32 -14.79
N GLU C 32 21.03 -3.09 -14.97
CA GLU C 32 19.66 -2.90 -15.46
C GLU C 32 19.47 -3.47 -16.86
N GLU C 33 20.41 -3.19 -17.77
CA GLU C 33 20.36 -3.67 -19.14
C GLU C 33 20.66 -5.17 -19.25
N ALA C 34 21.20 -5.80 -18.20
CA ALA C 34 21.38 -7.24 -18.18
C ALA C 34 20.16 -8.01 -17.69
N GLY C 35 19.18 -7.31 -17.11
CA GLY C 35 17.97 -7.93 -16.61
C GLY C 35 17.75 -7.84 -15.11
N ALA C 36 18.53 -7.04 -14.40
CA ALA C 36 18.43 -6.98 -12.94
C ALA C 36 17.05 -6.47 -12.54
N VAL C 37 16.55 -6.95 -11.39
CA VAL C 37 15.27 -6.45 -10.92
C VAL C 37 15.45 -5.26 -9.96
N ALA C 38 16.55 -5.24 -9.21
CA ALA C 38 16.95 -4.10 -8.39
C ALA C 38 18.45 -3.93 -8.52
N VAL C 39 18.99 -2.88 -7.90
CA VAL C 39 20.44 -2.76 -7.71
C VAL C 39 20.70 -2.34 -6.28
N MET C 40 21.90 -2.65 -5.82
CA MET C 40 22.38 -2.32 -4.48
C MET C 40 23.55 -1.37 -4.63
N ALA C 41 23.45 -0.20 -4.01
CA ALA C 41 24.52 0.78 -4.08
C ALA C 41 25.43 0.61 -2.87
N LEU C 42 26.73 0.48 -3.13
CA LEU C 42 27.72 0.38 -2.06
C LEU C 42 29.04 1.01 -2.51
N GLU C 43 29.92 1.26 -1.54
CA GLU C 43 31.23 1.87 -1.81
C GLU C 43 32.19 0.86 -2.43
N ARG C 44 32.32 -0.32 -1.81
CA ARG C 44 33.10 -1.45 -2.29
C ARG C 44 32.22 -2.69 -2.29
N VAL C 45 32.41 -3.55 -3.29
CA VAL C 45 31.71 -4.83 -3.39
C VAL C 45 32.27 -5.71 -2.27
N PRO C 46 31.50 -6.73 -1.79
CA PRO C 46 31.96 -7.49 -0.60
C PRO C 46 33.38 -8.06 -0.68
N SER C 47 33.82 -8.57 -1.84
CA SER C 47 35.17 -9.11 -1.96
C SER C 47 36.23 -8.07 -1.61
N ASP C 48 36.01 -6.82 -2.03
CA ASP C 48 36.95 -5.74 -1.72
C ASP C 48 36.78 -5.25 -0.28
N ILE C 49 35.54 -5.21 0.21
CA ILE C 49 35.30 -4.85 1.61
C ILE C 49 36.12 -5.73 2.54
N ARG C 50 36.05 -7.04 2.35
CA ARG C 50 36.89 -7.97 3.10
C ARG C 50 38.36 -7.72 2.82
N ALA C 51 38.69 -7.38 1.56
CA ALA C 51 40.09 -7.27 1.14
C ALA C 51 40.81 -6.16 1.91
N ALA C 52 40.29 -4.93 1.85
CA ALA C 52 41.00 -3.82 2.47
C ALA C 52 40.70 -3.67 3.96
N GLY C 53 39.60 -4.23 4.45
CA GLY C 53 39.28 -4.13 5.86
C GLY C 53 38.87 -2.73 6.26
N GLY C 54 39.33 -2.25 7.42
CA GLY C 54 38.91 -0.96 7.90
C GLY C 54 37.50 -1.00 8.46
N VAL C 55 36.92 0.17 8.64
CA VAL C 55 35.50 0.26 8.97
C VAL C 55 34.72 0.45 7.68
N ALA C 56 33.73 -0.41 7.47
CA ALA C 56 32.84 -0.28 6.33
C ALA C 56 31.59 0.48 6.79
N ARG C 57 31.49 1.74 6.39
CA ARG C 57 30.32 2.53 6.69
C ARG C 57 29.38 2.56 5.49
N MET C 58 28.27 3.26 5.65
CA MET C 58 27.38 3.52 4.51
C MET C 58 28.14 4.24 3.40
N ALA C 59 27.65 4.08 2.17
CA ALA C 59 28.22 4.81 1.05
C ALA C 59 27.93 6.31 1.16
N ASN C 60 28.86 7.10 0.67
CA ASN C 60 28.63 8.53 0.57
C ASN C 60 27.38 8.77 -0.26
N PRO C 61 26.44 9.61 0.19
CA PRO C 61 25.19 9.84 -0.56
C PRO C 61 25.37 10.15 -2.03
N LYS C 62 26.40 10.92 -2.40
CA LYS C 62 26.68 11.21 -3.79
C LYS C 62 26.59 9.95 -4.66
N ILE C 63 27.24 8.89 -4.22
CA ILE C 63 27.33 7.66 -4.99
C ILE C 63 25.99 6.93 -5.03
N VAL C 64 25.14 7.13 -4.02
CA VAL C 64 23.82 6.52 -4.09
C VAL C 64 22.92 7.27 -5.05
N GLU C 65 22.92 8.61 -4.98
CA GLU C 65 22.05 9.33 -5.91
C GLU C 65 22.57 9.22 -7.34
N GLU C 66 23.89 9.09 -7.52
CA GLU C 66 24.41 8.79 -8.84
C GLU C 66 23.83 7.49 -9.39
N VAL C 67 23.71 6.47 -8.53
CA VAL C 67 23.14 5.19 -8.96
C VAL C 67 21.63 5.32 -9.18
N MET C 68 20.92 5.94 -8.23
CA MET C 68 19.47 6.11 -8.39
C MET C 68 19.13 6.83 -9.69
N ASN C 69 20.02 7.71 -10.15
CA ASN C 69 19.73 8.50 -11.32
C ASN C 69 20.14 7.83 -12.63
N ALA C 70 20.66 6.61 -12.56
CA ALA C 70 21.11 5.91 -13.76
C ALA C 70 20.21 4.76 -14.16
N VAL C 71 19.18 4.44 -13.36
CA VAL C 71 18.31 3.30 -13.62
C VAL C 71 16.91 3.61 -13.11
N SER C 72 15.93 2.90 -13.66
CA SER C 72 14.55 3.01 -13.22
C SER C 72 14.05 1.79 -12.47
N ILE C 73 14.88 0.76 -12.31
CA ILE C 73 14.60 -0.35 -11.39
C ILE C 73 14.85 0.18 -9.98
N PRO C 74 14.24 -0.40 -8.94
CA PRO C 74 14.42 0.15 -7.59
C PRO C 74 15.89 0.11 -7.17
N VAL C 75 16.23 0.96 -6.19
CA VAL C 75 17.61 1.09 -5.74
C VAL C 75 17.68 0.86 -4.23
N MET C 76 18.58 -0.04 -3.83
CA MET C 76 18.84 -0.43 -2.45
C MET C 76 20.18 0.15 -2.00
N ALA C 77 20.26 0.54 -0.73
CA ALA C 77 21.53 0.93 -0.13
C ALA C 77 21.70 0.27 1.22
N LYS C 78 22.96 0.19 1.66
CA LYS C 78 23.32 -0.52 2.89
C LYS C 78 23.53 0.46 4.04
N ALA C 79 23.18 0.01 5.27
CA ALA C 79 23.43 0.74 6.52
C ALA C 79 24.05 -0.21 7.54
N ARG C 80 25.01 0.30 8.31
CA ARG C 80 25.59 -0.50 9.38
C ARG C 80 24.50 -0.91 10.36
N ILE C 81 24.61 -2.14 10.89
CA ILE C 81 23.60 -2.63 11.81
C ILE C 81 23.43 -1.65 12.97
N GLY C 82 22.19 -1.32 13.30
CA GLY C 82 21.90 -0.47 14.44
C GLY C 82 22.28 0.98 14.27
N HIS C 83 22.61 1.43 13.06
CA HIS C 83 23.02 2.82 12.84
C HIS C 83 21.80 3.65 12.44
N ILE C 84 21.12 4.18 13.45
CA ILE C 84 19.84 4.87 13.25
C ILE C 84 19.99 5.99 12.22
N THR C 85 20.99 6.87 12.40
CA THR C 85 21.10 7.99 11.46
C THR C 85 21.52 7.53 10.07
N GLU C 86 22.28 6.44 9.97
CA GLU C 86 22.64 5.95 8.64
C GLU C 86 21.40 5.49 7.87
N ALA C 87 20.51 4.73 8.52
CA ALA C 87 19.26 4.34 7.87
C ALA C 87 18.38 5.56 7.59
N ARG C 88 18.23 6.47 8.57
CA ARG C 88 17.37 7.63 8.37
C ARG C 88 17.87 8.50 7.23
N VAL C 89 19.19 8.75 7.19
CA VAL C 89 19.75 9.49 6.05
C VAL C 89 19.42 8.78 4.73
N LEU C 90 19.56 7.45 4.70
CA LEU C 90 19.20 6.71 3.50
C LEU C 90 17.71 6.82 3.20
N GLU C 91 16.89 6.73 4.25
CA GLU C 91 15.45 6.84 4.05
C GLU C 91 15.09 8.21 3.50
N ALA C 92 15.71 9.27 4.04
CA ALA C 92 15.44 10.62 3.56
C ALA C 92 15.88 10.82 2.12
N MET C 93 16.91 10.11 1.66
CA MET C 93 17.32 10.24 0.27
C MET C 93 16.29 9.70 -0.71
N GLY C 94 15.40 8.82 -0.25
CA GLY C 94 14.45 8.23 -1.15
C GLY C 94 14.91 6.95 -1.82
N VAL C 95 15.84 6.22 -1.21
CA VAL C 95 16.13 4.87 -1.70
C VAL C 95 14.91 3.99 -1.47
N ASP C 96 14.85 2.88 -2.21
CA ASP C 96 13.67 2.02 -2.18
C ASP C 96 13.71 1.03 -1.02
N TYR C 97 14.89 0.44 -0.77
CA TYR C 97 15.10 -0.49 0.33
C TYR C 97 16.42 -0.16 0.98
N ILE C 98 16.44 -0.21 2.32
CA ILE C 98 17.69 -0.25 3.06
C ILE C 98 18.00 -1.68 3.44
N ASP C 99 19.27 -2.07 3.25
CA ASP C 99 19.84 -3.35 3.74
C ASP C 99 20.60 -3.08 5.04
N GLU C 100 20.01 -3.47 6.17
CA GLU C 100 20.75 -3.46 7.45
C GLU C 100 21.77 -4.60 7.45
N SER C 101 22.98 -4.33 6.97
CA SER C 101 23.83 -5.37 6.41
C SER C 101 25.02 -5.65 7.32
N GLU C 102 25.12 -6.91 7.76
CA GLU C 102 26.31 -7.40 8.44
C GLU C 102 27.55 -7.35 7.56
N VAL C 103 27.40 -7.08 6.26
CA VAL C 103 28.58 -6.96 5.41
C VAL C 103 29.36 -5.68 5.73
N LEU C 104 28.70 -4.71 6.37
CA LEU C 104 29.36 -3.53 6.91
C LEU C 104 29.76 -3.76 8.36
N THR C 105 30.59 -2.86 8.89
CA THR C 105 30.98 -2.95 10.29
C THR C 105 29.81 -2.58 11.19
N PRO C 106 29.28 -3.49 12.02
CA PRO C 106 28.14 -3.12 12.87
C PRO C 106 28.46 -1.90 13.71
N ALA C 107 27.49 -0.99 13.80
CA ALA C 107 27.62 0.12 14.72
C ALA C 107 27.00 -0.18 16.07
N ASP C 108 26.27 -1.28 16.17
CA ASP C 108 25.67 -1.72 17.42
C ASP C 108 25.74 -3.24 17.41
N GLU C 109 26.60 -3.80 18.23
CA GLU C 109 26.77 -5.24 18.25
C GLU C 109 25.75 -5.94 19.12
N GLU C 110 24.74 -5.21 19.60
CA GLU C 110 23.75 -5.79 20.50
C GLU C 110 22.32 -5.62 20.03
N TYR C 111 22.01 -4.50 19.37
CA TYR C 111 20.62 -4.14 19.08
C TYR C 111 20.50 -3.73 17.62
N HIS C 112 19.52 -4.29 16.92
CA HIS C 112 19.19 -3.95 15.54
C HIS C 112 18.19 -2.79 15.51
N LEU C 113 18.04 -2.20 14.32
CA LEU C 113 17.12 -1.08 14.14
C LEU C 113 15.67 -1.53 14.32
N ARG C 114 14.86 -0.64 14.89
CA ARG C 114 13.42 -0.89 14.99
C ARG C 114 12.77 -0.58 13.63
N LYS C 115 13.01 -1.49 12.67
CA LYS C 115 12.66 -1.21 11.27
C LYS C 115 11.17 -0.90 11.08
N ASP C 116 10.30 -1.34 11.98
CA ASP C 116 8.88 -1.01 11.84
C ASP C 116 8.59 0.47 12.09
N GLN C 117 9.51 1.20 12.72
CA GLN C 117 9.40 2.63 12.93
C GLN C 117 9.99 3.43 11.76
N PHE C 118 10.26 2.78 10.64
CA PHE C 118 10.65 3.44 9.41
C PHE C 118 9.50 3.31 8.41
N THR C 119 9.51 4.15 7.38
CA THR C 119 8.54 3.91 6.32
C THR C 119 9.15 3.10 5.19
N VAL C 120 10.46 3.23 4.95
CA VAL C 120 11.11 2.48 3.86
C VAL C 120 11.22 1.01 4.26
N PRO C 121 10.95 0.06 3.36
CA PRO C 121 11.09 -1.36 3.71
C PRO C 121 12.55 -1.79 3.82
N PHE C 122 12.78 -2.76 4.72
CA PHE C 122 14.13 -3.25 5.02
C PHE C 122 14.31 -4.71 4.60
N VAL C 123 15.52 -5.00 4.11
CA VAL C 123 16.00 -6.37 3.96
C VAL C 123 17.06 -6.64 5.04
N CYS C 124 17.00 -7.83 5.65
CA CYS C 124 17.97 -8.26 6.64
C CYS C 124 18.53 -9.63 6.26
N GLY C 125 19.72 -9.92 6.80
CA GLY C 125 20.33 -11.24 6.64
C GLY C 125 19.95 -12.21 7.75
N CYS C 126 19.96 -13.50 7.44
CA CYS C 126 19.68 -14.53 8.43
C CYS C 126 20.36 -15.83 8.04
N ARG C 127 20.37 -16.76 9.00
CA ARG C 127 20.99 -18.08 8.89
C ARG C 127 20.15 -19.16 9.54
N ASN C 128 19.07 -18.82 10.23
CA ASN C 128 18.19 -19.81 10.84
C ASN C 128 16.85 -19.16 11.15
N LEU C 129 15.85 -20.00 11.38
CA LEU C 129 14.51 -19.53 11.68
C LEU C 129 14.51 -18.50 12.83
N GLY C 130 15.34 -18.71 13.85
CA GLY C 130 15.41 -17.77 14.95
C GLY C 130 15.83 -16.39 14.50
N GLU C 131 17.00 -16.28 13.84
CA GLU C 131 17.45 -15.00 13.30
C GLU C 131 16.38 -14.40 12.39
N ALA C 132 15.81 -15.20 11.51
CA ALA C 132 14.78 -14.70 10.61
C ALA C 132 13.58 -14.19 11.40
N ALA C 133 13.17 -14.91 12.45
CA ALA C 133 11.98 -14.50 13.19
C ALA C 133 12.22 -13.22 13.99
N ARG C 134 13.46 -13.00 14.43
CA ARG C 134 13.79 -11.77 15.14
C ARG C 134 13.84 -10.58 14.20
N ARG C 135 14.43 -10.75 13.01
CA ARG C 135 14.41 -9.67 12.03
C ARG C 135 12.99 -9.35 11.59
N ILE C 136 12.18 -10.38 11.34
CA ILE C 136 10.82 -10.12 10.88
C ILE C 136 10.05 -9.33 11.92
N GLY C 137 10.16 -9.72 13.19
CA GLY C 137 9.47 -9.01 14.26
C GLY C 137 9.99 -7.62 14.54
N GLU C 138 11.16 -7.25 14.03
CA GLU C 138 11.63 -5.88 14.11
C GLU C 138 11.19 -5.03 12.91
N GLY C 139 10.54 -5.63 11.92
CA GLY C 139 10.09 -4.90 10.75
C GLY C 139 10.72 -5.29 9.42
N ALA C 140 11.63 -6.27 9.36
CA ALA C 140 12.18 -6.69 8.07
C ALA C 140 11.05 -7.01 7.11
N ALA C 141 11.17 -6.51 5.88
CA ALA C 141 10.19 -6.78 4.84
C ALA C 141 10.71 -7.80 3.84
N MET C 142 11.94 -8.23 4.00
CA MET C 142 12.66 -9.06 3.05
C MET C 142 13.81 -9.72 3.79
N LEU C 143 14.01 -11.01 3.53
CA LEU C 143 15.10 -11.78 4.13
C LEU C 143 16.08 -12.21 3.06
N ARG C 144 17.23 -12.63 3.56
CA ARG C 144 18.46 -12.79 2.78
C ARG C 144 19.34 -13.77 3.56
N THR C 145 19.85 -14.80 2.91
CA THR C 145 20.87 -15.58 3.61
C THR C 145 22.07 -14.67 3.85
N LYS C 146 22.80 -14.95 4.94
CA LYS C 146 24.08 -14.29 5.10
C LYS C 146 25.10 -14.89 4.14
N GLY C 147 25.15 -16.22 4.07
CA GLY C 147 26.20 -16.91 3.33
C GLY C 147 27.55 -16.43 3.81
N GLU C 148 28.50 -16.36 2.90
CA GLU C 148 29.77 -15.71 3.19
C GLU C 148 30.12 -14.80 2.02
N PRO C 149 29.69 -13.55 2.08
CA PRO C 149 29.94 -12.64 0.96
C PRO C 149 31.42 -12.46 0.66
N GLY C 150 31.72 -12.16 -0.59
CA GLY C 150 33.07 -11.90 -1.04
C GLY C 150 33.91 -13.11 -1.36
N THR C 151 33.50 -14.31 -0.93
CA THR C 151 34.31 -15.52 -1.03
C THR C 151 34.09 -16.31 -2.30
N GLY C 152 33.07 -16.00 -3.10
CA GLY C 152 32.82 -16.75 -4.32
C GLY C 152 32.41 -18.17 -4.05
N ASN C 153 32.21 -18.50 -2.78
CA ASN C 153 31.86 -19.85 -2.33
C ASN C 153 30.41 -19.88 -1.86
N ILE C 154 29.64 -20.78 -2.46
CA ILE C 154 28.19 -20.88 -2.22
C ILE C 154 27.84 -21.67 -0.97
N VAL C 155 28.79 -22.35 -0.34
CA VAL C 155 28.43 -23.37 0.65
C VAL C 155 27.67 -22.78 1.84
N GLU C 156 28.08 -21.61 2.33
CA GLU C 156 27.38 -20.98 3.45
C GLU C 156 25.96 -20.57 3.07
N ALA C 157 25.79 -19.93 1.90
CA ALA C 157 24.45 -19.60 1.44
C ALA C 157 23.57 -20.86 1.35
N VAL C 158 24.11 -21.94 0.78
CA VAL C 158 23.41 -23.23 0.75
C VAL C 158 22.93 -23.62 2.15
N ARG C 159 23.87 -23.73 3.10
CA ARG C 159 23.53 -24.14 4.46
C ARG C 159 22.47 -23.24 5.10
N HIS C 160 22.58 -21.94 4.89
CA HIS C 160 21.64 -20.99 5.49
C HIS C 160 20.24 -21.16 4.93
N MET C 161 20.13 -21.26 3.61
CA MET C 161 18.81 -21.50 3.00
C MET C 161 18.24 -22.84 3.46
N ARG C 162 19.07 -23.88 3.49
CA ARG C 162 18.61 -25.20 3.91
C ARG C 162 18.14 -25.20 5.36
N GLN C 163 18.79 -24.39 6.21
CA GLN C 163 18.42 -24.32 7.62
C GLN C 163 17.05 -23.69 7.81
N VAL C 164 16.89 -22.44 7.37
CA VAL C 164 15.61 -21.74 7.42
C VAL C 164 14.49 -22.62 6.86
N ASN C 165 14.70 -23.17 5.65
CA ASN C 165 13.62 -23.92 5.04
C ASN C 165 13.26 -25.14 5.87
N SER C 166 14.28 -25.87 6.34
CA SER C 166 14.02 -27.04 7.18
C SER C 166 13.25 -26.66 8.44
N GLU C 167 13.66 -25.57 9.10
CA GLU C 167 12.99 -25.17 10.33
C GLU C 167 11.58 -24.66 10.05
N VAL C 168 11.40 -23.93 8.95
CA VAL C 168 10.07 -23.46 8.58
C VAL C 168 9.15 -24.64 8.32
N SER C 169 9.61 -25.58 7.49
CA SER C 169 8.74 -26.69 7.14
C SER C 169 8.39 -27.50 8.37
N ARG C 170 9.35 -27.64 9.28
CA ARG C 170 9.07 -28.29 10.55
C ARG C 170 7.94 -27.57 11.28
N LEU C 171 7.96 -26.24 11.26
CA LEU C 171 7.00 -25.47 12.04
C LEU C 171 5.60 -25.56 11.44
N THR C 172 5.48 -25.63 10.12
CA THR C 172 4.14 -25.65 9.52
C THR C 172 3.35 -26.90 9.93
N VAL C 173 4.04 -28.00 10.28
CA VAL C 173 3.34 -29.22 10.68
C VAL C 173 3.52 -29.51 12.18
N MET C 174 3.97 -28.52 12.94
CA MET C 174 4.21 -28.67 14.37
C MET C 174 2.94 -28.41 15.19
N ASN C 175 2.68 -29.30 16.16
CA ASN C 175 1.62 -29.11 17.15
C ASN C 175 1.61 -27.71 17.68
N ASP C 176 0.40 -27.21 17.92
CA ASP C 176 0.24 -25.85 18.43
C ASP C 176 0.80 -25.72 19.84
N ASP C 177 0.69 -26.76 20.67
CA ASP C 177 1.13 -26.65 22.05
C ASP C 177 2.62 -26.87 22.19
N GLU C 178 3.33 -27.02 21.08
CA GLU C 178 4.78 -27.15 21.10
C GLU C 178 5.51 -25.92 20.57
N ILE C 179 4.80 -24.95 19.98
CA ILE C 179 5.45 -23.83 19.31
C ILE C 179 6.08 -22.88 20.33
N MET C 180 5.44 -22.71 21.49
CA MET C 180 5.97 -21.82 22.52
C MET C 180 7.38 -22.23 22.91
N THR C 181 7.55 -23.49 23.32
CA THR C 181 8.87 -23.87 23.75
C THR C 181 9.79 -24.19 22.57
N PHE C 182 9.27 -24.26 21.35
CA PHE C 182 10.14 -24.13 20.17
C PHE C 182 10.67 -22.71 20.06
N ALA C 183 9.76 -21.72 20.01
CA ALA C 183 10.16 -20.32 20.02
C ALA C 183 11.22 -20.05 21.08
N LYS C 184 11.02 -20.55 22.30
CA LYS C 184 12.06 -20.43 23.31
C LYS C 184 13.37 -21.02 22.82
N ASP C 185 13.36 -22.32 22.48
CA ASP C 185 14.61 -23.00 22.13
C ASP C 185 15.39 -22.29 21.04
N ILE C 186 14.70 -21.71 20.04
CA ILE C 186 15.42 -21.02 18.97
C ILE C 186 15.53 -19.51 19.20
N GLY C 187 14.85 -18.97 20.20
CA GLY C 187 15.00 -17.56 20.45
C GLY C 187 14.26 -16.70 19.43
N ALA C 188 12.99 -17.03 19.22
CA ALA C 188 12.13 -16.41 18.25
C ALA C 188 10.87 -15.87 18.91
N PRO C 189 10.30 -14.79 18.39
CA PRO C 189 9.02 -14.31 18.92
C PRO C 189 7.91 -15.30 18.61
N TYR C 190 7.16 -15.69 19.65
CA TYR C 190 6.18 -16.77 19.57
C TYR C 190 5.16 -16.52 18.46
N GLU C 191 4.62 -15.30 18.39
CA GLU C 191 3.55 -15.02 17.46
C GLU C 191 4.03 -14.86 16.02
N ILE C 192 5.29 -14.47 15.79
CA ILE C 192 5.82 -14.55 14.44
C ILE C 192 5.78 -16.00 13.96
N LEU C 193 6.24 -16.92 14.83
CA LEU C 193 6.22 -18.33 14.49
C LEU C 193 4.80 -18.82 14.25
N LYS C 194 3.85 -18.30 15.01
CA LYS C 194 2.46 -18.66 14.76
C LYS C 194 1.99 -18.13 13.41
N GLN C 195 2.35 -16.89 13.04
CA GLN C 195 1.97 -16.43 11.70
C GLN C 195 2.67 -17.24 10.62
N ILE C 196 3.88 -17.76 10.90
CA ILE C 196 4.56 -18.56 9.89
C ILE C 196 3.79 -19.85 9.64
N LYS C 197 3.36 -20.52 10.71
CA LYS C 197 2.60 -21.74 10.53
C LYS C 197 1.30 -21.48 9.78
N ASP C 198 0.64 -20.35 10.06
CA ASP C 198 -0.62 -20.03 9.39
C ASP C 198 -0.42 -19.77 7.90
N ASN C 199 0.65 -19.06 7.54
CA ASN C 199 0.90 -18.72 6.16
C ASN C 199 1.35 -19.91 5.33
N GLY C 200 1.76 -21.01 5.99
CA GLY C 200 2.41 -22.12 5.35
C GLY C 200 3.87 -21.91 4.99
N ARG C 201 4.43 -20.74 5.22
CA ARG C 201 5.79 -20.44 4.79
C ARG C 201 6.19 -19.12 5.46
N LEU C 202 7.34 -18.58 5.07
CA LEU C 202 7.73 -17.28 5.59
C LEU C 202 6.79 -16.21 5.06
N PRO C 203 6.37 -15.26 5.92
CA PRO C 203 5.54 -14.15 5.43
C PRO C 203 6.27 -13.21 4.49
N VAL C 204 7.59 -13.30 4.41
CA VAL C 204 8.36 -12.42 3.55
C VAL C 204 9.12 -13.31 2.56
N VAL C 205 9.68 -12.68 1.54
CA VAL C 205 10.50 -13.40 0.58
C VAL C 205 11.92 -13.40 1.07
N ASN C 206 12.62 -14.51 0.83
CA ASN C 206 13.94 -14.76 1.38
C ASN C 206 14.89 -15.10 0.23
N PHE C 207 15.77 -14.17 -0.11
CA PHE C 207 16.71 -14.37 -1.19
C PHE C 207 17.98 -15.10 -0.73
N ALA C 208 18.77 -15.52 -1.71
CA ALA C 208 20.09 -16.07 -1.48
C ALA C 208 21.13 -14.98 -1.71
N ALA C 209 22.15 -14.93 -0.85
CA ALA C 209 23.21 -13.95 -0.99
C ALA C 209 24.49 -14.51 -0.39
N GLY C 210 25.62 -14.14 -0.97
CA GLY C 210 26.89 -14.57 -0.41
C GLY C 210 27.65 -15.57 -1.26
N GLY C 211 28.48 -15.05 -2.16
CA GLY C 211 29.34 -15.88 -2.98
C GLY C 211 28.66 -16.64 -4.10
N VAL C 212 27.77 -15.99 -4.85
CA VAL C 212 27.34 -16.56 -6.13
C VAL C 212 28.34 -16.11 -7.18
N ALA C 213 28.95 -17.07 -7.87
CA ALA C 213 30.04 -16.77 -8.80
C ALA C 213 29.81 -17.24 -10.22
N THR C 214 28.83 -18.11 -10.45
CA THR C 214 28.62 -18.80 -11.72
C THR C 214 27.12 -18.88 -11.94
N PRO C 215 26.69 -19.00 -13.21
CA PRO C 215 25.25 -19.22 -13.46
C PRO C 215 24.71 -20.44 -12.76
N GLN C 216 25.52 -21.49 -12.62
CA GLN C 216 25.03 -22.70 -11.98
C GLN C 216 24.74 -22.46 -10.50
N ASP C 217 25.57 -21.65 -9.84
CA ASP C 217 25.32 -21.28 -8.45
C ASP C 217 23.96 -20.62 -8.32
N ALA C 218 23.73 -19.53 -9.06
CA ALA C 218 22.44 -18.85 -9.06
C ALA C 218 21.30 -19.84 -9.19
N ALA C 219 21.33 -20.67 -10.23
CA ALA C 219 20.26 -21.65 -10.43
C ALA C 219 20.11 -22.56 -9.22
N LEU C 220 21.24 -22.97 -8.64
CA LEU C 220 21.18 -23.89 -7.49
C LEU C 220 20.37 -23.30 -6.36
N MET C 221 20.68 -22.06 -5.96
CA MET C 221 19.94 -21.43 -4.87
C MET C 221 18.45 -21.43 -5.18
N MET C 222 18.09 -21.27 -6.45
CA MET C 222 16.70 -21.34 -6.82
C MET C 222 16.19 -22.76 -6.71
N GLU C 223 16.96 -23.72 -7.21
CA GLU C 223 16.62 -25.13 -7.01
C GLU C 223 16.43 -25.43 -5.53
N LEU C 224 17.12 -24.70 -4.66
CA LEU C 224 17.11 -24.95 -3.23
C LEU C 224 15.96 -24.27 -2.49
N GLY C 225 15.18 -23.42 -3.15
CA GLY C 225 14.01 -22.80 -2.55
C GLY C 225 14.09 -21.29 -2.37
N ALA C 226 15.14 -20.65 -2.87
CA ALA C 226 15.24 -19.20 -2.74
C ALA C 226 14.11 -18.53 -3.49
N ASP C 227 13.71 -17.37 -3.00
CA ASP C 227 12.83 -16.48 -3.73
C ASP C 227 13.59 -15.56 -4.68
N GLY C 228 14.91 -15.68 -4.77
CA GLY C 228 15.67 -14.77 -5.62
C GLY C 228 17.13 -14.77 -5.21
N VAL C 229 17.91 -13.96 -5.94
CA VAL C 229 19.37 -14.00 -5.83
C VAL C 229 19.91 -12.58 -5.68
N PHE C 230 20.82 -12.38 -4.71
CA PHE C 230 21.73 -11.24 -4.67
C PHE C 230 23.09 -11.66 -5.21
N VAL C 231 23.72 -10.80 -5.98
CA VAL C 231 25.06 -11.05 -6.48
C VAL C 231 25.84 -9.74 -6.40
N GLY C 232 27.14 -9.86 -6.12
CA GLY C 232 27.97 -8.67 -6.10
C GLY C 232 29.32 -8.89 -6.74
N SER C 233 30.19 -9.61 -6.02
CA SER C 233 31.57 -9.76 -6.46
C SER C 233 31.65 -10.55 -7.76
N GLY C 234 31.01 -11.73 -7.80
CA GLY C 234 31.13 -12.66 -8.90
C GLY C 234 30.93 -12.06 -10.28
N ILE C 235 30.14 -10.99 -10.36
CA ILE C 235 29.90 -10.31 -11.64
C ILE C 235 31.04 -9.36 -11.97
N PHE C 236 31.24 -8.35 -11.14
CA PHE C 236 32.17 -7.31 -11.52
C PHE C 236 33.61 -7.59 -11.09
N LYS C 237 33.87 -8.77 -10.51
CA LYS C 237 35.22 -9.30 -10.34
C LYS C 237 35.41 -10.53 -11.23
N SER C 238 34.91 -10.48 -12.46
CA SER C 238 35.16 -11.51 -13.46
C SER C 238 35.48 -10.84 -14.80
N GLU C 239 36.03 -11.62 -15.73
CA GLU C 239 36.23 -11.09 -17.07
C GLU C 239 34.88 -11.01 -17.79
N ASP C 240 34.66 -9.91 -18.49
CA ASP C 240 33.37 -9.60 -19.13
C ASP C 240 32.25 -9.64 -18.11
N PRO C 241 32.14 -8.65 -17.22
CA PRO C 241 30.97 -8.59 -16.33
C PRO C 241 29.63 -8.46 -17.06
N GLU C 242 29.59 -7.98 -18.30
CA GLU C 242 28.31 -7.89 -19.02
C GLU C 242 27.70 -9.26 -19.22
N LYS C 243 28.49 -10.22 -19.72
CA LYS C 243 27.95 -11.55 -19.99
C LYS C 243 27.80 -12.38 -18.73
N PHE C 244 28.59 -12.08 -17.70
CA PHE C 244 28.38 -12.74 -16.42
C PHE C 244 27.03 -12.33 -15.84
N ALA C 245 26.74 -11.02 -15.87
CA ALA C 245 25.47 -10.54 -15.34
C ALA C 245 24.29 -11.11 -16.12
N LYS C 246 24.33 -11.04 -17.44
CA LYS C 246 23.24 -11.62 -18.23
C LYS C 246 23.07 -13.10 -17.90
N ALA C 247 24.17 -13.85 -17.95
CA ALA C 247 24.15 -15.27 -17.61
C ALA C 247 23.43 -15.54 -16.29
N ILE C 248 23.79 -14.82 -15.24
CA ILE C 248 23.14 -15.01 -13.94
C ILE C 248 21.64 -14.76 -14.06
N VAL C 249 21.28 -13.59 -14.63
CA VAL C 249 19.88 -13.23 -14.85
C VAL C 249 19.13 -14.39 -15.51
N GLN C 250 19.68 -14.93 -16.60
CA GLN C 250 18.99 -16.01 -17.31
C GLN C 250 18.85 -17.26 -16.45
N ALA C 251 19.94 -17.61 -15.75
CA ALA C 251 20.01 -18.85 -15.00
C ALA C 251 19.08 -18.82 -13.79
N THR C 252 18.94 -17.65 -13.15
CA THR C 252 17.98 -17.52 -12.05
C THR C 252 16.54 -17.65 -12.55
N THR C 253 16.24 -17.13 -13.74
CA THR C 253 14.90 -17.25 -14.27
C THR C 253 14.59 -18.66 -14.73
N HIS C 254 15.51 -19.26 -15.50
CA HIS C 254 15.28 -20.59 -16.05
C HIS C 254 16.19 -21.61 -15.36
N TYR C 255 16.07 -21.71 -14.04
CA TYR C 255 17.01 -22.48 -13.24
C TYR C 255 16.83 -23.99 -13.40
N GLN C 256 15.81 -24.45 -14.13
CA GLN C 256 15.72 -25.86 -14.45
C GLN C 256 15.99 -26.16 -15.93
N ASP C 257 16.35 -25.13 -16.72
CA ASP C 257 16.76 -25.33 -18.10
C ASP C 257 18.24 -25.69 -18.10
N TYR C 258 18.52 -26.96 -17.81
CA TYR C 258 19.92 -27.34 -17.60
C TYR C 258 20.72 -27.25 -18.89
N GLU C 259 20.06 -27.40 -20.05
CA GLU C 259 20.72 -27.12 -21.33
C GLU C 259 21.15 -25.65 -21.43
N LEU C 260 20.20 -24.72 -21.21
CA LEU C 260 20.50 -23.30 -21.33
C LEU C 260 21.61 -22.87 -20.37
N ILE C 261 21.54 -23.32 -19.11
CA ILE C 261 22.59 -22.98 -18.16
C ILE C 261 23.94 -23.52 -18.63
N GLY C 262 23.93 -24.69 -19.27
CA GLY C 262 25.16 -25.18 -19.87
C GLY C 262 25.65 -24.29 -20.99
N ARG C 263 24.77 -24.01 -21.97
CA ARG C 263 25.08 -23.04 -23.01
C ARG C 263 25.66 -21.77 -22.42
N LEU C 264 24.97 -21.21 -21.42
CA LEU C 264 25.35 -19.93 -20.83
C LEU C 264 26.76 -19.97 -20.28
N ALA C 265 27.11 -21.05 -19.58
CA ALA C 265 28.41 -21.11 -18.93
C ALA C 265 29.55 -21.28 -19.93
N SER C 266 29.25 -21.88 -21.09
CA SER C 266 30.29 -22.10 -22.10
C SER C 266 30.96 -20.80 -22.49
N GLU C 267 30.16 -19.77 -22.76
CA GLU C 267 30.66 -18.47 -23.20
C GLU C 267 31.21 -17.62 -22.06
N LEU C 268 31.49 -18.20 -20.90
CA LEU C 268 32.00 -17.47 -19.77
C LEU C 268 33.45 -17.85 -19.50
N GLY C 269 34.28 -16.85 -19.27
CA GLY C 269 35.66 -17.10 -18.91
C GLY C 269 35.81 -17.46 -17.44
N THR C 270 36.85 -16.93 -16.80
CA THR C 270 37.18 -17.29 -15.43
C THR C 270 36.38 -16.45 -14.43
N ALA C 271 35.96 -17.09 -13.33
CA ALA C 271 35.06 -16.48 -12.34
C ALA C 271 35.84 -15.61 -11.36
N MET C 272 35.59 -15.76 -10.05
CA MET C 272 36.19 -14.87 -9.06
C MET C 272 37.03 -15.62 -8.02
N LYS C 273 37.74 -16.68 -8.44
CA LYS C 273 38.57 -17.49 -7.55
C LYS C 273 37.83 -17.87 -6.29
N GLY C 274 38.18 -17.29 -5.13
CA GLY C 274 37.49 -17.60 -3.89
C GLY C 274 38.29 -17.59 -2.60
N ILE D 1 5.08 10.04 -3.04
CA ILE D 1 6.00 8.91 -3.00
C ILE D 1 6.51 8.76 -1.55
N GLY D 2 6.79 7.51 -1.15
CA GLY D 2 7.29 7.20 0.19
C GLY D 2 6.22 6.68 1.11
N SER D 3 5.83 7.48 2.12
CA SER D 3 4.69 7.12 2.93
C SER D 3 3.37 7.28 2.19
N ASP D 4 3.39 7.90 1.01
CA ASP D 4 2.19 7.85 0.17
C ASP D 4 2.01 6.44 -0.37
N ARG D 5 3.11 5.79 -0.77
CA ARG D 5 3.04 4.39 -1.19
C ARG D 5 2.36 3.55 -0.12
N VAL D 6 2.73 3.72 1.14
CA VAL D 6 2.14 2.89 2.18
C VAL D 6 0.67 3.21 2.36
N LYS D 7 0.34 4.49 2.60
CA LYS D 7 -1.05 4.92 2.76
C LYS D 7 -1.93 4.40 1.63
N ARG D 8 -1.55 4.69 0.38
CA ARG D 8 -2.34 4.26 -0.76
C ARG D 8 -2.42 2.74 -0.83
N GLY D 9 -1.28 2.06 -0.57
CA GLY D 9 -1.27 0.61 -0.50
C GLY D 9 -2.32 0.06 0.45
N MET D 10 -2.43 0.64 1.65
CA MET D 10 -3.39 0.11 2.62
C MET D 10 -4.83 0.35 2.17
N ALA D 11 -5.11 1.49 1.55
CA ALA D 11 -6.46 1.72 1.04
C ALA D 11 -6.80 0.71 -0.06
N GLU D 12 -5.81 0.34 -0.88
CA GLU D 12 -6.05 -0.65 -1.94
C GLU D 12 -6.48 -1.99 -1.40
N MET D 13 -6.11 -2.32 -0.16
CA MET D 13 -6.51 -3.60 0.42
C MET D 13 -8.02 -3.76 0.56
N GLN D 14 -8.79 -2.68 0.47
CA GLN D 14 -10.23 -2.84 0.51
C GLN D 14 -10.83 -2.86 -0.88
N LYS D 15 -9.98 -2.78 -1.92
CA LYS D 15 -10.43 -2.85 -3.30
C LYS D 15 -11.34 -4.05 -3.48
N GLY D 16 -12.53 -3.80 -4.02
CA GLY D 16 -13.46 -4.86 -4.36
C GLY D 16 -14.52 -5.16 -3.31
N GLY D 17 -14.43 -4.59 -2.11
CA GLY D 17 -15.32 -4.91 -1.02
C GLY D 17 -16.32 -3.81 -0.71
N VAL D 18 -16.86 -3.87 0.50
CA VAL D 18 -17.98 -3.02 0.92
C VAL D 18 -17.69 -2.49 2.31
N ILE D 19 -17.74 -1.18 2.46
CA ILE D 19 -17.57 -0.49 3.72
C ILE D 19 -18.94 -0.04 4.19
N MET D 20 -19.17 -0.04 5.49
CA MET D 20 -20.53 0.03 6.01
C MET D 20 -20.65 1.03 7.14
N ASP D 21 -21.58 1.96 7.00
CA ASP D 21 -21.84 2.94 8.04
C ASP D 21 -22.52 2.24 9.22
N VAL D 22 -21.84 2.18 10.37
CA VAL D 22 -22.35 1.56 11.58
C VAL D 22 -22.31 2.56 12.73
N VAL D 23 -23.19 2.37 13.73
CA VAL D 23 -23.33 3.32 14.82
C VAL D 23 -23.23 2.70 16.20
N ASN D 24 -23.18 1.37 16.31
CA ASN D 24 -22.83 0.74 17.58
C ASN D 24 -22.35 -0.68 17.32
N ALA D 25 -21.80 -1.29 18.37
CA ALA D 25 -21.11 -2.57 18.24
C ALA D 25 -21.99 -3.63 17.57
N GLU D 26 -23.28 -3.67 17.91
CA GLU D 26 -24.16 -4.67 17.30
C GLU D 26 -24.24 -4.48 15.79
N GLN D 27 -24.44 -3.23 15.35
CA GLN D 27 -24.40 -2.93 13.92
C GLN D 27 -23.01 -3.25 13.35
N ALA D 28 -21.96 -2.92 14.09
CA ALA D 28 -20.61 -3.17 13.60
C ALA D 28 -20.34 -4.66 13.47
N ARG D 29 -20.92 -5.49 14.34
CA ARG D 29 -20.70 -6.92 14.21
C ARG D 29 -21.45 -7.49 13.01
N ILE D 30 -22.71 -7.09 12.84
CA ILE D 30 -23.47 -7.45 11.64
C ILE D 30 -22.64 -7.17 10.39
N ALA D 31 -22.00 -6.00 10.33
CA ALA D 31 -21.16 -5.65 9.19
C ALA D 31 -20.09 -6.70 8.95
N GLU D 32 -19.27 -6.95 9.97
CA GLU D 32 -18.18 -7.92 9.84
C GLU D 32 -18.73 -9.31 9.56
N GLU D 33 -19.79 -9.70 10.26
CA GLU D 33 -20.39 -11.01 10.04
C GLU D 33 -20.82 -11.17 8.59
N ALA D 34 -21.43 -10.13 8.02
CA ALA D 34 -21.99 -10.21 6.67
C ALA D 34 -20.92 -10.10 5.58
N GLY D 35 -19.70 -9.71 5.91
CA GLY D 35 -18.64 -9.74 4.93
C GLY D 35 -18.02 -8.39 4.58
N ALA D 36 -18.24 -7.36 5.40
CA ALA D 36 -17.69 -6.04 5.10
C ALA D 36 -16.17 -6.03 5.18
N VAL D 37 -15.52 -5.32 4.26
CA VAL D 37 -14.07 -5.14 4.35
C VAL D 37 -13.67 -4.07 5.34
N ALA D 38 -14.60 -3.28 5.85
CA ALA D 38 -14.33 -2.16 6.75
C ALA D 38 -15.67 -1.63 7.23
N VAL D 39 -15.61 -0.73 8.23
CA VAL D 39 -16.79 -0.05 8.72
C VAL D 39 -16.45 1.43 8.94
N MET D 40 -17.51 2.23 8.99
CA MET D 40 -17.42 3.69 9.11
C MET D 40 -18.18 4.09 10.36
N ALA D 41 -17.45 4.49 11.40
CA ALA D 41 -18.08 4.90 12.65
C ALA D 41 -18.68 6.29 12.50
N LEU D 42 -19.96 6.42 12.88
CA LEU D 42 -20.61 7.73 12.90
C LEU D 42 -21.75 7.67 13.91
N GLU D 43 -22.35 8.83 14.18
CA GLU D 43 -23.39 8.91 15.19
C GLU D 43 -24.80 8.88 14.60
N ARG D 44 -24.97 9.32 13.35
CA ARG D 44 -26.22 9.15 12.63
C ARG D 44 -25.88 8.75 11.20
N VAL D 45 -26.61 7.78 10.65
CA VAL D 45 -26.35 7.35 9.27
C VAL D 45 -26.86 8.46 8.36
N PRO D 46 -26.29 8.62 7.14
CA PRO D 46 -26.57 9.84 6.35
C PRO D 46 -28.05 10.14 6.14
N SER D 47 -28.92 9.13 6.21
CA SER D 47 -30.36 9.36 6.11
C SER D 47 -30.88 10.19 7.29
N ASP D 48 -30.42 9.88 8.52
CA ASP D 48 -30.87 10.63 9.70
C ASP D 48 -30.16 11.97 9.82
N ILE D 49 -28.85 12.01 9.51
CA ILE D 49 -28.15 13.30 9.46
C ILE D 49 -28.94 14.30 8.63
N ARG D 50 -29.54 13.83 7.53
CA ARG D 50 -30.31 14.70 6.65
C ARG D 50 -31.62 15.15 7.31
N ALA D 51 -32.35 14.20 7.90
CA ALA D 51 -33.67 14.53 8.47
C ALA D 51 -33.53 15.39 9.73
N ALA D 52 -32.66 14.99 10.65
CA ALA D 52 -32.47 15.77 11.86
C ALA D 52 -31.83 17.12 11.56
N GLY D 53 -30.99 17.20 10.53
CA GLY D 53 -30.35 18.47 10.20
C GLY D 53 -29.38 18.89 11.30
N GLY D 54 -29.51 20.13 11.76
CA GLY D 54 -28.64 20.63 12.82
C GLY D 54 -27.19 20.76 12.38
N VAL D 55 -26.29 20.69 13.34
CA VAL D 55 -24.85 20.70 13.07
C VAL D 55 -24.34 19.29 13.28
N ALA D 56 -23.70 18.71 12.24
CA ALA D 56 -23.20 17.34 12.29
C ALA D 56 -21.68 17.36 12.52
N ARG D 57 -21.26 17.00 13.72
CA ARG D 57 -19.85 17.04 14.06
C ARG D 57 -19.28 15.62 14.08
N MET D 58 -18.01 15.50 14.50
CA MET D 58 -17.42 14.17 14.65
C MET D 58 -18.26 13.33 15.62
N ALA D 59 -18.04 12.03 15.61
CA ALA D 59 -18.76 11.21 16.57
C ALA D 59 -18.11 11.31 17.95
N ASN D 60 -18.89 11.03 18.98
CA ASN D 60 -18.36 10.99 20.34
C ASN D 60 -17.34 9.85 20.42
N PRO D 61 -16.14 10.09 20.97
CA PRO D 61 -15.08 9.06 20.88
C PRO D 61 -15.40 7.73 21.53
N LYS D 62 -16.37 7.65 22.45
CA LYS D 62 -16.82 6.33 22.89
C LYS D 62 -17.42 5.55 21.74
N ILE D 63 -18.36 6.17 21.02
CA ILE D 63 -19.01 5.49 19.90
C ILE D 63 -17.95 4.91 18.95
N VAL D 64 -16.89 5.67 18.67
CA VAL D 64 -15.84 5.15 17.81
C VAL D 64 -15.11 4.01 18.49
N GLU D 65 -14.70 4.20 19.75
CA GLU D 65 -13.99 3.16 20.48
C GLU D 65 -14.83 1.89 20.60
N GLU D 66 -16.09 2.05 20.99
CA GLU D 66 -17.02 0.91 21.01
C GLU D 66 -17.00 0.13 19.69
N VAL D 67 -16.81 0.83 18.57
CA VAL D 67 -16.84 0.17 17.27
C VAL D 67 -15.51 -0.51 16.96
N MET D 68 -14.37 0.14 17.29
CA MET D 68 -13.07 -0.49 17.04
C MET D 68 -12.88 -1.74 17.89
N ASN D 69 -13.50 -1.78 19.06
CA ASN D 69 -13.39 -2.94 19.91
C ASN D 69 -14.21 -4.10 19.37
N ALA D 70 -15.30 -3.82 18.66
CA ALA D 70 -16.25 -4.85 18.29
C ALA D 70 -15.86 -5.61 17.02
N VAL D 71 -14.82 -5.18 16.29
CA VAL D 71 -14.52 -5.77 14.99
C VAL D 71 -13.01 -5.79 14.77
N SER D 72 -12.58 -6.67 13.88
CA SER D 72 -11.18 -6.81 13.48
C SER D 72 -10.89 -6.26 12.09
N ILE D 73 -11.90 -5.79 11.37
CA ILE D 73 -11.68 -5.13 10.08
C ILE D 73 -11.41 -3.66 10.36
N PRO D 74 -10.72 -2.93 9.46
CA PRO D 74 -10.37 -1.55 9.78
C PRO D 74 -11.59 -0.69 10.06
N VAL D 75 -11.41 0.27 10.98
CA VAL D 75 -12.47 1.21 11.34
C VAL D 75 -12.11 2.57 10.79
N MET D 76 -13.06 3.20 10.11
CA MET D 76 -12.94 4.58 9.68
C MET D 76 -13.93 5.43 10.46
N ALA D 77 -13.56 6.69 10.67
CA ALA D 77 -14.46 7.66 11.27
C ALA D 77 -14.50 8.92 10.42
N LYS D 78 -15.61 9.63 10.51
CA LYS D 78 -15.75 10.89 9.79
C LYS D 78 -15.28 12.08 10.64
N ALA D 79 -14.83 13.13 9.95
CA ALA D 79 -14.52 14.42 10.57
C ALA D 79 -14.99 15.55 9.65
N ARG D 80 -15.39 16.67 10.23
CA ARG D 80 -15.87 17.80 9.44
C ARG D 80 -14.75 18.34 8.56
N ILE D 81 -15.12 18.89 7.39
CA ILE D 81 -14.09 19.30 6.43
C ILE D 81 -13.27 20.42 7.03
N GLY D 82 -11.96 20.24 7.05
CA GLY D 82 -11.08 21.28 7.52
C GLY D 82 -11.01 21.42 9.02
N HIS D 83 -11.63 20.53 9.78
CA HIS D 83 -11.57 20.56 11.24
C HIS D 83 -10.27 19.89 11.72
N ILE D 84 -9.21 20.69 11.81
CA ILE D 84 -7.87 20.18 12.13
C ILE D 84 -7.90 19.28 13.35
N THR D 85 -8.43 19.78 14.47
CA THR D 85 -8.39 19.00 15.70
C THR D 85 -9.39 17.86 15.73
N GLU D 86 -10.43 17.89 14.91
CA GLU D 86 -11.28 16.71 14.87
C GLU D 86 -10.52 15.54 14.28
N ALA D 87 -9.76 15.79 13.20
CA ALA D 87 -8.94 14.76 12.60
C ALA D 87 -7.82 14.30 13.53
N ARG D 88 -7.11 15.25 14.16
CA ARG D 88 -6.02 14.90 15.07
C ARG D 88 -6.52 14.01 16.20
N VAL D 89 -7.65 14.36 16.80
CA VAL D 89 -8.21 13.50 17.85
C VAL D 89 -8.49 12.10 17.30
N LEU D 90 -9.13 12.01 16.13
CA LEU D 90 -9.44 10.70 15.55
C LEU D 90 -8.18 9.90 15.27
N GLU D 91 -7.15 10.57 14.73
CA GLU D 91 -5.87 9.91 14.49
C GLU D 91 -5.29 9.32 15.76
N ALA D 92 -5.25 10.13 16.84
CA ALA D 92 -4.70 9.68 18.11
C ALA D 92 -5.49 8.53 18.73
N MET D 93 -6.81 8.46 18.50
CA MET D 93 -7.60 7.30 18.91
C MET D 93 -7.17 6.03 18.17
N GLY D 94 -6.36 6.15 17.14
CA GLY D 94 -5.96 4.99 16.36
C GLY D 94 -6.98 4.47 15.40
N VAL D 95 -7.85 5.32 14.84
CA VAL D 95 -8.67 4.84 13.72
C VAL D 95 -7.76 4.52 12.53
N ASP D 96 -8.29 3.73 11.61
CA ASP D 96 -7.46 3.29 10.50
C ASP D 96 -7.50 4.28 9.35
N TYR D 97 -8.64 4.92 9.14
CA TYR D 97 -8.79 5.94 8.13
C TYR D 97 -9.68 7.03 8.71
N ILE D 98 -9.46 8.27 8.28
CA ILE D 98 -10.42 9.34 8.52
C ILE D 98 -11.08 9.71 7.18
N ASP D 99 -12.39 9.91 7.23
CA ASP D 99 -13.16 10.48 6.12
C ASP D 99 -13.36 11.96 6.43
N GLU D 100 -12.65 12.82 5.69
CA GLU D 100 -12.96 14.25 5.64
C GLU D 100 -14.30 14.41 4.91
N SER D 101 -15.39 14.10 5.60
CA SER D 101 -16.68 13.88 4.96
C SER D 101 -17.48 15.16 4.86
N GLU D 102 -17.82 15.55 3.63
CA GLU D 102 -18.77 16.62 3.42
C GLU D 102 -20.19 16.22 3.81
N VAL D 103 -20.42 15.00 4.29
CA VAL D 103 -21.74 14.66 4.83
C VAL D 103 -21.94 15.36 6.17
N LEU D 104 -20.84 15.70 6.84
CA LEU D 104 -20.88 16.54 8.02
C LEU D 104 -20.84 18.02 7.66
N THR D 105 -21.44 18.85 8.52
CA THR D 105 -21.36 20.30 8.42
C THR D 105 -19.92 20.74 8.30
N PRO D 106 -19.51 21.32 7.17
CA PRO D 106 -18.11 21.72 7.03
C PRO D 106 -17.73 22.77 8.07
N ALA D 107 -16.64 22.51 8.80
CA ALA D 107 -16.12 23.51 9.71
C ALA D 107 -15.28 24.57 9.00
N ASP D 108 -14.76 24.26 7.81
CA ASP D 108 -14.06 25.21 6.97
C ASP D 108 -14.66 25.13 5.58
N GLU D 109 -15.18 26.24 5.08
CA GLU D 109 -15.82 26.22 3.79
C GLU D 109 -14.90 26.59 2.65
N GLU D 110 -13.65 26.94 2.93
CA GLU D 110 -12.72 27.35 1.88
C GLU D 110 -11.49 26.47 1.74
N TYR D 111 -11.06 25.79 2.80
CA TYR D 111 -9.76 25.12 2.82
C TYR D 111 -9.89 23.75 3.46
N HIS D 112 -9.51 22.70 2.73
CA HIS D 112 -9.48 21.36 3.30
C HIS D 112 -8.23 21.12 4.16
N LEU D 113 -8.27 20.05 4.94
CA LEU D 113 -7.11 19.64 5.73
C LEU D 113 -5.92 19.34 4.83
N ARG D 114 -4.72 19.62 5.38
CA ARG D 114 -3.45 19.21 4.78
C ARG D 114 -3.19 17.77 5.20
N LYS D 115 -3.74 16.82 4.43
CA LYS D 115 -3.71 15.42 4.81
C LYS D 115 -2.31 14.81 4.74
N ASP D 116 -1.41 15.36 3.92
CA ASP D 116 -0.07 14.79 3.80
C ASP D 116 0.75 15.00 5.07
N GLN D 117 0.32 15.89 5.95
CA GLN D 117 0.95 16.12 7.24
C GLN D 117 0.28 15.31 8.35
N PHE D 118 -0.53 14.31 8.02
CA PHE D 118 -0.99 13.32 8.98
C PHE D 118 -0.35 11.97 8.70
N THR D 119 -0.49 11.05 9.65
CA THR D 119 -0.01 9.69 9.43
C THR D 119 -1.14 8.72 9.15
N VAL D 120 -2.31 8.95 9.73
CA VAL D 120 -3.50 8.19 9.34
C VAL D 120 -3.88 8.55 7.90
N PRO D 121 -4.25 7.59 7.07
CA PRO D 121 -4.64 7.91 5.69
C PRO D 121 -6.08 8.38 5.61
N PHE D 122 -6.37 9.18 4.57
CA PHE D 122 -7.65 9.86 4.43
C PHE D 122 -8.38 9.40 3.18
N VAL D 123 -9.70 9.31 3.29
CA VAL D 123 -10.57 9.18 2.13
C VAL D 123 -11.33 10.50 1.96
N CYS D 124 -11.43 10.97 0.71
CA CYS D 124 -12.07 12.23 0.40
C CYS D 124 -13.15 12.07 -0.67
N GLY D 125 -14.18 12.95 -0.60
CA GLY D 125 -15.21 12.97 -1.59
C GLY D 125 -14.79 13.72 -2.83
N CYS D 126 -15.47 13.43 -3.94
CA CYS D 126 -15.21 14.15 -5.19
C CYS D 126 -16.36 13.90 -6.16
N ARG D 127 -16.37 14.70 -7.25
CA ARG D 127 -17.39 14.63 -8.30
C ARG D 127 -16.82 14.79 -9.70
N ASN D 128 -15.52 14.98 -9.85
CA ASN D 128 -14.87 15.20 -11.14
C ASN D 128 -13.36 15.20 -10.90
N LEU D 129 -12.61 15.19 -11.99
CA LEU D 129 -11.16 15.06 -11.90
C LEU D 129 -10.52 16.26 -11.21
N GLY D 130 -11.13 17.43 -11.33
CA GLY D 130 -10.63 18.59 -10.61
C GLY D 130 -10.65 18.42 -9.09
N GLU D 131 -11.81 18.04 -8.54
CA GLU D 131 -11.89 17.80 -7.10
C GLU D 131 -11.00 16.64 -6.69
N ALA D 132 -11.06 15.54 -7.44
CA ALA D 132 -10.19 14.39 -7.18
C ALA D 132 -8.72 14.79 -7.11
N ALA D 133 -8.25 15.51 -8.13
CA ALA D 133 -6.85 15.91 -8.16
C ALA D 133 -6.50 16.81 -6.99
N ARG D 134 -7.42 17.70 -6.60
CA ARG D 134 -7.13 18.60 -5.50
C ARG D 134 -7.05 17.83 -4.17
N ARG D 135 -7.95 16.87 -3.97
CA ARG D 135 -7.87 16.04 -2.77
C ARG D 135 -6.60 15.18 -2.77
N ILE D 136 -6.23 14.62 -3.92
CA ILE D 136 -4.99 13.86 -4.00
C ILE D 136 -3.79 14.75 -3.67
N GLY D 137 -3.75 15.94 -4.26
CA GLY D 137 -2.64 16.85 -4.01
C GLY D 137 -2.52 17.26 -2.56
N GLU D 138 -3.64 17.32 -1.83
CA GLU D 138 -3.61 17.57 -0.41
C GLU D 138 -3.18 16.36 0.40
N GLY D 139 -3.01 15.19 -0.23
CA GLY D 139 -2.57 14.01 0.46
C GLY D 139 -3.58 12.91 0.68
N ALA D 140 -4.75 12.97 0.05
CA ALA D 140 -5.71 11.89 0.21
C ALA D 140 -5.11 10.59 -0.31
N ALA D 141 -5.55 9.48 0.28
CA ALA D 141 -5.09 8.16 -0.13
C ALA D 141 -6.21 7.34 -0.74
N MET D 142 -7.40 7.91 -0.85
CA MET D 142 -8.60 7.19 -1.22
C MET D 142 -9.65 8.22 -1.61
N LEU D 143 -10.43 7.89 -2.64
CA LEU D 143 -11.48 8.74 -3.16
C LEU D 143 -12.79 7.99 -3.11
N ARG D 144 -13.88 8.78 -3.13
CA ARG D 144 -15.22 8.24 -3.25
C ARG D 144 -16.10 9.29 -3.91
N THR D 145 -17.07 8.83 -4.70
CA THR D 145 -18.09 9.73 -5.22
C THR D 145 -18.78 10.44 -4.06
N LYS D 146 -19.20 11.69 -4.31
CA LYS D 146 -19.98 12.39 -3.30
C LYS D 146 -21.41 11.89 -3.26
N GLY D 147 -21.92 11.39 -4.38
CA GLY D 147 -23.28 10.91 -4.58
C GLY D 147 -24.28 11.87 -3.95
N GLU D 148 -25.37 11.31 -3.45
CA GLU D 148 -26.37 12.09 -2.72
C GLU D 148 -26.78 11.29 -1.49
N PRO D 149 -25.95 11.30 -0.45
CA PRO D 149 -26.19 10.41 0.69
C PRO D 149 -27.56 10.64 1.30
N GLY D 150 -28.13 9.54 1.80
CA GLY D 150 -29.38 9.57 2.51
C GLY D 150 -30.60 9.44 1.64
N THR D 151 -30.46 9.66 0.33
CA THR D 151 -31.58 9.69 -0.60
C THR D 151 -31.94 8.32 -1.13
N GLY D 152 -31.07 7.33 -1.00
CA GLY D 152 -31.33 6.05 -1.63
C GLY D 152 -31.45 6.16 -3.14
N ASN D 153 -30.90 7.21 -3.73
CA ASN D 153 -30.93 7.42 -5.16
C ASN D 153 -29.51 7.42 -5.68
N ILE D 154 -29.26 6.52 -6.63
CA ILE D 154 -27.91 6.24 -7.09
C ILE D 154 -27.44 7.18 -8.18
N VAL D 155 -28.32 8.06 -8.69
CA VAL D 155 -28.02 8.73 -9.95
C VAL D 155 -26.84 9.67 -9.79
N GLU D 156 -26.72 10.32 -8.64
CA GLU D 156 -25.61 11.26 -8.46
C GLU D 156 -24.28 10.53 -8.39
N ALA D 157 -24.18 9.48 -7.58
CA ALA D 157 -22.97 8.66 -7.58
C ALA D 157 -22.62 8.20 -9.00
N VAL D 158 -23.62 7.86 -9.81
CA VAL D 158 -23.39 7.43 -11.19
C VAL D 158 -22.78 8.57 -12.01
N ARG D 159 -23.28 9.79 -11.81
CA ARG D 159 -22.74 10.91 -12.56
C ARG D 159 -21.30 11.19 -12.14
N HIS D 160 -21.06 11.23 -10.83
CA HIS D 160 -19.72 11.55 -10.36
C HIS D 160 -18.74 10.50 -10.83
N MET D 161 -19.11 9.22 -10.71
CA MET D 161 -18.21 8.14 -11.14
C MET D 161 -17.98 8.18 -12.66
N ARG D 162 -19.05 8.41 -13.44
CA ARG D 162 -18.88 8.50 -14.89
C ARG D 162 -18.04 9.71 -15.28
N GLN D 163 -18.23 10.84 -14.62
CA GLN D 163 -17.43 12.02 -14.96
C GLN D 163 -15.94 11.81 -14.67
N VAL D 164 -15.59 11.50 -13.41
CA VAL D 164 -14.21 11.18 -13.06
C VAL D 164 -13.59 10.23 -14.09
N ASN D 165 -14.26 9.10 -14.35
CA ASN D 165 -13.64 8.11 -15.23
C ASN D 165 -13.48 8.64 -16.65
N SER D 166 -14.43 9.46 -17.12
CA SER D 166 -14.31 10.08 -18.42
C SER D 166 -13.12 11.01 -18.47
N GLU D 167 -12.99 11.89 -17.48
CA GLU D 167 -11.90 12.86 -17.48
C GLU D 167 -10.56 12.16 -17.30
N VAL D 168 -10.51 11.15 -16.43
CA VAL D 168 -9.31 10.33 -16.32
C VAL D 168 -8.94 9.76 -17.67
N SER D 169 -9.86 9.06 -18.32
CA SER D 169 -9.47 8.32 -19.52
C SER D 169 -9.06 9.28 -20.62
N ARG D 170 -9.75 10.42 -20.72
CA ARG D 170 -9.37 11.42 -21.70
C ARG D 170 -7.96 11.94 -21.42
N LEU D 171 -7.58 12.01 -20.14
CA LEU D 171 -6.24 12.46 -19.78
C LEU D 171 -5.19 11.43 -20.16
N THR D 172 -5.51 10.13 -20.07
CA THR D 172 -4.50 9.11 -20.35
C THR D 172 -4.05 9.13 -21.80
N VAL D 173 -4.84 9.69 -22.71
CA VAL D 173 -4.48 9.79 -24.11
C VAL D 173 -4.27 11.23 -24.54
N MET D 174 -4.22 12.16 -23.59
CA MET D 174 -4.12 13.58 -23.91
C MET D 174 -2.67 13.97 -24.19
N ASN D 175 -2.48 14.73 -25.28
CA ASN D 175 -1.20 15.37 -25.62
C ASN D 175 -0.47 15.99 -24.44
N ASP D 176 0.84 15.78 -24.42
CA ASP D 176 1.68 16.29 -23.33
C ASP D 176 1.62 17.81 -23.22
N ASP D 177 1.62 18.52 -24.36
CA ASP D 177 1.68 19.96 -24.31
C ASP D 177 0.31 20.59 -24.09
N GLU D 178 -0.68 19.79 -23.70
CA GLU D 178 -2.02 20.29 -23.39
C GLU D 178 -2.43 20.10 -21.93
N ILE D 179 -1.61 19.43 -21.12
CA ILE D 179 -2.08 19.14 -19.77
C ILE D 179 -2.07 20.39 -18.90
N MET D 180 -1.17 21.35 -19.17
CA MET D 180 -1.22 22.62 -18.46
C MET D 180 -2.58 23.26 -18.62
N THR D 181 -3.03 23.46 -19.87
CA THR D 181 -4.30 24.15 -20.06
C THR D 181 -5.45 23.33 -19.49
N PHE D 182 -5.39 22.01 -19.64
CA PHE D 182 -6.39 21.15 -19.02
C PHE D 182 -6.41 21.33 -17.51
N ALA D 183 -5.25 21.27 -16.87
CA ALA D 183 -5.20 21.43 -15.42
C ALA D 183 -5.75 22.79 -15.00
N LYS D 184 -5.36 23.85 -15.70
CA LYS D 184 -5.88 25.17 -15.39
C LYS D 184 -7.40 25.19 -15.52
N ASP D 185 -7.90 24.65 -16.63
CA ASP D 185 -9.33 24.70 -16.94
C ASP D 185 -10.18 24.00 -15.89
N ILE D 186 -9.64 22.99 -15.22
CA ILE D 186 -10.43 22.22 -14.25
C ILE D 186 -10.05 22.51 -12.82
N GLY D 187 -9.05 23.35 -12.59
CA GLY D 187 -8.67 23.58 -11.20
C GLY D 187 -7.88 22.45 -10.60
N ALA D 188 -7.03 21.78 -11.40
CA ALA D 188 -6.25 20.65 -10.92
C ALA D 188 -4.77 20.99 -10.84
N PRO D 189 -4.06 20.38 -9.87
CA PRO D 189 -2.60 20.45 -9.84
C PRO D 189 -1.98 19.79 -11.07
N TYR D 190 -1.20 20.59 -11.81
CA TYR D 190 -0.64 20.14 -13.08
C TYR D 190 0.19 18.86 -12.92
N GLU D 191 0.93 18.74 -11.81
CA GLU D 191 1.81 17.59 -11.63
C GLU D 191 1.04 16.31 -11.30
N ILE D 192 -0.04 16.40 -10.50
CA ILE D 192 -0.90 15.24 -10.27
C ILE D 192 -1.47 14.71 -11.59
N LEU D 193 -1.86 15.61 -12.50
CA LEU D 193 -2.47 15.15 -13.74
C LEU D 193 -1.44 14.47 -14.64
N LYS D 194 -0.21 15.00 -14.68
CA LYS D 194 0.86 14.28 -15.37
C LYS D 194 1.09 12.90 -14.77
N GLN D 195 0.99 12.78 -13.43
CA GLN D 195 1.05 11.47 -12.81
C GLN D 195 -0.06 10.57 -13.33
N ILE D 196 -1.31 11.05 -13.24
CA ILE D 196 -2.47 10.23 -13.62
C ILE D 196 -2.27 9.65 -15.01
N LYS D 197 -1.79 10.47 -15.95
CA LYS D 197 -1.47 9.97 -17.29
C LYS D 197 -0.43 8.84 -17.23
N ASP D 198 0.69 9.08 -16.53
CA ASP D 198 1.79 8.11 -16.50
C ASP D 198 1.32 6.75 -15.98
N ASN D 199 0.71 6.75 -14.80
CA ASN D 199 0.14 5.54 -14.22
C ASN D 199 -1.03 4.99 -15.02
N GLY D 200 -1.54 5.74 -16.00
CA GLY D 200 -2.67 5.33 -16.82
C GLY D 200 -4.00 5.21 -16.11
N ARG D 201 -4.12 5.68 -14.88
CA ARG D 201 -5.38 5.62 -14.14
C ARG D 201 -5.18 6.44 -12.87
N LEU D 202 -6.27 6.62 -12.12
CA LEU D 202 -6.15 7.26 -10.82
C LEU D 202 -5.11 6.54 -9.98
N PRO D 203 -4.21 7.25 -9.30
CA PRO D 203 -3.22 6.58 -8.43
C PRO D 203 -3.76 6.16 -7.07
N VAL D 204 -5.06 6.31 -6.82
CA VAL D 204 -5.69 5.88 -5.58
C VAL D 204 -6.98 5.20 -5.96
N VAL D 205 -7.52 4.41 -5.06
CA VAL D 205 -8.78 3.75 -5.35
C VAL D 205 -9.91 4.76 -5.16
N ASN D 206 -10.96 4.62 -6.00
CA ASN D 206 -12.10 5.54 -6.02
C ASN D 206 -13.36 4.69 -5.88
N PHE D 207 -14.03 4.82 -4.72
CA PHE D 207 -15.22 4.05 -4.37
C PHE D 207 -16.47 4.79 -4.80
N ALA D 208 -17.55 4.04 -4.91
CA ALA D 208 -18.88 4.60 -5.08
C ALA D 208 -19.52 4.76 -3.70
N ALA D 209 -20.29 5.83 -3.53
CA ALA D 209 -20.79 6.18 -2.22
C ALA D 209 -22.00 7.07 -2.37
N GLY D 210 -23.01 6.86 -1.52
CA GLY D 210 -24.16 7.74 -1.52
C GLY D 210 -25.28 7.23 -2.38
N GLY D 211 -26.20 6.52 -1.75
CA GLY D 211 -27.44 6.14 -2.40
C GLY D 211 -27.58 4.69 -2.77
N VAL D 212 -26.65 3.83 -2.39
CA VAL D 212 -26.82 2.40 -2.67
C VAL D 212 -27.92 1.84 -1.78
N ALA D 213 -28.98 1.33 -2.41
CA ALA D 213 -30.16 0.87 -1.69
C ALA D 213 -30.50 -0.58 -1.92
N THR D 214 -30.07 -1.18 -3.02
CA THR D 214 -30.36 -2.55 -3.38
C THR D 214 -29.09 -3.22 -3.91
N PRO D 215 -29.05 -4.56 -3.93
CA PRO D 215 -27.88 -5.23 -4.51
C PRO D 215 -27.60 -4.80 -5.93
N GLN D 216 -28.67 -4.65 -6.73
CA GLN D 216 -28.54 -4.20 -8.12
C GLN D 216 -27.78 -2.88 -8.18
N ASP D 217 -28.10 -1.95 -7.26
CA ASP D 217 -27.34 -0.71 -7.17
C ASP D 217 -25.86 -0.97 -7.03
N ALA D 218 -25.46 -1.57 -5.91
CA ALA D 218 -24.04 -1.83 -5.65
C ALA D 218 -23.36 -2.49 -6.83
N ALA D 219 -23.98 -3.54 -7.39
CA ALA D 219 -23.39 -4.22 -8.55
C ALA D 219 -23.22 -3.26 -9.71
N LEU D 220 -24.18 -2.34 -9.91
CA LEU D 220 -24.08 -1.37 -10.99
C LEU D 220 -22.83 -0.51 -10.85
N MET D 221 -22.56 0.01 -9.65
CA MET D 221 -21.35 0.83 -9.50
C MET D 221 -20.09 0.03 -9.83
N MET D 222 -20.01 -1.22 -9.38
CA MET D 222 -18.91 -2.08 -9.80
C MET D 222 -18.84 -2.13 -11.32
N GLU D 223 -19.99 -2.33 -11.96
CA GLU D 223 -20.05 -2.32 -13.41
C GLU D 223 -19.51 -1.02 -14.00
N LEU D 224 -19.71 0.11 -13.30
CA LEU D 224 -19.32 1.42 -13.82
C LEU D 224 -17.85 1.75 -13.64
N GLY D 225 -17.09 0.87 -12.99
CA GLY D 225 -15.68 1.08 -12.80
C GLY D 225 -15.29 1.51 -11.42
N ALA D 226 -16.19 1.41 -10.45
CA ALA D 226 -15.82 1.66 -9.06
C ALA D 226 -14.85 0.60 -8.57
N ASP D 227 -13.94 1.02 -7.68
CA ASP D 227 -13.05 0.12 -6.98
C ASP D 227 -13.72 -0.51 -5.76
N GLY D 228 -14.97 -0.17 -5.47
CA GLY D 228 -15.60 -0.66 -4.26
C GLY D 228 -16.75 0.25 -3.89
N VAL D 229 -17.43 -0.11 -2.80
CA VAL D 229 -18.74 0.46 -2.47
C VAL D 229 -18.79 0.88 -1.01
N PHE D 230 -19.23 2.12 -0.77
CA PHE D 230 -19.71 2.53 0.54
C PHE D 230 -21.21 2.37 0.59
N VAL D 231 -21.74 2.11 1.77
CA VAL D 231 -23.17 1.99 1.93
C VAL D 231 -23.49 2.12 3.41
N GLY D 232 -24.57 2.83 3.70
CA GLY D 232 -24.90 3.13 5.07
C GLY D 232 -26.39 3.12 5.34
N SER D 233 -27.09 4.15 4.84
CA SER D 233 -28.53 4.21 5.02
C SER D 233 -29.21 2.99 4.39
N GLY D 234 -28.72 2.56 3.23
CA GLY D 234 -29.39 1.51 2.49
C GLY D 234 -29.60 0.24 3.28
N ILE D 235 -28.65 -0.10 4.16
CA ILE D 235 -28.76 -1.32 4.94
C ILE D 235 -29.73 -1.11 6.10
N PHE D 236 -29.33 -0.29 7.06
CA PHE D 236 -29.98 -0.34 8.36
C PHE D 236 -31.33 0.36 8.40
N LYS D 237 -31.69 1.13 7.38
CA LYS D 237 -33.04 1.68 7.23
C LYS D 237 -33.89 0.83 6.30
N SER D 238 -33.72 -0.49 6.36
CA SER D 238 -34.46 -1.43 5.53
C SER D 238 -34.98 -2.58 6.40
N GLU D 239 -35.80 -3.42 5.76
CA GLU D 239 -36.54 -4.45 6.49
C GLU D 239 -35.61 -5.33 7.31
N ASP D 240 -34.62 -5.94 6.67
CA ASP D 240 -33.68 -6.86 7.31
C ASP D 240 -32.27 -6.38 7.01
N PRO D 241 -31.69 -5.57 7.91
CA PRO D 241 -30.32 -5.08 7.67
C PRO D 241 -29.29 -6.18 7.45
N GLU D 242 -29.36 -7.27 8.22
CA GLU D 242 -28.34 -8.32 8.09
C GLU D 242 -28.41 -9.01 6.73
N LYS D 243 -29.62 -9.30 6.24
CA LYS D 243 -29.73 -9.93 4.93
C LYS D 243 -29.42 -8.94 3.81
N PHE D 244 -29.83 -7.69 3.98
CA PHE D 244 -29.45 -6.64 3.05
C PHE D 244 -27.94 -6.52 2.96
N ALA D 245 -27.27 -6.60 4.11
CA ALA D 245 -25.82 -6.48 4.13
C ALA D 245 -25.16 -7.58 3.30
N LYS D 246 -25.37 -8.85 3.66
CA LYS D 246 -24.65 -9.92 2.94
C LYS D 246 -24.99 -9.89 1.45
N ALA D 247 -26.26 -9.61 1.12
CA ALA D 247 -26.66 -9.54 -0.28
C ALA D 247 -25.89 -8.45 -1.01
N ILE D 248 -25.66 -7.31 -0.34
CA ILE D 248 -24.90 -6.24 -0.96
C ILE D 248 -23.46 -6.68 -1.16
N VAL D 249 -22.84 -7.26 -0.12
CA VAL D 249 -21.46 -7.74 -0.24
C VAL D 249 -21.34 -8.75 -1.37
N GLN D 250 -22.17 -9.77 -1.35
CA GLN D 250 -22.12 -10.79 -2.40
C GLN D 250 -22.26 -10.15 -3.78
N ALA D 251 -23.28 -9.32 -3.96
CA ALA D 251 -23.55 -8.66 -5.23
C ALA D 251 -22.42 -7.72 -5.64
N THR D 252 -21.71 -7.12 -4.68
CA THR D 252 -20.58 -6.27 -5.03
C THR D 252 -19.42 -7.09 -5.59
N THR D 253 -19.12 -8.24 -4.98
CA THR D 253 -17.97 -9.01 -5.44
C THR D 253 -18.28 -9.80 -6.70
N HIS D 254 -19.54 -10.22 -6.87
CA HIS D 254 -19.95 -10.99 -8.05
C HIS D 254 -20.86 -10.17 -8.95
N TYR D 255 -20.50 -8.92 -9.19
CA TYR D 255 -21.40 -7.96 -9.80
C TYR D 255 -21.78 -8.28 -11.25
N GLN D 256 -21.22 -9.32 -11.86
CA GLN D 256 -21.68 -9.77 -13.17
C GLN D 256 -22.41 -11.10 -13.10
N ASP D 257 -22.72 -11.58 -11.89
CA ASP D 257 -23.56 -12.77 -11.74
C ASP D 257 -25.01 -12.31 -11.61
N TYR D 258 -25.67 -12.20 -12.77
CA TYR D 258 -27.03 -11.70 -12.82
C TYR D 258 -28.02 -12.72 -12.28
N GLU D 259 -27.72 -14.02 -12.45
CA GLU D 259 -28.52 -15.06 -11.82
C GLU D 259 -28.50 -14.93 -10.31
N LEU D 260 -27.30 -14.72 -9.75
CA LEU D 260 -27.15 -14.63 -8.31
C LEU D 260 -27.79 -13.36 -7.78
N ILE D 261 -27.51 -12.21 -8.42
CA ILE D 261 -28.05 -10.95 -7.95
C ILE D 261 -29.58 -10.99 -7.96
N GLY D 262 -30.17 -11.55 -9.01
CA GLY D 262 -31.60 -11.75 -9.02
C GLY D 262 -32.08 -12.57 -7.84
N ARG D 263 -31.48 -13.76 -7.66
CA ARG D 263 -31.75 -14.60 -6.48
C ARG D 263 -31.66 -13.81 -5.20
N LEU D 264 -30.51 -13.15 -5.00
CA LEU D 264 -30.29 -12.38 -3.79
C LEU D 264 -31.38 -11.34 -3.59
N ALA D 265 -31.75 -10.67 -4.66
CA ALA D 265 -32.63 -9.52 -4.53
C ALA D 265 -34.01 -9.89 -4.00
N SER D 266 -34.46 -11.15 -4.14
CA SER D 266 -35.83 -11.53 -3.80
C SER D 266 -36.15 -11.51 -2.31
N GLU D 267 -35.53 -10.58 -1.56
CA GLU D 267 -35.84 -10.28 -0.15
C GLU D 267 -35.72 -8.76 0.04
N LEU D 268 -36.85 -8.06 0.09
CA LEU D 268 -36.88 -6.61 -0.09
C LEU D 268 -37.72 -5.87 0.95
N GLY D 269 -38.10 -4.63 0.61
CA GLY D 269 -38.61 -3.63 1.53
C GLY D 269 -37.47 -2.70 1.89
N THR D 270 -37.32 -1.59 1.17
CA THR D 270 -36.11 -0.77 1.25
C THR D 270 -36.42 0.67 1.69
N ALA D 271 -35.41 1.55 1.61
CA ALA D 271 -35.51 2.98 1.79
C ALA D 271 -35.88 3.66 0.47
N MET D 272 -36.29 4.92 0.55
CA MET D 272 -36.49 5.75 -0.65
C MET D 272 -36.01 7.18 -0.34
N LYS D 273 -36.26 8.11 -1.28
CA LYS D 273 -35.73 9.49 -1.25
C LYS D 273 -36.09 10.24 0.03
N SER E 3 18.88 19.49 -13.93
CA SER E 3 18.80 19.92 -15.32
C SER E 3 17.99 21.22 -15.45
N ASP E 4 17.01 21.39 -14.54
CA ASP E 4 16.46 22.72 -14.30
C ASP E 4 17.43 23.58 -13.51
N ARG E 5 18.29 22.93 -12.71
CA ARG E 5 19.33 23.62 -11.98
C ARG E 5 20.35 24.20 -12.95
N VAL E 6 20.77 23.42 -13.94
CA VAL E 6 21.64 23.93 -15.01
C VAL E 6 20.97 25.13 -15.68
N LYS E 7 19.78 24.91 -16.27
CA LYS E 7 19.10 25.93 -17.07
C LYS E 7 18.89 27.22 -16.27
N ARG E 8 18.26 27.12 -15.10
CA ARG E 8 18.03 28.31 -14.28
C ARG E 8 19.34 28.96 -13.85
N GLY E 9 20.39 28.15 -13.62
CA GLY E 9 21.67 28.69 -13.19
C GLY E 9 22.36 29.52 -14.26
N MET E 10 22.21 29.11 -15.53
CA MET E 10 22.71 29.96 -16.61
C MET E 10 21.87 31.22 -16.77
N ALA E 11 20.57 31.15 -16.44
CA ALA E 11 19.75 32.36 -16.42
C ALA E 11 20.25 33.36 -15.38
N GLU E 12 20.66 32.86 -14.19
CA GLU E 12 21.06 33.75 -13.10
C GLU E 12 22.32 34.54 -13.42
N MET E 13 23.19 34.01 -14.29
CA MET E 13 24.41 34.72 -14.70
C MET E 13 24.10 36.02 -15.44
N GLN E 14 22.82 36.31 -15.67
CA GLN E 14 22.41 37.58 -16.25
C GLN E 14 21.90 38.56 -15.21
N LYS E 15 21.69 38.13 -13.96
CA LYS E 15 21.07 38.96 -12.93
C LYS E 15 21.76 40.32 -12.81
N GLY E 16 20.96 41.38 -12.79
CA GLY E 16 21.45 42.74 -12.68
C GLY E 16 21.78 43.43 -13.99
N GLY E 17 21.70 42.73 -15.13
CA GLY E 17 22.14 43.28 -16.39
C GLY E 17 20.99 43.76 -17.28
N VAL E 18 21.39 44.24 -18.46
CA VAL E 18 20.48 44.70 -19.49
C VAL E 18 20.62 43.80 -20.71
N ILE E 19 19.49 43.30 -21.21
CA ILE E 19 19.42 42.52 -22.46
C ILE E 19 18.77 43.41 -23.50
N MET E 20 19.37 43.49 -24.68
CA MET E 20 18.90 44.44 -25.68
C MET E 20 18.43 43.75 -26.95
N ASP E 21 17.22 44.09 -27.39
CA ASP E 21 16.76 43.71 -28.70
C ASP E 21 17.66 44.33 -29.76
N VAL E 22 18.20 43.50 -30.67
CA VAL E 22 19.09 43.96 -31.74
C VAL E 22 18.65 43.36 -33.08
N VAL E 23 18.88 44.11 -34.15
CA VAL E 23 18.31 43.82 -35.46
C VAL E 23 19.36 43.39 -36.50
N ASN E 24 20.63 43.76 -36.31
CA ASN E 24 21.74 43.31 -37.15
C ASN E 24 23.01 43.35 -36.29
N ALA E 25 24.18 43.32 -36.95
CA ALA E 25 25.44 43.13 -36.23
C ALA E 25 25.98 44.41 -35.62
N GLU E 26 25.86 45.55 -36.32
CA GLU E 26 26.22 46.83 -35.72
C GLU E 26 25.53 46.99 -34.38
N GLN E 27 24.19 47.09 -34.41
CA GLN E 27 23.35 47.06 -33.22
C GLN E 27 23.81 46.02 -32.21
N ALA E 28 24.13 44.82 -32.70
CA ALA E 28 24.49 43.72 -31.80
C ALA E 28 25.70 44.09 -30.95
N ARG E 29 26.72 44.69 -31.56
CA ARG E 29 27.91 44.99 -30.77
C ARG E 29 27.87 46.40 -30.18
N ILE E 30 27.12 47.32 -30.79
CA ILE E 30 26.73 48.52 -30.05
C ILE E 30 26.17 48.12 -28.71
N ALA E 31 25.30 47.11 -28.70
CA ALA E 31 24.77 46.57 -27.45
C ALA E 31 25.90 46.05 -26.56
N GLU E 32 26.79 45.21 -27.12
CA GLU E 32 27.83 44.56 -26.35
C GLU E 32 28.87 45.55 -25.86
N GLU E 33 29.29 46.47 -26.75
CA GLU E 33 30.24 47.51 -26.35
C GLU E 33 29.70 48.30 -25.16
N ALA E 34 28.42 48.67 -25.21
CA ALA E 34 27.80 49.49 -24.17
C ALA E 34 27.57 48.73 -22.85
N GLY E 35 27.80 47.43 -22.79
CA GLY E 35 27.75 46.69 -21.56
C GLY E 35 26.57 45.72 -21.35
N ALA E 36 25.88 45.29 -22.43
CA ALA E 36 24.74 44.39 -22.28
C ALA E 36 25.18 43.02 -21.78
N VAL E 37 24.29 42.36 -21.02
CA VAL E 37 24.60 41.00 -20.60
C VAL E 37 24.17 39.97 -21.65
N ALA E 38 23.32 40.35 -22.59
CA ALA E 38 22.78 39.45 -23.58
C ALA E 38 22.10 40.30 -24.65
N VAL E 39 21.78 39.66 -25.78
CA VAL E 39 21.06 40.32 -26.86
C VAL E 39 19.92 39.42 -27.33
N MET E 40 18.83 40.04 -27.73
CA MET E 40 17.70 39.41 -28.38
C MET E 40 17.81 39.64 -29.88
N ALA E 41 17.94 38.56 -30.64
CA ALA E 41 17.95 38.67 -32.08
C ALA E 41 16.52 38.71 -32.58
N LEU E 42 16.21 39.72 -33.38
CA LEU E 42 14.88 39.83 -33.96
C LEU E 42 14.96 40.60 -35.27
N GLU E 43 13.86 40.54 -36.03
CA GLU E 43 13.77 41.15 -37.35
C GLU E 43 13.18 42.56 -37.33
N ARG E 44 12.21 42.83 -36.46
CA ARG E 44 11.66 44.18 -36.26
C ARG E 44 11.45 44.43 -34.78
N VAL E 45 12.19 45.40 -34.23
CA VAL E 45 11.99 45.91 -32.86
C VAL E 45 10.51 46.23 -32.63
N PRO E 46 9.96 45.98 -31.42
CA PRO E 46 8.54 46.26 -31.14
C PRO E 46 8.19 47.75 -31.28
N ARG E 50 6.90 43.84 -34.36
CA ARG E 50 6.62 45.28 -34.49
C ARG E 50 5.15 45.64 -34.79
N ALA E 51 4.65 46.72 -34.12
CA ALA E 51 3.31 47.30 -34.25
C ALA E 51 3.05 47.93 -35.63
N ALA E 52 3.97 47.76 -36.60
CA ALA E 52 3.65 48.06 -37.99
C ALA E 52 2.39 47.32 -38.42
N GLY E 53 2.47 45.99 -38.46
CA GLY E 53 1.34 45.18 -38.81
C GLY E 53 1.82 43.79 -39.19
N GLY E 54 0.92 43.05 -39.87
CA GLY E 54 1.28 41.77 -40.44
C GLY E 54 1.28 40.64 -39.42
N VAL E 55 1.91 39.52 -39.80
CA VAL E 55 2.15 38.38 -38.93
C VAL E 55 3.63 38.37 -38.53
N ALA E 56 3.90 38.39 -37.22
CA ALA E 56 5.27 38.34 -36.73
C ALA E 56 5.66 36.89 -36.47
N ARG E 57 6.58 36.37 -37.30
CA ARG E 57 7.13 35.02 -37.13
C ARG E 57 8.53 35.14 -36.55
N MET E 58 9.27 34.02 -36.50
CA MET E 58 10.64 34.14 -36.02
C MET E 58 11.50 34.82 -37.07
N ALA E 59 12.65 35.31 -36.62
CA ALA E 59 13.57 35.91 -37.58
C ALA E 59 14.03 34.86 -38.59
N ASN E 60 14.46 35.33 -39.75
CA ASN E 60 15.20 34.45 -40.64
C ASN E 60 16.45 33.97 -39.91
N PRO E 61 16.85 32.70 -40.07
CA PRO E 61 18.06 32.23 -39.38
C PRO E 61 19.33 32.89 -39.84
N LYS E 62 19.35 33.51 -41.02
CA LYS E 62 20.50 34.32 -41.41
C LYS E 62 20.67 35.52 -40.50
N ILE E 63 19.56 36.07 -40.02
CA ILE E 63 19.63 37.24 -39.16
C ILE E 63 20.09 36.84 -37.76
N VAL E 64 19.60 35.71 -37.25
CA VAL E 64 20.07 35.21 -35.97
C VAL E 64 21.55 34.87 -36.03
N GLU E 65 21.95 34.15 -37.08
CA GLU E 65 23.34 33.73 -37.19
C GLU E 65 24.27 34.93 -37.28
N GLU E 66 23.92 35.92 -38.10
CA GLU E 66 24.71 37.15 -38.16
C GLU E 66 24.91 37.76 -36.78
N VAL E 67 23.86 37.77 -35.96
CA VAL E 67 23.96 38.35 -34.62
C VAL E 67 24.86 37.50 -33.73
N MET E 68 24.70 36.17 -33.74
CA MET E 68 25.59 35.36 -32.88
C MET E 68 27.04 35.50 -33.29
N ASN E 69 27.29 35.86 -34.55
CA ASN E 69 28.63 35.97 -35.09
C ASN E 69 29.20 37.38 -34.96
N ALA E 70 28.64 38.21 -34.09
CA ALA E 70 29.15 39.55 -33.88
C ALA E 70 29.37 39.91 -32.42
N VAL E 71 29.10 38.99 -31.48
CA VAL E 71 29.29 39.24 -30.05
C VAL E 71 29.60 37.93 -29.35
N SER E 72 30.12 38.03 -28.12
CA SER E 72 30.46 36.88 -27.28
C SER E 72 29.54 36.73 -26.06
N ILE E 73 28.70 37.73 -25.80
CA ILE E 73 27.67 37.69 -24.77
C ILE E 73 26.51 36.84 -25.30
N PRO E 74 25.79 36.10 -24.45
CA PRO E 74 24.77 35.17 -24.94
C PRO E 74 23.77 35.85 -25.88
N VAL E 75 23.26 35.08 -26.85
CA VAL E 75 22.24 35.53 -27.80
C VAL E 75 20.95 34.74 -27.57
N MET E 76 19.85 35.48 -27.50
CA MET E 76 18.49 34.93 -27.44
C MET E 76 17.73 35.27 -28.72
N ALA E 77 16.70 34.49 -29.00
CA ALA E 77 15.80 34.84 -30.10
C ALA E 77 14.38 34.43 -29.75
N LYS E 78 13.42 35.09 -30.38
CA LYS E 78 12.02 34.85 -30.11
C LYS E 78 11.42 33.80 -31.04
N ALA E 79 10.42 33.08 -30.53
CA ALA E 79 9.56 32.20 -31.30
C ALA E 79 8.11 32.45 -30.93
N ARG E 80 7.23 32.20 -31.90
CA ARG E 80 5.80 32.33 -31.65
C ARG E 80 5.37 31.33 -30.58
N ILE E 81 4.41 31.74 -29.76
CA ILE E 81 3.88 30.87 -28.71
C ILE E 81 3.41 29.57 -29.33
N GLY E 82 3.86 28.45 -28.74
CA GLY E 82 3.40 27.15 -29.18
C GLY E 82 3.93 26.69 -30.51
N HIS E 83 4.89 27.41 -31.10
CA HIS E 83 5.42 27.03 -32.42
C HIS E 83 6.55 26.00 -32.23
N ILE E 84 6.16 24.72 -32.17
CA ILE E 84 7.11 23.66 -31.82
C ILE E 84 8.33 23.68 -32.73
N THR E 85 8.11 23.80 -34.05
CA THR E 85 9.28 23.71 -34.94
C THR E 85 10.12 24.99 -34.87
N GLU E 86 9.49 26.16 -34.70
CA GLU E 86 10.29 27.38 -34.57
C GLU E 86 11.27 27.28 -33.41
N ALA E 87 10.79 26.84 -32.24
CA ALA E 87 11.68 26.63 -31.10
C ALA E 87 12.73 25.57 -31.40
N ARG E 88 12.34 24.45 -32.05
CA ARG E 88 13.32 23.41 -32.35
C ARG E 88 14.37 23.91 -33.33
N VAL E 89 13.96 24.71 -34.32
CA VAL E 89 14.92 25.25 -35.29
C VAL E 89 15.96 26.11 -34.58
N LEU E 90 15.51 27.10 -33.80
CA LEU E 90 16.44 27.94 -33.06
C LEU E 90 17.35 27.11 -32.14
N GLU E 91 16.78 26.10 -31.49
CA GLU E 91 17.56 25.25 -30.60
C GLU E 91 18.68 24.54 -31.36
N ALA E 92 18.39 24.11 -32.60
CA ALA E 92 19.44 23.48 -33.40
C ALA E 92 20.48 24.51 -33.86
N MET E 93 20.06 25.75 -34.12
CA MET E 93 21.05 26.78 -34.43
C MET E 93 22.03 27.03 -33.29
N GLY E 94 21.69 26.63 -32.06
CA GLY E 94 22.54 26.89 -30.91
C GLY E 94 22.44 28.28 -30.32
N VAL E 95 21.27 28.91 -30.36
CA VAL E 95 21.05 30.11 -29.58
C VAL E 95 21.21 29.75 -28.09
N ASP E 96 21.38 30.77 -27.27
CA ASP E 96 21.56 30.48 -25.86
C ASP E 96 20.24 30.41 -25.11
N TYR E 97 19.27 31.21 -25.53
CA TYR E 97 17.93 31.18 -24.97
C TYR E 97 16.92 31.38 -26.08
N ILE E 98 15.77 30.72 -25.95
CA ILE E 98 14.59 31.09 -26.72
C ILE E 98 13.62 31.80 -25.78
N ASP E 99 13.09 32.91 -26.26
CA ASP E 99 11.96 33.60 -25.66
C ASP E 99 10.70 33.18 -26.42
N GLU E 100 9.85 32.38 -25.78
CA GLU E 100 8.50 32.14 -26.28
C GLU E 100 7.67 33.40 -26.03
N SER E 101 7.55 34.24 -27.04
CA SER E 101 7.27 35.66 -26.85
C SER E 101 5.90 36.04 -27.42
N GLU E 102 5.04 36.55 -26.55
CA GLU E 102 3.79 37.12 -27.01
C GLU E 102 3.98 38.41 -27.78
N VAL E 103 5.21 38.87 -28.00
CA VAL E 103 5.36 39.98 -28.93
C VAL E 103 5.13 39.52 -30.35
N LEU E 104 5.31 38.23 -30.62
CA LEU E 104 5.07 37.67 -31.94
C LEU E 104 3.67 37.06 -32.00
N THR E 105 3.08 37.09 -33.20
CA THR E 105 1.78 36.47 -33.42
C THR E 105 1.79 35.05 -32.92
N PRO E 106 0.93 34.66 -31.98
CA PRO E 106 0.95 33.29 -31.49
C PRO E 106 0.69 32.27 -32.61
N ALA E 107 1.29 31.10 -32.46
CA ALA E 107 0.95 30.00 -33.34
C ALA E 107 -0.03 29.05 -32.69
N ASP E 108 -0.01 28.94 -31.36
CA ASP E 108 -1.03 28.22 -30.60
C ASP E 108 -1.60 29.19 -29.56
N GLU E 109 -2.91 29.32 -29.56
CA GLU E 109 -3.57 30.25 -28.67
C GLU E 109 -4.16 29.58 -27.45
N GLU E 110 -3.96 28.29 -27.29
CA GLU E 110 -4.44 27.60 -26.12
C GLU E 110 -3.33 26.93 -25.33
N TYR E 111 -2.25 26.50 -25.97
CA TYR E 111 -1.21 25.69 -25.33
C TYR E 111 0.18 26.22 -25.67
N HIS E 112 0.99 26.47 -24.64
CA HIS E 112 2.38 26.87 -24.78
C HIS E 112 3.27 25.64 -24.94
N LEU E 113 4.52 25.90 -25.32
CA LEU E 113 5.49 24.81 -25.52
C LEU E 113 5.79 24.07 -24.23
N ARG E 114 6.02 22.77 -24.37
CA ARG E 114 6.59 21.96 -23.30
C ARG E 114 8.10 22.25 -23.28
N LYS E 115 8.49 23.24 -22.49
CA LYS E 115 9.87 23.69 -22.49
C LYS E 115 10.79 22.76 -21.70
N ASP E 116 10.22 21.91 -20.83
CA ASP E 116 11.05 20.93 -20.14
C ASP E 116 11.56 19.87 -21.09
N GLN E 117 10.84 19.59 -22.17
CA GLN E 117 11.26 18.67 -23.22
C GLN E 117 12.23 19.33 -24.24
N PHE E 118 12.91 20.42 -23.85
CA PHE E 118 13.95 21.09 -24.63
C PHE E 118 15.23 21.15 -23.78
N THR E 119 16.37 21.37 -24.44
CA THR E 119 17.60 21.55 -23.66
C THR E 119 18.02 23.00 -23.54
N VAL E 120 17.68 23.83 -24.53
CA VAL E 120 17.96 25.27 -24.40
C VAL E 120 17.01 25.86 -23.37
N PRO E 121 17.48 26.78 -22.51
CA PRO E 121 16.55 27.39 -21.56
C PRO E 121 15.62 28.37 -22.26
N PHE E 122 14.43 28.53 -21.67
CA PHE E 122 13.39 29.41 -22.19
C PHE E 122 13.13 30.59 -21.23
N VAL E 123 12.79 31.74 -21.80
CA VAL E 123 12.19 32.85 -21.06
C VAL E 123 10.79 33.09 -21.61
N CYS E 124 9.82 33.22 -20.70
CA CYS E 124 8.43 33.46 -21.05
C CYS E 124 7.93 34.68 -20.28
N GLY E 125 6.91 35.36 -20.85
CA GLY E 125 6.33 36.53 -20.22
C GLY E 125 5.31 36.18 -19.13
N CYS E 126 5.04 37.14 -18.26
CA CYS E 126 3.95 36.98 -17.30
C CYS E 126 3.47 38.34 -16.79
N ARG E 127 2.32 38.30 -16.12
CA ARG E 127 1.60 39.47 -15.67
C ARG E 127 1.13 39.30 -14.24
N ASN E 128 1.29 38.11 -13.68
CA ASN E 128 0.81 37.78 -12.35
C ASN E 128 1.40 36.42 -12.00
N LEU E 129 1.17 36.03 -10.76
CA LEU E 129 1.74 34.79 -10.23
C LEU E 129 1.17 33.55 -10.94
N GLY E 130 -0.10 33.60 -11.36
CA GLY E 130 -0.68 32.48 -12.08
C GLY E 130 0.01 32.21 -13.41
N GLU E 131 0.19 33.25 -14.23
CA GLU E 131 0.95 33.09 -15.47
C GLU E 131 2.39 32.73 -15.21
N ALA E 132 2.99 33.31 -14.17
CA ALA E 132 4.36 32.96 -13.87
C ALA E 132 4.48 31.52 -13.42
N ALA E 133 3.48 31.00 -12.70
CA ALA E 133 3.56 29.62 -12.19
C ALA E 133 3.32 28.59 -13.28
N ARG E 134 2.43 28.89 -14.24
CA ARG E 134 2.20 27.98 -15.35
C ARG E 134 3.40 27.95 -16.30
N ARG E 135 3.99 29.11 -16.61
CA ARG E 135 5.21 29.13 -17.41
C ARG E 135 6.35 28.41 -16.71
N ILE E 136 6.49 28.57 -15.38
CA ILE E 136 7.51 27.81 -14.66
C ILE E 136 7.22 26.32 -14.76
N GLY E 137 5.97 25.92 -14.48
CA GLY E 137 5.60 24.52 -14.55
C GLY E 137 5.83 23.89 -15.92
N GLU E 138 5.71 24.69 -16.99
CA GLU E 138 6.03 24.17 -18.32
C GLU E 138 7.53 24.03 -18.54
N GLY E 139 8.35 24.58 -17.66
CA GLY E 139 9.78 24.49 -17.77
C GLY E 139 10.53 25.75 -18.15
N ALA E 140 9.92 26.92 -17.98
CA ALA E 140 10.67 28.17 -18.18
C ALA E 140 11.81 28.26 -17.17
N ALA E 141 12.92 28.83 -17.62
CA ALA E 141 14.07 29.04 -16.75
C ALA E 141 14.26 30.50 -16.42
N MET E 142 13.34 31.34 -16.89
CA MET E 142 13.41 32.77 -16.77
C MET E 142 12.01 33.33 -16.99
N LEU E 143 11.72 34.45 -16.32
CA LEU E 143 10.46 35.14 -16.47
C LEU E 143 10.76 36.58 -16.80
N ARG E 144 9.85 37.20 -17.54
CA ARG E 144 9.87 38.64 -17.70
C ARG E 144 8.44 39.16 -17.69
N THR E 145 8.24 40.35 -17.10
CA THR E 145 6.94 41.01 -17.23
C THR E 145 6.56 41.11 -18.69
N LYS E 146 5.26 41.03 -18.96
CA LYS E 146 4.83 41.27 -20.33
C LYS E 146 4.93 42.75 -20.67
N GLY E 147 4.48 43.62 -19.76
CA GLY E 147 4.47 45.05 -20.00
C GLY E 147 3.66 45.40 -21.24
N GLU E 148 4.03 46.50 -21.87
CA GLU E 148 3.38 46.97 -23.09
C GLU E 148 4.46 47.34 -24.09
N PRO E 149 5.03 46.35 -24.78
CA PRO E 149 6.21 46.60 -25.61
C PRO E 149 5.92 47.53 -26.77
N GLY E 150 6.95 48.24 -27.20
CA GLY E 150 6.87 49.10 -28.35
C GLY E 150 6.22 50.44 -28.11
N THR E 151 5.70 50.68 -26.90
CA THR E 151 4.99 51.91 -26.56
C THR E 151 5.81 52.91 -25.75
N GLY E 152 7.00 52.54 -25.28
CA GLY E 152 7.77 53.47 -24.47
C GLY E 152 7.09 53.87 -23.17
N ASN E 153 6.04 53.17 -22.78
CA ASN E 153 5.32 53.46 -21.55
C ASN E 153 5.63 52.36 -20.55
N ILE E 154 6.19 52.75 -19.42
CA ILE E 154 6.63 51.80 -18.41
C ILE E 154 5.49 51.28 -17.56
N VAL E 155 4.28 51.85 -17.68
CA VAL E 155 3.28 51.64 -16.63
C VAL E 155 2.85 50.18 -16.56
N GLU E 156 2.65 49.52 -17.70
CA GLU E 156 2.20 48.14 -17.60
C GLU E 156 3.27 47.22 -17.01
N ALA E 157 4.55 47.45 -17.27
CA ALA E 157 5.55 46.62 -16.61
C ALA E 157 5.59 46.88 -15.11
N VAL E 158 5.40 48.13 -14.68
CA VAL E 158 5.27 48.40 -13.26
C VAL E 158 4.12 47.60 -12.66
N ARG E 159 2.96 47.60 -13.33
CA ARG E 159 1.80 46.87 -12.81
C ARG E 159 2.12 45.39 -12.60
N HIS E 160 2.82 44.77 -13.56
CA HIS E 160 3.06 43.33 -13.57
C HIS E 160 4.11 42.92 -12.54
N MET E 161 5.22 43.66 -12.48
CA MET E 161 6.20 43.50 -11.40
C MET E 161 5.54 43.59 -10.04
N ARG E 162 4.67 44.59 -9.85
CA ARG E 162 4.03 44.74 -8.55
C ARG E 162 3.11 43.57 -8.23
N GLN E 163 2.39 43.08 -9.24
CA GLN E 163 1.46 41.96 -9.05
C GLN E 163 2.20 40.66 -8.77
N VAL E 164 3.21 40.34 -9.57
CA VAL E 164 3.97 39.12 -9.33
C VAL E 164 4.59 39.17 -7.94
N ASN E 165 5.24 40.30 -7.61
CA ASN E 165 5.96 40.38 -6.34
C ASN E 165 4.99 40.34 -5.16
N SER E 166 3.87 41.03 -5.28
CA SER E 166 2.90 41.05 -4.19
C SER E 166 2.38 39.64 -3.91
N GLU E 167 1.99 38.93 -4.96
CA GLU E 167 1.46 37.58 -4.77
C GLU E 167 2.55 36.64 -4.29
N VAL E 168 3.76 36.77 -4.83
CA VAL E 168 4.87 35.99 -4.30
C VAL E 168 5.03 36.24 -2.82
N SER E 169 5.21 37.51 -2.45
CA SER E 169 5.51 37.81 -1.06
C SER E 169 4.35 37.40 -0.15
N ARG E 170 3.11 37.51 -0.65
CA ARG E 170 1.98 37.04 0.14
C ARG E 170 2.00 35.53 0.28
N LEU E 171 2.45 34.81 -0.76
CA LEU E 171 2.56 33.36 -0.70
C LEU E 171 3.64 32.92 0.27
N THR E 172 4.74 33.68 0.36
CA THR E 172 5.83 33.30 1.27
C THR E 172 5.37 33.18 2.72
N VAL E 173 4.33 33.91 3.12
CA VAL E 173 3.87 33.77 4.51
C VAL E 173 2.45 33.20 4.59
N MET E 174 2.00 32.53 3.53
CA MET E 174 0.68 31.89 3.54
C MET E 174 0.66 30.62 4.39
N ASN E 175 -0.43 30.45 5.15
CA ASN E 175 -0.68 29.18 5.83
C ASN E 175 -0.55 28.01 4.88
N ASP E 176 0.13 26.96 5.36
CA ASP E 176 0.29 25.75 4.57
C ASP E 176 -1.01 25.23 3.98
N ASP E 177 -2.07 25.19 4.77
CA ASP E 177 -3.34 24.57 4.39
C ASP E 177 -4.25 25.49 3.59
N GLU E 178 -3.75 26.63 3.13
CA GLU E 178 -4.51 27.51 2.28
C GLU E 178 -3.92 27.60 0.88
N ILE E 179 -2.80 26.94 0.63
CA ILE E 179 -2.13 27.14 -0.64
C ILE E 179 -2.87 26.44 -1.78
N MET E 180 -3.45 25.26 -1.52
CA MET E 180 -4.22 24.58 -2.55
C MET E 180 -5.26 25.51 -3.14
N THR E 181 -6.13 26.09 -2.30
CA THR E 181 -7.22 26.83 -2.92
C THR E 181 -6.83 28.25 -3.30
N PHE E 182 -5.67 28.72 -2.84
CA PHE E 182 -5.01 29.84 -3.54
C PHE E 182 -4.63 29.43 -4.96
N ALA E 183 -3.98 28.26 -5.08
CA ALA E 183 -3.53 27.79 -6.38
C ALA E 183 -4.70 27.61 -7.34
N LYS E 184 -5.80 27.02 -6.87
CA LYS E 184 -7.01 26.98 -7.67
C LYS E 184 -7.41 28.37 -8.15
N ASP E 185 -7.48 29.32 -7.21
CA ASP E 185 -7.98 30.66 -7.51
C ASP E 185 -7.14 31.39 -8.54
N ILE E 186 -5.81 31.31 -8.47
CA ILE E 186 -4.98 32.01 -9.44
C ILE E 186 -4.63 31.16 -10.67
N GLY E 187 -5.03 29.89 -10.71
CA GLY E 187 -4.76 29.08 -11.87
C GLY E 187 -3.39 28.45 -11.96
N ALA E 188 -2.73 28.16 -10.82
CA ALA E 188 -1.32 27.80 -10.74
C ALA E 188 -1.09 26.36 -10.31
N PRO E 189 -0.02 25.73 -10.78
CA PRO E 189 0.38 24.41 -10.25
C PRO E 189 0.66 24.48 -8.76
N TYR E 190 -0.08 23.68 -8.00
CA TYR E 190 0.01 23.69 -6.54
C TYR E 190 1.39 23.31 -6.03
N GLU E 191 2.16 22.54 -6.80
CA GLU E 191 3.52 22.22 -6.36
C GLU E 191 4.47 23.37 -6.63
N ILE E 192 4.33 24.03 -7.77
CA ILE E 192 5.15 25.22 -8.04
C ILE E 192 4.94 26.26 -6.96
N LEU E 193 3.70 26.41 -6.47
CA LEU E 193 3.44 27.38 -5.40
C LEU E 193 4.09 26.94 -4.09
N LYS E 194 4.01 25.65 -3.73
CA LYS E 194 4.68 25.21 -2.52
C LYS E 194 6.19 25.36 -2.63
N GLN E 195 6.75 25.14 -3.82
CA GLN E 195 8.17 25.44 -4.04
C GLN E 195 8.45 26.90 -3.75
N ILE E 196 7.63 27.81 -4.29
CA ILE E 196 7.92 29.24 -4.17
C ILE E 196 7.95 29.65 -2.71
N LYS E 197 7.09 29.04 -1.89
CA LYS E 197 7.07 29.35 -0.46
C LYS E 197 8.35 28.88 0.23
N ASP E 198 8.75 27.63 -0.01
CA ASP E 198 9.95 27.09 0.63
C ASP E 198 11.21 27.84 0.23
N ASN E 199 11.17 28.53 -0.91
CA ASN E 199 12.29 29.31 -1.43
C ASN E 199 12.21 30.78 -1.04
N GLY E 200 11.04 31.29 -0.67
CA GLY E 200 10.93 32.68 -0.30
C GLY E 200 11.00 33.68 -1.43
N ARG E 201 11.15 33.21 -2.67
CA ARG E 201 11.08 34.06 -3.85
C ARG E 201 10.81 33.13 -5.03
N LEU E 202 10.82 33.67 -6.24
CA LEU E 202 10.68 32.82 -7.42
C LEU E 202 11.92 31.96 -7.61
N PRO E 203 11.78 30.73 -8.12
CA PRO E 203 12.95 29.89 -8.42
C PRO E 203 13.69 30.31 -9.68
N VAL E 204 13.24 31.35 -10.38
CA VAL E 204 13.87 31.86 -11.58
C VAL E 204 14.01 33.36 -11.40
N VAL E 205 14.76 33.99 -12.30
CA VAL E 205 14.84 35.43 -12.30
C VAL E 205 13.72 36.00 -13.15
N ASN E 206 13.14 37.10 -12.68
CA ASN E 206 12.05 37.80 -13.34
C ASN E 206 12.56 39.17 -13.75
N PHE E 207 12.83 39.36 -15.04
CA PHE E 207 13.28 40.63 -15.59
C PHE E 207 12.10 41.51 -15.94
N ALA E 208 12.34 42.80 -15.98
CA ALA E 208 11.32 43.69 -16.51
C ALA E 208 11.47 43.82 -18.02
N ALA E 209 10.34 44.03 -18.70
CA ALA E 209 10.33 44.22 -20.15
C ALA E 209 9.04 44.92 -20.55
N GLY E 210 9.16 45.91 -21.43
CA GLY E 210 7.98 46.62 -21.90
C GLY E 210 7.99 48.14 -21.76
N GLY E 211 8.64 48.81 -22.71
CA GLY E 211 8.62 50.25 -22.71
C GLY E 211 9.59 50.92 -21.77
N VAL E 212 10.81 50.40 -21.67
CA VAL E 212 11.87 51.13 -20.98
C VAL E 212 12.46 52.11 -21.99
N ALA E 213 12.31 53.40 -21.72
CA ALA E 213 12.66 54.46 -22.67
C ALA E 213 13.77 55.37 -22.18
N THR E 214 13.97 55.48 -20.87
CA THR E 214 14.90 56.42 -20.27
C THR E 214 15.69 55.74 -19.15
N PRO E 215 16.90 56.24 -18.81
CA PRO E 215 17.68 55.66 -17.69
C PRO E 215 16.88 55.53 -16.41
N GLN E 216 16.08 56.56 -16.09
CA GLN E 216 15.24 56.50 -14.90
C GLN E 216 14.19 55.38 -15.00
N ASP E 217 13.74 55.06 -16.21
CA ASP E 217 12.85 53.90 -16.39
C ASP E 217 13.52 52.62 -15.94
N ALA E 218 14.67 52.28 -16.54
CA ALA E 218 15.33 51.03 -16.18
C ALA E 218 15.62 50.99 -14.69
N ALA E 219 16.04 52.12 -14.11
CA ALA E 219 16.35 52.14 -12.69
C ALA E 219 15.11 51.91 -11.84
N LEU E 220 13.99 52.51 -12.24
CA LEU E 220 12.72 52.29 -11.54
C LEU E 220 12.38 50.81 -11.45
N MET E 221 12.56 50.07 -12.55
CA MET E 221 12.30 48.64 -12.54
C MET E 221 13.17 47.91 -11.50
N MET E 222 14.46 48.26 -11.42
CA MET E 222 15.33 47.66 -10.40
C MET E 222 14.90 48.03 -9.01
N GLU E 223 14.47 49.30 -8.84
CA GLU E 223 13.94 49.75 -7.57
C GLU E 223 12.72 48.94 -7.18
N LEU E 224 11.96 48.50 -8.17
CA LEU E 224 10.71 47.83 -7.95
C LEU E 224 10.87 46.33 -7.67
N GLY E 225 12.09 45.79 -7.74
CA GLY E 225 12.34 44.41 -7.39
C GLY E 225 12.66 43.48 -8.54
N ALA E 226 12.89 44.01 -9.74
CA ALA E 226 13.25 43.15 -10.86
C ALA E 226 14.67 42.62 -10.68
N ASP E 227 15.02 41.61 -11.47
CA ASP E 227 16.37 41.09 -11.51
C ASP E 227 17.18 41.65 -12.66
N GLY E 228 16.60 42.53 -13.46
CA GLY E 228 17.23 42.99 -14.67
C GLY E 228 16.19 43.60 -15.60
N VAL E 229 16.67 44.00 -16.77
CA VAL E 229 15.91 44.85 -17.68
C VAL E 229 16.08 44.34 -19.11
N PHE E 230 14.96 44.16 -19.81
CA PHE E 230 14.95 44.05 -21.26
C PHE E 230 14.65 45.42 -21.86
N VAL E 231 15.24 45.71 -23.01
CA VAL E 231 15.01 46.99 -23.67
C VAL E 231 15.32 46.91 -25.15
N GLY E 232 14.40 47.38 -25.99
CA GLY E 232 14.55 47.24 -27.43
C GLY E 232 14.27 48.52 -28.21
N SER E 233 12.99 48.91 -28.26
CA SER E 233 12.63 50.18 -28.89
C SER E 233 13.28 51.34 -28.16
N GLY E 234 13.38 51.25 -26.83
CA GLY E 234 13.91 52.36 -26.05
C GLY E 234 15.24 52.88 -26.56
N ILE E 235 16.13 51.98 -26.99
CA ILE E 235 17.48 52.33 -27.42
C ILE E 235 17.51 52.77 -28.88
N PHE E 236 17.16 51.90 -29.80
CA PHE E 236 17.49 52.21 -31.18
C PHE E 236 16.48 53.16 -31.80
N LYS E 237 15.24 53.17 -31.30
CA LYS E 237 14.22 54.14 -31.75
C LYS E 237 14.43 55.52 -31.14
N SER E 238 15.68 55.97 -30.99
CA SER E 238 15.96 57.19 -30.23
C SER E 238 17.23 57.87 -30.75
N GLU E 239 17.33 59.16 -30.41
CA GLU E 239 18.45 59.98 -30.86
C GLU E 239 19.75 59.44 -30.26
N ASP E 240 20.78 59.26 -31.11
CA ASP E 240 22.07 58.64 -30.80
C ASP E 240 21.94 57.43 -29.86
N PRO E 241 21.60 56.27 -30.41
CA PRO E 241 21.34 55.09 -29.54
C PRO E 241 22.52 54.64 -28.70
N GLU E 242 23.75 54.70 -29.23
CA GLU E 242 24.89 54.18 -28.48
C GLU E 242 25.01 54.88 -27.12
N LYS E 243 24.70 56.17 -27.06
CA LYS E 243 24.69 56.86 -25.78
C LYS E 243 23.54 56.38 -24.90
N PHE E 244 22.34 56.25 -25.48
CA PHE E 244 21.20 55.66 -24.76
C PHE E 244 21.56 54.30 -24.19
N ALA E 245 22.19 53.45 -25.00
CA ALA E 245 22.63 52.14 -24.53
C ALA E 245 23.44 52.25 -23.25
N LYS E 246 24.59 52.94 -23.31
CA LYS E 246 25.46 53.03 -22.13
C LYS E 246 24.72 53.58 -20.91
N ALA E 247 23.89 54.59 -21.11
CA ALA E 247 23.17 55.19 -19.99
C ALA E 247 22.23 54.19 -19.33
N ILE E 248 21.54 53.38 -20.14
CA ILE E 248 20.59 52.44 -19.56
C ILE E 248 21.33 51.30 -18.86
N VAL E 249 22.47 50.89 -19.41
CA VAL E 249 23.29 49.89 -18.74
C VAL E 249 23.77 50.40 -17.39
N GLN E 250 24.25 51.65 -17.36
CA GLN E 250 24.80 52.18 -16.11
C GLN E 250 23.72 52.44 -15.07
N ALA E 251 22.55 52.92 -15.51
CA ALA E 251 21.45 53.16 -14.57
C ALA E 251 20.91 51.85 -14.01
N THR E 252 20.89 50.79 -14.82
CA THR E 252 20.41 49.51 -14.30
C THR E 252 21.37 48.93 -13.26
N THR E 253 22.68 49.09 -13.45
CA THR E 253 23.58 48.66 -12.38
C THR E 253 23.58 49.60 -11.19
N HIS E 254 23.67 50.91 -11.42
CA HIS E 254 23.74 51.87 -10.31
C HIS E 254 22.38 52.53 -10.11
N TYR E 255 21.39 51.74 -9.73
CA TYR E 255 20.01 52.21 -9.82
C TYR E 255 19.59 53.05 -8.64
N GLN E 256 20.40 53.18 -7.60
CA GLN E 256 20.11 54.12 -6.52
C GLN E 256 21.06 55.32 -6.52
N ASP E 257 21.92 55.43 -7.52
CA ASP E 257 22.87 56.54 -7.63
C ASP E 257 22.17 57.62 -8.43
N TYR E 258 21.42 58.47 -7.71
CA TYR E 258 20.51 59.39 -8.36
C TYR E 258 21.27 60.54 -9.02
N GLU E 259 22.41 60.94 -8.46
CA GLU E 259 23.22 61.93 -9.13
C GLU E 259 23.79 61.38 -10.43
N LEU E 260 24.22 60.11 -10.43
CA LEU E 260 24.72 59.50 -11.65
C LEU E 260 23.61 59.39 -12.69
N ILE E 261 22.42 58.95 -12.26
CA ILE E 261 21.33 58.84 -13.21
C ILE E 261 20.97 60.21 -13.77
N GLY E 262 20.95 61.24 -12.92
CA GLY E 262 20.64 62.57 -13.38
C GLY E 262 21.58 63.05 -14.48
N ARG E 263 22.89 62.86 -14.27
CA ARG E 263 23.87 63.26 -15.28
C ARG E 263 23.65 62.48 -16.56
N LEU E 264 23.63 61.15 -16.43
CA LEU E 264 23.33 60.24 -17.53
C LEU E 264 22.17 60.78 -18.34
N ALA E 265 21.10 61.18 -17.66
CA ALA E 265 19.98 61.76 -18.37
C ALA E 265 20.43 63.08 -18.97
N SER E 266 20.98 63.03 -20.19
CA SER E 266 21.34 64.25 -20.92
C SER E 266 21.56 63.84 -22.38
N GLU E 267 20.54 64.14 -23.21
CA GLU E 267 20.29 63.52 -24.51
C GLU E 267 18.91 63.95 -25.03
N LEU E 268 18.18 63.07 -25.75
CA LEU E 268 16.80 63.39 -26.16
C LEU E 268 16.03 62.11 -26.44
N GLY E 269 14.93 61.89 -25.71
CA GLY E 269 14.23 60.61 -25.61
C GLY E 269 13.56 60.06 -26.85
N THR E 270 12.61 59.14 -26.65
CA THR E 270 11.81 58.56 -27.73
C THR E 270 10.40 59.14 -27.73
N ALA E 271 9.34 58.35 -27.92
CA ALA E 271 7.98 58.93 -28.01
C ALA E 271 6.78 57.95 -27.85
N SER F 3 -12.02 -12.09 24.19
CA SER F 3 -12.13 -13.24 25.08
C SER F 3 -11.01 -13.27 26.13
N ASP F 4 -9.87 -12.66 25.83
CA ASP F 4 -8.81 -12.51 26.83
C ASP F 4 -9.07 -11.31 27.75
N ARG F 5 -9.85 -10.33 27.30
CA ARG F 5 -10.32 -9.28 28.21
C ARG F 5 -11.30 -9.85 29.23
N VAL F 6 -12.23 -10.69 28.78
CA VAL F 6 -13.20 -11.35 29.67
C VAL F 6 -12.48 -12.15 30.76
N LYS F 7 -11.44 -12.92 30.37
CA LYS F 7 -10.73 -13.79 31.31
C LYS F 7 -9.92 -12.98 32.33
N ARG F 8 -9.13 -12.00 31.84
CA ARG F 8 -8.34 -11.15 32.73
C ARG F 8 -9.25 -10.21 33.53
N GLY F 9 -10.40 -9.83 32.96
CA GLY F 9 -11.37 -9.07 33.73
C GLY F 9 -11.91 -9.84 34.92
N MET F 10 -12.31 -11.09 34.70
CA MET F 10 -12.84 -11.92 35.79
C MET F 10 -11.79 -12.20 36.87
N ALA F 11 -10.51 -12.32 36.47
CA ALA F 11 -9.45 -12.58 37.46
C ALA F 11 -9.15 -11.36 38.31
N GLU F 12 -9.29 -10.15 37.77
CA GLU F 12 -9.05 -8.94 38.55
C GLU F 12 -10.02 -8.81 39.71
N MET F 13 -11.18 -9.49 39.62
CA MET F 13 -12.21 -9.50 40.65
C MET F 13 -11.80 -10.24 41.91
N GLN F 14 -10.51 -10.52 42.07
CA GLN F 14 -9.97 -10.99 43.34
C GLN F 14 -8.84 -10.12 43.84
N LYS F 15 -8.42 -9.11 43.06
CA LYS F 15 -7.25 -8.32 43.41
C LYS F 15 -7.38 -7.72 44.81
N GLY F 16 -6.37 -7.98 45.65
CA GLY F 16 -6.39 -7.63 47.05
C GLY F 16 -6.75 -8.77 47.99
N GLY F 17 -7.30 -9.87 47.45
CA GLY F 17 -7.94 -10.89 48.26
C GLY F 17 -7.02 -12.03 48.67
N VAL F 18 -7.62 -13.00 49.35
CA VAL F 18 -6.95 -14.22 49.79
C VAL F 18 -7.66 -15.42 49.17
N ILE F 19 -6.88 -16.33 48.59
CA ILE F 19 -7.38 -17.57 48.02
C ILE F 19 -6.81 -18.71 48.85
N MET F 20 -7.65 -19.68 49.20
CA MET F 20 -7.27 -20.65 50.22
C MET F 20 -7.44 -22.06 49.68
N ASP F 21 -6.42 -22.89 49.87
CA ASP F 21 -6.50 -24.29 49.48
C ASP F 21 -7.28 -25.08 50.51
N VAL F 22 -8.31 -25.82 50.04
CA VAL F 22 -9.23 -26.58 50.89
C VAL F 22 -9.42 -27.98 50.31
N VAL F 23 -9.77 -28.92 51.19
CA VAL F 23 -9.91 -30.32 50.80
C VAL F 23 -11.32 -30.86 50.95
N ASN F 24 -12.26 -30.12 51.54
CA ASN F 24 -13.62 -30.62 51.68
C ASN F 24 -14.56 -29.45 51.90
N ALA F 25 -15.85 -29.77 52.10
CA ALA F 25 -16.83 -28.72 52.34
C ALA F 25 -16.52 -27.97 53.64
N GLU F 26 -16.20 -28.72 54.71
CA GLU F 26 -15.92 -28.09 56.01
C GLU F 26 -14.88 -26.99 55.88
N GLN F 27 -13.70 -27.33 55.36
CA GLN F 27 -12.66 -26.33 55.13
C GLN F 27 -13.16 -25.21 54.22
N ALA F 28 -13.98 -25.55 53.22
CA ALA F 28 -14.35 -24.59 52.18
C ALA F 28 -15.21 -23.47 52.75
N ARG F 29 -16.17 -23.80 53.61
CA ARG F 29 -16.91 -22.73 54.27
C ARG F 29 -15.99 -21.93 55.18
N ILE F 30 -15.15 -22.61 55.97
CA ILE F 30 -14.20 -21.92 56.83
C ILE F 30 -13.46 -20.85 56.04
N ALA F 31 -13.13 -21.15 54.79
CA ALA F 31 -12.52 -20.15 53.92
C ALA F 31 -13.48 -18.99 53.65
N GLU F 32 -14.72 -19.32 53.28
CA GLU F 32 -15.66 -18.27 52.89
C GLU F 32 -16.10 -17.44 54.08
N GLU F 33 -16.36 -18.08 55.22
CA GLU F 33 -16.68 -17.34 56.44
C GLU F 33 -15.54 -16.44 56.86
N ALA F 34 -14.30 -16.88 56.64
CA ALA F 34 -13.13 -16.11 57.05
C ALA F 34 -12.89 -14.88 56.18
N GLY F 35 -13.47 -14.82 54.99
CA GLY F 35 -13.28 -13.67 54.12
C GLY F 35 -12.56 -13.96 52.81
N ALA F 36 -12.33 -15.24 52.50
CA ALA F 36 -11.65 -15.62 51.27
C ALA F 36 -12.41 -15.12 50.05
N VAL F 37 -11.68 -14.79 48.99
CA VAL F 37 -12.29 -14.41 47.72
C VAL F 37 -12.33 -15.55 46.72
N ALA F 38 -11.87 -16.74 47.09
CA ALA F 38 -11.84 -17.92 46.23
C ALA F 38 -11.22 -19.06 47.02
N VAL F 39 -11.45 -20.28 46.56
CA VAL F 39 -10.86 -21.48 47.14
C VAL F 39 -10.17 -22.30 46.06
N MET F 40 -9.16 -23.04 46.48
CA MET F 40 -8.40 -23.98 45.67
C MET F 40 -8.81 -25.38 46.12
N ALA F 41 -9.71 -26.00 45.36
CA ALA F 41 -10.05 -27.39 45.63
C ALA F 41 -8.85 -28.28 45.34
N LEU F 42 -8.43 -29.06 46.33
CA LEU F 42 -7.41 -30.08 46.09
C LEU F 42 -7.61 -31.26 47.03
N GLU F 43 -7.01 -32.39 46.65
CA GLU F 43 -7.10 -33.61 47.45
C GLU F 43 -6.14 -33.61 48.64
N ARG F 44 -5.00 -32.94 48.52
CA ARG F 44 -4.03 -32.86 49.61
C ARG F 44 -3.35 -31.50 49.60
N VAL F 45 -3.14 -30.95 50.79
CA VAL F 45 -2.50 -29.63 50.95
C VAL F 45 -1.01 -29.78 50.69
N PRO F 46 -0.31 -28.76 50.06
CA PRO F 46 1.08 -28.96 49.64
C PRO F 46 2.06 -29.53 50.67
N SER F 47 1.74 -29.47 51.97
CA SER F 47 2.56 -30.12 52.98
C SER F 47 2.51 -31.65 52.83
N ASP F 48 1.31 -32.21 52.61
CA ASP F 48 1.13 -33.65 52.45
C ASP F 48 1.38 -34.13 51.03
N ILE F 49 1.30 -33.24 50.05
CA ILE F 49 1.76 -33.57 48.71
C ILE F 49 3.24 -33.94 48.74
N ARG F 50 4.06 -33.06 49.35
CA ARG F 50 5.50 -33.32 49.44
C ARG F 50 5.79 -34.44 50.42
N ALA F 51 5.15 -34.41 51.60
CA ALA F 51 5.42 -35.40 52.63
C ALA F 51 5.02 -36.80 52.18
N ALA F 52 4.07 -36.91 51.27
CA ALA F 52 3.70 -38.22 50.75
C ALA F 52 4.74 -38.73 49.76
N GLY F 53 5.22 -37.88 48.88
CA GLY F 53 5.87 -38.38 47.68
C GLY F 53 4.81 -38.93 46.75
N GLY F 54 5.22 -39.84 45.87
CA GLY F 54 4.30 -40.46 44.93
C GLY F 54 3.83 -39.48 43.86
N VAL F 55 2.93 -39.96 43.01
CA VAL F 55 2.39 -39.13 41.94
C VAL F 55 1.20 -38.35 42.46
N ALA F 56 1.21 -37.04 42.23
CA ALA F 56 0.11 -36.15 42.59
C ALA F 56 -0.64 -35.75 41.32
N ARG F 57 -1.88 -36.21 41.19
CA ARG F 57 -2.68 -35.91 40.01
C ARG F 57 -3.74 -34.90 40.39
N MET F 58 -4.66 -34.63 39.46
CA MET F 58 -5.80 -33.80 39.83
C MET F 58 -6.60 -34.46 40.94
N ALA F 59 -7.52 -33.70 41.53
CA ALA F 59 -8.36 -34.29 42.57
C ALA F 59 -9.48 -35.13 41.94
N ASN F 60 -10.01 -36.06 42.73
CA ASN F 60 -11.16 -36.84 42.31
C ASN F 60 -12.34 -35.88 42.12
N PRO F 61 -13.03 -35.94 40.98
CA PRO F 61 -14.15 -35.05 40.73
C PRO F 61 -15.16 -34.83 41.86
N LYS F 62 -15.39 -35.84 42.70
CA LYS F 62 -16.31 -35.70 43.83
C LYS F 62 -15.86 -34.58 44.77
N ILE F 63 -14.55 -34.48 45.02
CA ILE F 63 -14.03 -33.47 45.93
C ILE F 63 -14.27 -32.07 45.36
N VAL F 64 -13.99 -31.88 44.07
CA VAL F 64 -14.28 -30.60 43.42
C VAL F 64 -15.76 -30.26 43.59
N GLU F 65 -16.64 -31.12 43.07
CA GLU F 65 -18.07 -30.85 43.17
C GLU F 65 -18.51 -30.59 44.60
N GLU F 66 -17.95 -31.33 45.57
CA GLU F 66 -18.30 -31.09 46.96
C GLU F 66 -17.96 -29.68 47.39
N VAL F 67 -16.82 -29.15 46.92
CA VAL F 67 -16.40 -27.80 47.29
C VAL F 67 -17.25 -26.74 46.57
N MET F 68 -17.60 -26.96 45.30
CA MET F 68 -18.35 -25.94 44.56
C MET F 68 -19.74 -25.72 45.18
N ASN F 69 -20.32 -26.77 45.76
CA ASN F 69 -21.64 -26.72 46.35
C ASN F 69 -21.62 -26.32 47.81
N ALA F 70 -20.45 -26.08 48.38
CA ALA F 70 -20.33 -25.65 49.77
C ALA F 70 -20.10 -24.16 49.90
N VAL F 71 -19.83 -23.46 48.81
CA VAL F 71 -19.46 -22.05 48.82
C VAL F 71 -20.04 -21.39 47.58
N SER F 72 -20.00 -20.06 47.56
CA SER F 72 -20.48 -19.29 46.42
C SER F 72 -19.44 -18.30 45.88
N ILE F 73 -18.29 -18.18 46.53
CA ILE F 73 -17.11 -17.51 45.98
C ILE F 73 -16.52 -18.42 44.91
N PRO F 74 -15.79 -17.89 43.91
CA PRO F 74 -15.35 -18.76 42.80
C PRO F 74 -14.47 -19.91 43.30
N VAL F 75 -14.59 -21.06 42.64
CA VAL F 75 -13.86 -22.27 43.01
C VAL F 75 -12.86 -22.61 41.91
N MET F 76 -11.59 -22.79 42.31
CA MET F 76 -10.51 -23.16 41.41
C MET F 76 -9.98 -24.55 41.76
N ALA F 77 -9.42 -25.20 40.75
CA ALA F 77 -8.85 -26.53 40.96
C ALA F 77 -7.56 -26.65 40.16
N LYS F 78 -6.69 -27.54 40.64
CA LYS F 78 -5.39 -27.72 40.03
C LYS F 78 -5.44 -28.87 39.02
N ALA F 79 -4.67 -28.71 37.95
CA ALA F 79 -4.43 -29.78 36.99
C ALA F 79 -2.93 -29.87 36.70
N ARG F 80 -2.46 -31.08 36.46
CA ARG F 80 -1.05 -31.28 36.15
C ARG F 80 -0.65 -30.53 34.88
N ILE F 81 0.53 -29.90 34.91
CA ILE F 81 1.09 -29.21 33.76
C ILE F 81 0.93 -30.05 32.51
N GLY F 82 0.41 -29.43 31.47
CA GLY F 82 0.29 -30.08 30.18
C GLY F 82 -0.69 -31.22 30.08
N HIS F 83 -1.45 -31.51 31.14
CA HIS F 83 -2.39 -32.63 31.12
C HIS F 83 -3.70 -32.18 30.45
N ILE F 84 -3.77 -32.32 29.13
CA ILE F 84 -4.88 -31.75 28.36
C ILE F 84 -6.23 -32.25 28.89
N THR F 85 -6.39 -33.56 29.11
CA THR F 85 -7.70 -34.05 29.52
C THR F 85 -8.03 -33.73 30.98
N GLU F 86 -7.03 -33.62 31.87
CA GLU F 86 -7.35 -33.20 33.24
C GLU F 86 -7.98 -31.82 33.23
N ALA F 87 -7.38 -30.90 32.48
CA ALA F 87 -7.91 -29.54 32.42
C ALA F 87 -9.22 -29.51 31.63
N ARG F 88 -9.33 -30.29 30.56
CA ARG F 88 -10.60 -30.35 29.83
C ARG F 88 -11.72 -30.83 30.74
N VAL F 89 -11.44 -31.82 31.58
CA VAL F 89 -12.44 -32.36 32.50
C VAL F 89 -12.87 -31.32 33.52
N LEU F 90 -11.90 -30.62 34.12
CA LEU F 90 -12.24 -29.54 35.04
C LEU F 90 -13.06 -28.47 34.35
N GLU F 91 -12.72 -28.15 33.12
CA GLU F 91 -13.48 -27.16 32.37
C GLU F 91 -14.92 -27.63 32.19
N ALA F 92 -15.13 -28.82 31.61
CA ALA F 92 -16.48 -29.33 31.40
C ALA F 92 -17.29 -29.43 32.69
N MET F 93 -16.64 -29.31 33.85
CA MET F 93 -17.30 -29.29 35.13
C MET F 93 -17.80 -27.91 35.54
N GLY F 94 -17.26 -26.84 34.96
CA GLY F 94 -17.57 -25.51 35.42
C GLY F 94 -16.88 -25.08 36.71
N VAL F 95 -15.65 -25.51 36.96
CA VAL F 95 -14.86 -24.76 37.93
C VAL F 95 -14.63 -23.37 37.34
N ASP F 96 -14.23 -22.45 38.20
CA ASP F 96 -14.10 -21.08 37.74
C ASP F 96 -12.73 -20.80 37.14
N TYR F 97 -11.69 -21.33 37.77
CA TYR F 97 -10.32 -21.17 37.31
C TYR F 97 -9.59 -22.50 37.42
N ILE F 98 -8.72 -22.77 36.46
CA ILE F 98 -7.82 -23.91 36.57
C ILE F 98 -6.41 -23.42 36.83
N ASP F 99 -5.76 -24.01 37.83
CA ASP F 99 -4.35 -23.79 38.10
C ASP F 99 -3.57 -24.90 37.41
N GLU F 100 -2.89 -24.55 36.32
CA GLU F 100 -1.84 -25.42 35.78
C GLU F 100 -0.67 -25.37 36.77
N SER F 101 -0.61 -26.34 37.69
CA SER F 101 0.14 -26.15 38.94
C SER F 101 1.33 -27.09 39.02
N GLU F 102 2.52 -26.51 39.12
CA GLU F 102 3.72 -27.29 39.33
C GLU F 102 3.74 -27.96 40.71
N VAL F 103 2.81 -27.61 41.60
CA VAL F 103 2.69 -28.37 42.84
C VAL F 103 2.37 -29.83 42.54
N LEU F 104 1.64 -30.10 41.45
CA LEU F 104 1.36 -31.47 41.03
C LEU F 104 2.41 -31.96 40.06
N THR F 105 2.81 -33.25 40.24
CA THR F 105 3.65 -34.00 39.30
C THR F 105 3.27 -33.63 37.89
N PRO F 106 4.18 -33.03 37.13
CA PRO F 106 3.83 -32.63 35.76
C PRO F 106 3.59 -33.85 34.88
N ALA F 107 2.69 -33.68 33.92
CA ALA F 107 2.46 -34.70 32.91
C ALA F 107 3.24 -34.45 31.63
N ASP F 108 3.62 -33.20 31.36
CA ASP F 108 4.46 -32.84 30.22
C ASP F 108 5.59 -31.93 30.71
N GLU F 109 6.82 -32.41 30.62
CA GLU F 109 7.92 -31.60 31.08
C GLU F 109 8.46 -30.65 30.03
N GLU F 110 8.12 -30.83 28.76
CA GLU F 110 8.57 -29.88 27.75
C GLU F 110 7.53 -28.81 27.44
N TYR F 111 6.24 -29.15 27.38
CA TYR F 111 5.25 -28.25 26.79
C TYR F 111 4.06 -27.98 27.70
N HIS F 112 3.64 -26.70 27.79
CA HIS F 112 2.46 -26.34 28.57
C HIS F 112 1.19 -26.36 27.72
N LEU F 113 0.05 -26.29 28.40
CA LEU F 113 -1.23 -26.26 27.69
C LEU F 113 -1.37 -25.00 26.85
N ARG F 114 -2.11 -25.12 25.76
CA ARG F 114 -2.49 -23.94 24.99
C ARG F 114 -3.73 -23.37 25.66
N LYS F 115 -3.51 -22.54 26.68
CA LYS F 115 -4.60 -22.06 27.51
C LYS F 115 -5.55 -21.09 26.78
N ASP F 116 -5.14 -20.55 25.62
CA ASP F 116 -6.00 -19.69 24.81
C ASP F 116 -7.04 -20.46 24.00
N GLN F 117 -7.06 -21.78 24.10
CA GLN F 117 -7.98 -22.65 23.40
C GLN F 117 -8.93 -23.34 24.38
N PHE F 118 -8.88 -22.92 25.65
CA PHE F 118 -9.90 -23.23 26.65
C PHE F 118 -10.76 -21.99 26.84
N THR F 119 -11.94 -22.18 27.45
CA THR F 119 -12.74 -21.00 27.78
C THR F 119 -12.62 -20.61 29.25
N VAL F 120 -12.40 -21.56 30.13
CA VAL F 120 -12.09 -21.23 31.54
C VAL F 120 -10.73 -20.54 31.60
N PRO F 121 -10.57 -19.51 32.43
CA PRO F 121 -9.24 -18.90 32.60
C PRO F 121 -8.31 -19.76 33.46
N PHE F 122 -7.02 -19.52 33.26
CA PHE F 122 -5.97 -20.29 33.90
C PHE F 122 -5.10 -19.37 34.75
N VAL F 123 -4.64 -19.89 35.89
CA VAL F 123 -3.52 -19.31 36.65
C VAL F 123 -2.33 -20.25 36.55
N CYS F 124 -1.15 -19.70 36.24
CA CYS F 124 0.09 -20.44 36.15
C CYS F 124 1.15 -19.79 37.03
N GLY F 125 2.22 -20.56 37.35
CA GLY F 125 3.29 -20.04 38.17
C GLY F 125 4.41 -19.35 37.38
N CYS F 126 5.20 -18.54 38.07
CA CYS F 126 6.38 -17.96 37.45
C CYS F 126 7.40 -17.58 38.52
N ARG F 127 8.64 -17.35 38.08
CA ARG F 127 9.73 -16.90 38.93
C ARG F 127 10.51 -15.75 38.30
N ASN F 128 10.23 -15.41 37.05
CA ASN F 128 10.93 -14.33 36.38
C ASN F 128 10.01 -13.82 35.28
N LEU F 129 10.42 -12.73 34.64
CA LEU F 129 9.62 -12.18 33.54
C LEU F 129 9.56 -13.16 32.37
N GLY F 130 10.64 -13.93 32.17
CA GLY F 130 10.67 -15.01 31.18
C GLY F 130 9.53 -16.01 31.31
N GLU F 131 9.42 -16.67 32.47
CA GLU F 131 8.31 -17.60 32.70
C GLU F 131 6.96 -16.88 32.66
N ALA F 132 6.88 -15.67 33.24
CA ALA F 132 5.62 -14.93 33.21
C ALA F 132 5.12 -14.72 31.78
N ALA F 133 5.96 -14.15 30.92
CA ALA F 133 5.53 -13.81 29.57
C ALA F 133 5.19 -15.03 28.75
N ARG F 134 5.87 -16.16 28.97
CA ARG F 134 5.55 -17.37 28.24
C ARG F 134 4.19 -17.92 28.65
N ARG F 135 3.91 -17.96 29.96
CA ARG F 135 2.58 -18.36 30.41
C ARG F 135 1.50 -17.39 29.96
N ILE F 136 1.81 -16.10 29.87
CA ILE F 136 0.85 -15.12 29.36
C ILE F 136 0.58 -15.40 27.87
N GLY F 137 1.65 -15.61 27.09
CA GLY F 137 1.49 -15.86 25.66
C GLY F 137 0.77 -17.16 25.35
N GLU F 138 0.88 -18.15 26.23
CA GLU F 138 0.07 -19.37 26.11
C GLU F 138 -1.40 -19.12 26.44
N GLY F 139 -1.72 -17.98 27.03
CA GLY F 139 -3.08 -17.60 27.34
C GLY F 139 -3.52 -17.63 28.81
N ALA F 140 -2.59 -17.60 29.75
CA ALA F 140 -2.98 -17.47 31.15
C ALA F 140 -3.60 -16.10 31.36
N ALA F 141 -4.54 -16.03 32.30
CA ALA F 141 -5.12 -14.75 32.67
C ALA F 141 -4.70 -14.32 34.07
N MET F 142 -3.94 -15.16 34.76
CA MET F 142 -3.57 -14.95 36.13
C MET F 142 -2.22 -15.61 36.39
N LEU F 143 -1.36 -14.92 37.15
CA LEU F 143 -0.03 -15.41 37.48
C LEU F 143 0.16 -15.45 38.98
N ARG F 144 0.93 -16.43 39.43
CA ARG F 144 1.37 -16.44 40.81
C ARG F 144 2.86 -16.76 40.86
N THR F 145 3.49 -16.43 41.98
CA THR F 145 4.85 -16.87 42.19
C THR F 145 4.88 -18.39 42.32
N LYS F 146 5.97 -19.01 41.87
CA LYS F 146 6.11 -20.44 42.11
C LYS F 146 6.37 -20.71 43.59
N GLY F 147 6.98 -19.74 44.29
CA GLY F 147 7.35 -19.90 45.69
C GLY F 147 8.04 -21.21 46.03
N GLU F 148 7.81 -21.69 47.26
CA GLU F 148 8.32 -22.99 47.71
C GLU F 148 7.19 -23.61 48.52
N PRO F 149 6.20 -24.18 47.85
CA PRO F 149 4.98 -24.57 48.57
C PRO F 149 5.24 -25.67 49.57
N GLY F 150 4.60 -25.55 50.74
CA GLY F 150 4.62 -26.59 51.75
C GLY F 150 5.71 -26.47 52.78
N THR F 151 6.63 -25.52 52.60
CA THR F 151 7.72 -25.31 53.54
C THR F 151 7.37 -24.31 54.63
N GLY F 152 6.35 -23.48 54.41
CA GLY F 152 6.03 -22.42 55.36
C GLY F 152 7.10 -21.35 55.41
N ASN F 153 8.11 -21.52 54.57
CA ASN F 153 9.14 -20.52 54.39
C ASN F 153 8.76 -19.62 53.22
N ILE F 154 8.92 -18.31 53.43
CA ILE F 154 8.38 -17.30 52.53
C ILE F 154 9.40 -16.81 51.52
N VAL F 155 10.67 -17.17 51.70
CA VAL F 155 11.75 -16.45 51.03
C VAL F 155 11.71 -16.65 49.52
N GLU F 156 11.42 -17.86 49.06
CA GLU F 156 11.34 -18.07 47.62
C GLU F 156 10.26 -17.20 46.99
N ALA F 157 9.06 -17.17 47.58
CA ALA F 157 8.02 -16.31 47.03
C ALA F 157 8.46 -14.86 46.97
N VAL F 158 9.32 -14.43 47.90
CA VAL F 158 9.84 -13.07 47.86
C VAL F 158 10.78 -12.88 46.68
N ARG F 159 11.68 -13.84 46.46
CA ARG F 159 12.60 -13.77 45.34
C ARG F 159 11.85 -13.66 44.02
N HIS F 160 10.84 -14.50 43.83
CA HIS F 160 10.12 -14.53 42.57
C HIS F 160 9.30 -13.26 42.37
N MET F 161 8.63 -12.79 43.42
CA MET F 161 7.91 -11.53 43.28
C MET F 161 8.89 -10.41 42.97
N ARG F 162 10.01 -10.37 43.69
CA ARG F 162 10.95 -9.28 43.47
C ARG F 162 11.51 -9.33 42.06
N GLN F 163 11.87 -10.53 41.61
CA GLN F 163 12.46 -10.72 40.29
C GLN F 163 11.52 -10.23 39.20
N VAL F 164 10.28 -10.74 39.20
CA VAL F 164 9.29 -10.30 38.22
C VAL F 164 9.18 -8.78 38.24
N ASN F 165 8.98 -8.21 39.42
CA ASN F 165 8.72 -6.78 39.51
C ASN F 165 9.90 -5.97 39.03
N SER F 166 11.12 -6.45 39.31
CA SER F 166 12.32 -5.76 38.86
C SER F 166 12.42 -5.75 37.33
N GLU F 167 12.27 -6.92 36.70
CA GLU F 167 12.41 -7.00 35.25
C GLU F 167 11.26 -6.30 34.54
N VAL F 168 10.05 -6.37 35.12
CA VAL F 168 8.93 -5.64 34.55
C VAL F 168 9.19 -4.15 34.61
N SER F 169 9.58 -3.67 35.79
CA SER F 169 9.82 -2.24 35.94
C SER F 169 10.92 -1.79 34.99
N ARG F 170 12.02 -2.56 34.92
CA ARG F 170 13.08 -2.29 33.96
C ARG F 170 12.50 -2.13 32.55
N LEU F 171 11.63 -3.06 32.15
CA LEU F 171 11.04 -3.05 30.82
C LEU F 171 10.15 -1.83 30.59
N THR F 172 9.46 -1.34 31.64
CA THR F 172 8.58 -0.19 31.44
C THR F 172 9.33 1.07 31.02
N VAL F 173 10.62 1.18 31.33
CA VAL F 173 11.43 2.33 30.90
C VAL F 173 12.51 1.94 29.89
N MET F 174 12.49 0.69 29.40
CA MET F 174 13.44 0.22 28.39
C MET F 174 13.29 0.94 27.04
N ASN F 175 14.43 1.27 26.44
CA ASN F 175 14.47 1.75 25.05
C ASN F 175 13.77 0.78 24.09
N ASP F 176 13.12 1.35 23.07
CA ASP F 176 12.32 0.54 22.17
C ASP F 176 13.18 -0.44 21.37
N ASP F 177 14.37 -0.01 20.97
CA ASP F 177 15.19 -0.87 20.13
C ASP F 177 16.03 -1.86 20.92
N GLU F 178 15.74 -2.04 22.21
CA GLU F 178 16.44 -3.01 23.03
C GLU F 178 15.54 -4.13 23.51
N ILE F 179 14.24 -4.08 23.20
CA ILE F 179 13.30 -5.06 23.72
C ILE F 179 13.49 -6.41 23.06
N MET F 180 13.77 -6.41 21.74
CA MET F 180 14.05 -7.66 21.03
C MET F 180 15.11 -8.46 21.73
N THR F 181 16.32 -7.91 21.83
CA THR F 181 17.34 -8.76 22.41
C THR F 181 17.19 -8.90 23.91
N PHE F 182 16.37 -8.06 24.55
CA PHE F 182 15.90 -8.40 25.89
C PHE F 182 14.94 -9.57 25.85
N ALA F 183 13.98 -9.52 24.92
CA ALA F 183 13.05 -10.63 24.76
C ALA F 183 13.80 -11.93 24.57
N LYS F 184 14.84 -11.93 23.74
CA LYS F 184 15.48 -13.19 23.45
C LYS F 184 16.38 -13.63 24.59
N ASP F 185 16.98 -12.67 25.30
CA ASP F 185 17.88 -13.03 26.40
C ASP F 185 17.13 -13.75 27.50
N ILE F 186 15.86 -13.42 27.71
CA ILE F 186 15.11 -14.01 28.80
C ILE F 186 14.09 -15.01 28.33
N GLY F 187 13.97 -15.23 27.03
CA GLY F 187 13.11 -16.28 26.51
C GLY F 187 11.65 -15.93 26.48
N ALA F 188 11.33 -14.68 26.26
CA ALA F 188 9.96 -14.26 26.33
C ALA F 188 9.45 -13.91 24.94
N PRO F 189 8.13 -14.03 24.73
CA PRO F 189 7.52 -13.48 23.53
C PRO F 189 7.72 -11.97 23.46
N TYR F 190 8.20 -11.49 22.30
CA TYR F 190 8.55 -10.08 22.13
C TYR F 190 7.32 -9.19 22.08
N GLU F 191 6.23 -9.72 21.52
CA GLU F 191 4.97 -8.99 21.52
C GLU F 191 4.42 -8.83 22.94
N ILE F 192 4.49 -9.88 23.76
CA ILE F 192 4.02 -9.72 25.13
C ILE F 192 4.85 -8.67 25.85
N LEU F 193 6.17 -8.66 25.61
CA LEU F 193 7.00 -7.68 26.30
C LEU F 193 6.63 -6.25 25.86
N LYS F 194 6.37 -6.06 24.57
CA LYS F 194 5.95 -4.74 24.08
C LYS F 194 4.62 -4.30 24.70
N GLN F 195 3.69 -5.24 24.91
CA GLN F 195 2.47 -4.90 25.64
C GLN F 195 2.80 -4.45 27.06
N ILE F 196 3.61 -5.25 27.76
CA ILE F 196 3.89 -4.98 29.17
C ILE F 196 4.47 -3.58 29.36
N LYS F 197 5.21 -3.08 28.35
CA LYS F 197 5.73 -1.71 28.42
C LYS F 197 4.62 -0.68 28.19
N ASP F 198 3.74 -0.91 27.22
CA ASP F 198 2.68 0.05 26.91
C ASP F 198 1.70 0.16 28.05
N ASN F 199 1.12 -0.96 28.47
CA ASN F 199 0.43 -1.02 29.75
C ASN F 199 1.37 -0.58 30.88
N GLY F 200 0.78 -0.23 32.00
CA GLY F 200 1.58 0.03 33.19
C GLY F 200 2.39 -1.16 33.66
N ARG F 201 1.72 -2.22 34.13
CA ARG F 201 2.34 -3.39 34.73
C ARG F 201 2.16 -4.59 33.81
N LEU F 202 2.21 -5.80 34.39
CA LEU F 202 1.75 -6.99 33.67
C LEU F 202 0.29 -6.80 33.24
N PRO F 203 -0.13 -7.41 32.13
CA PRO F 203 -1.54 -7.33 31.73
C PRO F 203 -2.47 -8.24 32.51
N VAL F 204 -1.98 -8.97 33.51
CA VAL F 204 -2.79 -9.83 34.36
C VAL F 204 -2.40 -9.54 35.80
N VAL F 205 -3.11 -10.15 36.74
CA VAL F 205 -2.73 -10.02 38.14
C VAL F 205 -1.73 -11.10 38.49
N ASN F 206 -0.91 -10.81 39.49
CA ASN F 206 0.23 -11.65 39.88
C ASN F 206 0.18 -11.78 41.40
N PHE F 207 -0.35 -12.90 41.89
CA PHE F 207 -0.50 -13.13 43.32
C PHE F 207 0.74 -13.80 43.87
N ALA F 208 0.86 -13.77 45.18
CA ALA F 208 1.95 -14.46 45.86
C ALA F 208 1.44 -15.83 46.31
N ALA F 209 2.29 -16.85 46.21
CA ALA F 209 1.88 -18.20 46.53
C ALA F 209 3.10 -19.01 46.96
N GLY F 210 2.92 -19.85 47.98
CA GLY F 210 4.03 -20.65 48.48
C GLY F 210 4.72 -20.10 49.72
N GLY F 211 4.37 -20.64 50.89
CA GLY F 211 5.11 -20.38 52.10
C GLY F 211 4.47 -19.43 53.09
N VAL F 212 3.31 -18.84 52.79
CA VAL F 212 2.65 -17.94 53.74
C VAL F 212 2.22 -18.74 54.96
N ALA F 213 2.81 -18.41 56.12
CA ALA F 213 2.58 -19.14 57.35
C ALA F 213 2.11 -18.26 58.51
N THR F 214 2.04 -16.95 58.33
CA THR F 214 1.71 -16.01 59.39
C THR F 214 1.02 -14.81 58.77
N PRO F 215 0.21 -14.08 59.55
CA PRO F 215 -0.38 -12.84 59.01
C PRO F 215 0.66 -11.85 58.50
N GLN F 216 1.80 -11.75 59.20
CA GLN F 216 2.87 -10.85 58.76
C GLN F 216 3.42 -11.26 57.40
N ASP F 217 3.53 -12.58 57.14
CA ASP F 217 3.91 -13.05 55.81
C ASP F 217 3.01 -12.45 54.73
N ALA F 218 1.69 -12.60 54.87
CA ALA F 218 0.78 -12.16 53.81
C ALA F 218 0.86 -10.66 53.61
N ALA F 219 0.97 -9.89 54.70
CA ALA F 219 1.12 -8.44 54.58
C ALA F 219 2.38 -8.09 53.82
N LEU F 220 3.49 -8.77 54.15
CA LEU F 220 4.77 -8.57 53.47
C LEU F 220 4.66 -8.79 51.97
N MET F 221 4.03 -9.90 51.57
CA MET F 221 3.80 -10.15 50.15
C MET F 221 3.03 -9.00 49.50
N MET F 222 1.99 -8.51 50.18
CA MET F 222 1.27 -7.35 49.67
C MET F 222 2.18 -6.14 49.65
N GLU F 223 3.01 -5.99 50.68
CA GLU F 223 3.96 -4.87 50.73
C GLU F 223 4.89 -4.89 49.52
N LEU F 224 5.27 -6.08 49.06
CA LEU F 224 6.23 -6.22 47.97
C LEU F 224 5.65 -5.94 46.59
N GLY F 225 4.36 -5.66 46.47
CA GLY F 225 3.75 -5.37 45.19
C GLY F 225 2.87 -6.46 44.64
N ALA F 226 2.59 -7.51 45.42
CA ALA F 226 1.70 -8.55 44.96
C ALA F 226 0.30 -7.97 44.71
N ASP F 227 -0.48 -8.68 43.90
CA ASP F 227 -1.88 -8.39 43.67
C ASP F 227 -2.79 -9.22 44.57
N GLY F 228 -2.24 -10.09 45.40
CA GLY F 228 -3.02 -10.93 46.28
C GLY F 228 -2.20 -12.10 46.78
N VAL F 229 -2.86 -12.97 47.53
CA VAL F 229 -2.19 -14.01 48.30
C VAL F 229 -2.92 -15.34 48.15
N PHE F 230 -2.19 -16.38 47.76
CA PHE F 230 -2.64 -17.76 47.95
C PHE F 230 -2.07 -18.29 49.25
N VAL F 231 -2.81 -19.19 49.89
CA VAL F 231 -2.32 -19.83 51.11
C VAL F 231 -3.06 -21.14 51.26
N GLY F 232 -2.36 -22.18 51.69
CA GLY F 232 -3.00 -23.47 51.84
C GLY F 232 -2.50 -24.25 53.05
N SER F 233 -1.18 -24.48 53.08
CA SER F 233 -0.58 -25.14 54.24
C SER F 233 -0.69 -24.27 55.48
N GLY F 234 -0.30 -22.99 55.36
CA GLY F 234 -0.21 -22.13 56.53
C GLY F 234 -1.44 -22.15 57.41
N ILE F 235 -2.62 -22.37 56.82
CA ILE F 235 -3.86 -22.25 57.58
C ILE F 235 -4.26 -23.57 58.22
N PHE F 236 -4.39 -24.61 57.42
CA PHE F 236 -5.07 -25.77 57.97
C PHE F 236 -4.13 -26.70 58.73
N LYS F 237 -2.82 -26.54 58.55
CA LYS F 237 -1.84 -27.23 59.39
C LYS F 237 -1.47 -26.39 60.61
N SER F 238 -2.44 -25.78 61.30
CA SER F 238 -2.19 -24.74 62.30
C SER F 238 -2.88 -25.06 63.62
N GLU F 239 -2.75 -24.11 64.55
CA GLU F 239 -3.38 -24.22 65.87
C GLU F 239 -4.91 -24.15 65.76
N ASP F 240 -5.43 -23.01 65.30
CA ASP F 240 -6.87 -22.77 65.17
C ASP F 240 -7.17 -22.20 63.79
N PRO F 241 -7.23 -23.06 62.74
CA PRO F 241 -7.33 -22.57 61.36
C PRO F 241 -8.47 -21.60 61.11
N GLU F 242 -9.49 -21.59 61.96
CA GLU F 242 -10.53 -20.57 61.82
C GLU F 242 -9.96 -19.18 62.10
N LYS F 243 -9.18 -19.05 63.18
CA LYS F 243 -8.62 -17.73 63.50
C LYS F 243 -7.43 -17.38 62.60
N PHE F 244 -6.65 -18.38 62.19
CA PHE F 244 -5.58 -18.17 61.22
C PHE F 244 -6.13 -17.62 59.91
N ALA F 245 -7.24 -18.18 59.44
CA ALA F 245 -7.80 -17.75 58.17
C ALA F 245 -8.21 -16.28 58.22
N LYS F 246 -8.98 -15.88 59.23
CA LYS F 246 -9.41 -14.48 59.30
C LYS F 246 -8.23 -13.55 59.51
N ALA F 247 -7.23 -13.99 60.28
CA ALA F 247 -6.03 -13.18 60.46
C ALA F 247 -5.34 -12.91 59.14
N ILE F 248 -5.24 -13.94 58.28
CA ILE F 248 -4.54 -13.76 57.01
C ILE F 248 -5.37 -12.93 56.03
N VAL F 249 -6.70 -13.07 56.05
CA VAL F 249 -7.54 -12.24 55.20
C VAL F 249 -7.43 -10.77 55.61
N GLN F 250 -7.41 -10.50 56.91
CA GLN F 250 -7.37 -9.13 57.39
C GLN F 250 -6.00 -8.49 57.22
N ALA F 251 -4.94 -9.27 57.43
CA ALA F 251 -3.59 -8.74 57.19
C ALA F 251 -3.40 -8.41 55.72
N THR F 252 -4.01 -9.20 54.82
CA THR F 252 -3.88 -8.92 53.40
C THR F 252 -4.59 -7.63 53.01
N THR F 253 -5.87 -7.48 53.34
CA THR F 253 -6.53 -6.25 52.91
C THR F 253 -5.99 -5.03 53.65
N HIS F 254 -5.47 -5.18 54.87
CA HIS F 254 -5.04 -4.02 55.65
C HIS F 254 -3.54 -4.00 55.88
N TYR F 255 -2.75 -4.22 54.82
CA TYR F 255 -1.40 -4.70 55.02
C TYR F 255 -0.42 -3.66 55.59
N GLN F 256 -0.82 -2.39 55.72
CA GLN F 256 0.03 -1.39 56.37
C GLN F 256 -0.47 -0.99 57.75
N ASP F 257 -1.42 -1.74 58.31
CA ASP F 257 -1.93 -1.53 59.67
C ASP F 257 -1.13 -2.41 60.62
N TYR F 258 0.08 -1.95 60.94
CA TYR F 258 1.02 -2.75 61.72
C TYR F 258 0.55 -2.92 63.16
N GLU F 259 -0.28 -1.99 63.64
CA GLU F 259 -0.92 -2.14 64.94
C GLU F 259 -1.99 -3.24 64.89
N LEU F 260 -2.72 -3.34 63.76
CA LEU F 260 -3.71 -4.39 63.62
C LEU F 260 -3.03 -5.75 63.43
N ILE F 261 -2.04 -5.82 62.53
CA ILE F 261 -1.39 -7.11 62.27
C ILE F 261 -0.81 -7.66 63.57
N GLY F 262 -0.20 -6.79 64.39
CA GLY F 262 0.33 -7.24 65.66
C GLY F 262 -0.73 -7.82 66.58
N ARG F 263 -1.78 -7.03 66.82
CA ARG F 263 -2.97 -7.52 67.49
C ARG F 263 -3.36 -8.89 66.95
N LEU F 264 -3.50 -8.98 65.62
CA LEU F 264 -3.99 -10.19 64.98
C LEU F 264 -3.11 -11.39 65.32
N ALA F 265 -1.79 -11.22 65.24
CA ALA F 265 -0.88 -12.29 65.61
C ALA F 265 -1.06 -12.63 67.10
N SER F 266 -1.80 -13.71 67.34
CA SER F 266 -2.07 -14.22 68.69
C SER F 266 -2.68 -15.61 68.61
N GLU F 267 -1.91 -16.53 67.97
CA GLU F 267 -2.10 -17.98 67.89
C GLU F 267 -0.75 -18.67 68.05
N LEU F 268 -0.50 -19.84 67.42
CA LEU F 268 0.80 -20.50 67.61
C LEU F 268 1.12 -21.67 66.67
N GLY F 269 1.13 -21.46 65.35
CA GLY F 269 1.32 -22.54 64.41
C GLY F 269 2.47 -22.31 63.44
N THR F 270 3.03 -23.43 62.98
CA THR F 270 4.01 -23.48 61.88
C THR F 270 3.50 -24.41 60.79
N ALA F 271 3.43 -23.92 59.56
CA ALA F 271 2.87 -24.70 58.45
C ALA F 271 3.19 -24.11 57.08
N ILE G 1 4.64 -55.01 2.22
CA ILE G 1 4.21 -56.05 1.30
C ILE G 1 4.51 -57.46 1.86
N GLY G 2 3.53 -58.36 1.81
CA GLY G 2 3.69 -59.76 2.17
C GLY G 2 3.31 -60.14 3.60
N SER G 3 4.09 -61.05 4.18
CA SER G 3 3.97 -61.37 5.60
C SER G 3 3.91 -60.12 6.46
N ASP G 4 4.63 -59.06 6.07
CA ASP G 4 4.59 -57.83 6.84
C ASP G 4 3.20 -57.22 6.81
N ARG G 5 2.47 -57.36 5.70
CA ARG G 5 1.10 -56.86 5.62
C ARG G 5 0.19 -57.57 6.60
N VAL G 6 0.32 -58.90 6.71
CA VAL G 6 -0.50 -59.66 7.66
C VAL G 6 -0.17 -59.24 9.10
N LYS G 7 1.12 -59.28 9.47
CA LYS G 7 1.54 -58.94 10.83
C LYS G 7 1.08 -57.54 11.22
N ARG G 8 1.39 -56.54 10.39
CA ARG G 8 1.03 -55.16 10.71
C ARG G 8 -0.49 -54.99 10.68
N GLY G 9 -1.15 -55.60 9.69
CA GLY G 9 -2.59 -55.54 9.61
C GLY G 9 -3.27 -56.08 10.85
N MET G 10 -2.82 -57.24 11.34
CA MET G 10 -3.37 -57.78 12.57
C MET G 10 -3.24 -56.79 13.73
N ALA G 11 -2.03 -56.26 13.97
CA ALA G 11 -1.83 -55.27 15.03
C ALA G 11 -2.81 -54.10 14.92
N GLU G 12 -3.05 -53.65 13.68
CA GLU G 12 -3.95 -52.52 13.50
C GLU G 12 -5.38 -52.84 13.95
N MET G 13 -5.73 -54.13 14.09
CA MET G 13 -7.04 -54.52 14.60
C MET G 13 -7.31 -53.93 15.98
N GLN G 14 -6.28 -53.79 16.81
CA GLN G 14 -6.47 -53.28 18.15
C GLN G 14 -6.41 -51.77 18.23
N LYS G 15 -6.30 -51.08 17.09
CA LYS G 15 -6.30 -49.63 17.06
C LYS G 15 -7.54 -49.07 17.76
N GLY G 16 -7.32 -48.11 18.65
CA GLY G 16 -8.38 -47.59 19.49
C GLY G 16 -8.60 -48.31 20.80
N GLY G 17 -7.99 -49.48 21.00
CA GLY G 17 -8.32 -50.33 22.12
C GLY G 17 -7.41 -50.16 23.33
N VAL G 18 -7.72 -50.93 24.36
CA VAL G 18 -6.95 -50.96 25.60
C VAL G 18 -6.49 -52.39 25.83
N ILE G 19 -5.18 -52.56 26.00
CA ILE G 19 -4.58 -53.86 26.30
C ILE G 19 -4.18 -53.87 27.77
N MET G 20 -4.37 -55.02 28.41
CA MET G 20 -4.35 -55.11 29.86
C MET G 20 -3.37 -56.18 30.29
N ASP G 21 -2.34 -55.78 31.01
CA ASP G 21 -1.43 -56.76 31.59
C ASP G 21 -2.21 -57.58 32.63
N VAL G 22 -2.31 -58.90 32.43
CA VAL G 22 -3.02 -59.79 33.35
C VAL G 22 -2.09 -60.89 33.83
N VAL G 23 -2.36 -61.39 35.04
CA VAL G 23 -1.50 -62.40 35.65
C VAL G 23 -2.20 -63.74 35.86
N ASN G 24 -3.52 -63.81 35.76
CA ASN G 24 -4.24 -65.06 35.92
C ASN G 24 -5.51 -65.02 35.08
N ALA G 25 -6.32 -66.07 35.20
CA ALA G 25 -7.59 -66.08 34.48
C ALA G 25 -8.54 -65.04 35.07
N GLU G 26 -8.63 -64.99 36.41
CA GLU G 26 -9.51 -64.04 37.09
C GLU G 26 -9.31 -62.63 36.55
N GLN G 27 -8.06 -62.15 36.55
CA GLN G 27 -7.75 -60.87 35.91
C GLN G 27 -8.12 -60.89 34.44
N ALA G 28 -7.69 -61.94 33.73
CA ALA G 28 -7.92 -62.02 32.30
C ALA G 28 -9.39 -61.86 31.96
N ARG G 29 -10.28 -62.52 32.71
CA ARG G 29 -11.71 -62.29 32.48
C ARG G 29 -12.06 -60.83 32.75
N ILE G 30 -11.64 -60.28 33.90
CA ILE G 30 -11.94 -58.89 34.20
C ILE G 30 -11.59 -58.00 33.02
N ALA G 31 -10.42 -58.25 32.41
CA ALA G 31 -10.01 -57.49 31.24
C ALA G 31 -11.05 -57.60 30.13
N GLU G 32 -11.42 -58.84 29.78
CA GLU G 32 -12.37 -59.03 28.68
C GLU G 32 -13.73 -58.43 29.01
N GLU G 33 -14.24 -58.67 30.24
CA GLU G 33 -15.56 -58.15 30.63
C GLU G 33 -15.59 -56.65 30.80
N ALA G 34 -14.43 -56.02 30.90
CA ALA G 34 -14.37 -54.57 31.03
C ALA G 34 -14.27 -53.86 29.68
N GLY G 35 -14.10 -54.58 28.59
CA GLY G 35 -13.98 -53.97 27.28
C GLY G 35 -12.60 -54.01 26.66
N ALA G 36 -11.66 -54.78 27.21
CA ALA G 36 -10.30 -54.79 26.73
C ALA G 36 -10.22 -55.45 25.35
N VAL G 37 -9.36 -54.90 24.49
CA VAL G 37 -9.18 -55.48 23.16
C VAL G 37 -8.11 -56.55 23.08
N ALA G 38 -7.26 -56.69 24.10
CA ALA G 38 -6.27 -57.78 24.19
C ALA G 38 -5.79 -57.86 25.63
N VAL G 39 -5.04 -58.91 25.93
CA VAL G 39 -4.43 -59.07 27.24
C VAL G 39 -2.95 -59.37 27.06
N MET G 40 -2.14 -58.89 28.00
CA MET G 40 -0.72 -59.23 28.05
C MET G 40 -0.50 -60.18 29.22
N ALA G 41 -0.21 -61.44 28.89
CA ALA G 41 0.17 -62.42 29.90
C ALA G 41 1.54 -62.10 30.50
N LEU G 42 1.58 -61.95 31.82
CA LEU G 42 2.87 -61.83 32.50
C LEU G 42 2.79 -62.38 33.92
N GLU G 43 3.98 -62.70 34.48
CA GLU G 43 4.09 -63.34 35.78
C GLU G 43 3.96 -62.36 36.95
N ARG G 44 4.41 -61.12 36.78
CA ARG G 44 4.22 -60.04 37.76
C ARG G 44 3.94 -58.76 37.00
N VAL G 45 2.96 -57.97 37.46
CA VAL G 45 2.67 -56.66 36.86
C VAL G 45 3.91 -55.77 36.99
N PRO G 46 4.09 -54.74 36.16
CA PRO G 46 5.39 -54.04 36.10
C PRO G 46 5.78 -53.29 37.39
N SER G 47 4.86 -53.12 38.36
CA SER G 47 5.22 -52.53 39.65
C SER G 47 5.99 -53.53 40.52
N ASP G 48 5.61 -54.81 40.48
CA ASP G 48 6.27 -55.83 41.29
C ASP G 48 7.52 -56.37 40.63
N ILE G 49 7.57 -56.40 39.30
CA ILE G 49 8.85 -56.54 38.61
C ILE G 49 9.84 -55.54 39.18
N ARG G 50 9.38 -54.30 39.34
CA ARG G 50 10.22 -53.21 39.81
C ARG G 50 10.67 -53.45 41.26
N ALA G 51 9.70 -53.67 42.17
CA ALA G 51 10.02 -53.79 43.58
C ALA G 51 10.82 -55.07 43.87
N ALA G 52 10.38 -56.20 43.30
CA ALA G 52 11.14 -57.44 43.49
C ALA G 52 12.56 -57.31 42.98
N GLY G 53 12.78 -56.51 41.94
CA GLY G 53 14.07 -56.56 41.28
C GLY G 53 14.25 -57.95 40.70
N GLY G 54 15.44 -58.54 40.93
CA GLY G 54 15.72 -59.89 40.45
C GLY G 54 15.94 -59.95 38.94
N VAL G 55 15.74 -61.14 38.40
CA VAL G 55 15.82 -61.38 36.96
C VAL G 55 14.42 -61.70 36.46
N ALA G 56 13.82 -60.76 35.71
CA ALA G 56 12.50 -60.98 35.13
C ALA G 56 12.65 -61.77 33.83
N ARG G 57 12.21 -63.04 33.84
CA ARG G 57 12.18 -63.83 32.62
C ARG G 57 10.74 -63.95 32.14
N MET G 58 10.57 -64.60 30.99
CA MET G 58 9.23 -64.92 30.51
C MET G 58 8.49 -65.73 31.56
N ALA G 59 7.17 -65.66 31.51
CA ALA G 59 6.37 -66.40 32.47
C ALA G 59 6.38 -67.88 32.11
N ASN G 60 6.11 -68.71 33.12
CA ASN G 60 5.91 -70.13 32.89
C ASN G 60 4.88 -70.31 31.78
N PRO G 61 5.15 -71.14 30.77
CA PRO G 61 4.15 -71.38 29.72
C PRO G 61 2.78 -71.77 30.26
N LYS G 62 2.72 -72.39 31.44
CA LYS G 62 1.45 -72.74 32.09
C LYS G 62 0.64 -71.49 32.42
N ILE G 63 1.29 -70.43 32.88
CA ILE G 63 0.57 -69.18 33.15
C ILE G 63 -0.09 -68.66 31.88
N VAL G 64 0.66 -68.67 30.77
CA VAL G 64 0.11 -68.14 29.52
C VAL G 64 -1.12 -68.92 29.10
N GLU G 65 -0.98 -70.25 28.96
CA GLU G 65 -2.12 -71.09 28.59
C GLU G 65 -3.35 -70.77 29.43
N GLU G 66 -3.17 -70.71 30.76
CA GLU G 66 -4.29 -70.36 31.64
C GLU G 66 -4.99 -69.08 31.19
N VAL G 67 -4.23 -68.11 30.67
CA VAL G 67 -4.85 -66.87 30.19
C VAL G 67 -5.45 -67.05 28.80
N MET G 68 -4.78 -67.79 27.90
CA MET G 68 -5.34 -68.00 26.56
C MET G 68 -6.67 -68.75 26.62
N ASN G 69 -6.80 -69.66 27.60
CA ASN G 69 -7.99 -70.49 27.78
C ASN G 69 -9.09 -69.80 28.57
N ALA G 70 -8.89 -68.57 29.01
CA ALA G 70 -9.91 -67.84 29.76
C ALA G 70 -10.51 -66.69 28.99
N VAL G 71 -10.02 -66.39 27.79
CA VAL G 71 -10.49 -65.26 27.01
C VAL G 71 -10.53 -65.64 25.54
N SER G 72 -11.25 -64.82 24.77
CA SER G 72 -11.33 -64.98 23.33
C SER G 72 -10.75 -63.79 22.58
N ILE G 73 -10.32 -62.75 23.28
CA ILE G 73 -9.55 -61.66 22.65
C ILE G 73 -8.10 -62.11 22.50
N PRO G 74 -7.32 -61.50 21.62
CA PRO G 74 -5.96 -62.00 21.39
C PRO G 74 -5.10 -61.89 22.65
N VAL G 75 -4.15 -62.82 22.80
CA VAL G 75 -3.29 -62.88 23.98
C VAL G 75 -1.85 -62.57 23.58
N MET G 76 -1.25 -61.63 24.30
CA MET G 76 0.16 -61.27 24.17
C MET G 76 0.93 -61.72 25.40
N ALA G 77 2.21 -62.02 25.19
CA ALA G 77 3.12 -62.41 26.26
C ALA G 77 4.47 -61.78 26.02
N LYS G 78 5.22 -61.56 27.11
CA LYS G 78 6.48 -60.86 27.05
C LYS G 78 7.66 -61.84 26.98
N ALA G 79 8.67 -61.47 26.19
CA ALA G 79 9.94 -62.18 26.12
C ALA G 79 11.10 -61.22 26.40
N ARG G 80 12.15 -61.74 27.02
CA ARG G 80 13.34 -60.93 27.23
C ARG G 80 13.97 -60.53 25.89
N ILE G 81 14.64 -59.39 25.90
CA ILE G 81 15.16 -58.84 24.66
C ILE G 81 16.21 -59.77 24.10
N GLY G 82 16.10 -60.08 22.80
CA GLY G 82 17.08 -60.94 22.17
C GLY G 82 17.16 -62.34 22.73
N HIS G 83 16.13 -62.78 23.48
CA HIS G 83 16.02 -64.16 23.92
C HIS G 83 15.32 -64.99 22.84
N ILE G 84 16.12 -65.47 21.87
CA ILE G 84 15.57 -66.21 20.73
C ILE G 84 14.60 -67.30 21.18
N THR G 85 15.04 -68.18 22.09
CA THR G 85 14.20 -69.33 22.43
C THR G 85 13.07 -68.99 23.39
N GLU G 86 13.13 -67.88 24.13
CA GLU G 86 11.92 -67.49 24.87
C GLU G 86 10.82 -67.13 23.89
N ALA G 87 11.14 -66.31 22.90
CA ALA G 87 10.16 -65.97 21.88
C ALA G 87 9.74 -67.21 21.10
N ARG G 88 10.70 -68.02 20.64
CA ARG G 88 10.36 -69.17 19.82
C ARG G 88 9.40 -70.13 20.53
N VAL G 89 9.60 -70.32 21.83
CA VAL G 89 8.64 -71.08 22.65
C VAL G 89 7.28 -70.40 22.64
N LEU G 90 7.25 -69.10 22.95
CA LEU G 90 6.00 -68.33 22.92
C LEU G 90 5.34 -68.39 21.56
N GLU G 91 6.14 -68.32 20.49
CA GLU G 91 5.59 -68.45 19.15
C GLU G 91 5.01 -69.83 18.91
N ALA G 92 5.69 -70.87 19.40
CA ALA G 92 5.22 -72.23 19.22
C ALA G 92 3.93 -72.46 19.98
N MET G 93 3.74 -71.75 21.08
CA MET G 93 2.55 -71.86 21.90
C MET G 93 1.34 -71.22 21.26
N GLY G 94 1.54 -70.60 20.09
CA GLY G 94 0.50 -69.87 19.41
C GLY G 94 -0.08 -68.76 20.25
N VAL G 95 0.76 -67.83 20.70
CA VAL G 95 0.24 -66.57 21.25
C VAL G 95 -0.03 -65.67 20.06
N ASP G 96 -0.68 -64.55 20.29
CA ASP G 96 -0.98 -63.70 19.14
C ASP G 96 0.16 -62.76 18.85
N TYR G 97 0.82 -62.30 19.91
CA TYR G 97 1.86 -61.29 19.81
C TYR G 97 2.89 -61.57 20.89
N ILE G 98 4.15 -61.35 20.55
CA ILE G 98 5.21 -61.26 21.55
C ILE G 98 5.63 -59.80 21.66
N ASP G 99 5.71 -59.33 22.92
CA ASP G 99 6.34 -58.07 23.30
C ASP G 99 7.78 -58.40 23.69
N GLU G 100 8.72 -58.09 22.80
CA GLU G 100 10.13 -58.02 23.19
C GLU G 100 10.29 -56.86 24.18
N SER G 101 10.20 -57.13 25.49
CA SER G 101 9.88 -56.10 26.47
C SER G 101 11.08 -55.80 27.35
N GLU G 102 11.49 -54.53 27.34
CA GLU G 102 12.48 -54.04 28.28
C GLU G 102 11.98 -53.99 29.69
N VAL G 103 10.73 -54.35 29.95
CA VAL G 103 10.29 -54.50 31.33
C VAL G 103 10.90 -55.75 31.94
N LEU G 104 11.32 -56.70 31.10
CA LEU G 104 12.04 -57.87 31.56
C LEU G 104 13.52 -57.61 31.46
N THR G 105 14.29 -58.26 32.35
CA THR G 105 15.74 -58.26 32.29
C THR G 105 16.18 -58.71 30.91
N PRO G 106 16.91 -57.89 30.15
CA PRO G 106 17.31 -58.34 28.80
C PRO G 106 18.19 -59.59 28.87
N ALA G 107 18.06 -60.44 27.86
CA ALA G 107 19.02 -61.52 27.68
C ALA G 107 20.19 -61.10 26.80
N ASP G 108 20.01 -60.05 26.01
CA ASP G 108 21.04 -59.55 25.10
C ASP G 108 21.04 -58.03 25.14
N GLU G 109 22.13 -57.43 25.61
CA GLU G 109 22.20 -55.99 25.73
C GLU G 109 22.73 -55.31 24.48
N GLU G 110 23.21 -56.08 23.51
CA GLU G 110 23.70 -55.54 22.23
C GLU G 110 22.73 -55.74 21.06
N TYR G 111 21.96 -56.82 21.02
CA TYR G 111 21.25 -57.16 19.79
C TYR G 111 19.79 -57.55 20.06
N HIS G 112 18.89 -57.02 19.25
CA HIS G 112 17.48 -57.38 19.32
C HIS G 112 17.17 -58.53 18.37
N LEU G 113 16.00 -59.14 18.54
CA LEU G 113 15.65 -60.30 17.73
C LEU G 113 15.41 -59.90 16.27
N ARG G 114 15.79 -60.79 15.35
CA ARG G 114 15.43 -60.61 13.94
C ARG G 114 13.99 -61.07 13.73
N LYS G 115 13.07 -60.25 14.21
CA LYS G 115 11.65 -60.60 14.23
C LYS G 115 11.09 -60.94 12.84
N ASP G 116 11.69 -60.42 11.76
CA ASP G 116 11.22 -60.76 10.42
C ASP G 116 11.40 -62.23 10.07
N GLN G 117 12.12 -62.99 10.89
CA GLN G 117 12.31 -64.42 10.70
C GLN G 117 11.45 -65.23 11.66
N PHE G 118 10.47 -64.59 12.29
CA PHE G 118 9.36 -65.24 12.97
C PHE G 118 8.11 -65.06 12.14
N THR G 119 7.07 -65.83 12.45
CA THR G 119 5.79 -65.52 11.84
C THR G 119 4.82 -64.84 12.80
N VAL G 120 4.91 -65.11 14.10
CA VAL G 120 4.11 -64.31 15.04
C VAL G 120 4.57 -62.86 14.98
N PRO G 121 3.67 -61.89 15.01
CA PRO G 121 4.08 -60.48 14.99
C PRO G 121 4.60 -60.05 16.35
N PHE G 122 5.47 -59.05 16.33
CA PHE G 122 6.10 -58.54 17.55
C PHE G 122 5.68 -57.11 17.83
N VAL G 123 5.73 -56.75 19.11
CA VAL G 123 5.63 -55.37 19.55
C VAL G 123 6.88 -55.01 20.36
N CYS G 124 7.43 -53.83 20.11
CA CYS G 124 8.57 -53.31 20.85
C CYS G 124 8.30 -51.88 21.31
N GLY G 125 9.08 -51.46 22.32
CA GLY G 125 9.05 -50.10 22.81
C GLY G 125 10.03 -49.20 22.08
N CYS G 126 9.81 -47.90 22.21
CA CYS G 126 10.70 -46.91 21.61
C CYS G 126 10.50 -45.59 22.34
N ARG G 127 11.33 -44.61 21.99
CA ARG G 127 11.28 -43.29 22.61
C ARG G 127 11.55 -42.19 21.61
N ASN G 128 11.86 -42.52 20.37
CA ASN G 128 12.27 -41.57 19.36
C ASN G 128 12.27 -42.32 18.03
N LEU G 129 12.35 -41.57 16.94
CA LEU G 129 12.23 -42.19 15.62
C LEU G 129 13.38 -43.17 15.34
N GLY G 130 14.59 -42.84 15.78
CA GLY G 130 15.70 -43.75 15.61
C GLY G 130 15.42 -45.13 16.18
N GLU G 131 14.97 -45.17 17.44
CA GLU G 131 14.58 -46.45 18.03
C GLU G 131 13.37 -47.06 17.33
N ALA G 132 12.38 -46.25 16.98
CA ALA G 132 11.23 -46.79 16.27
C ALA G 132 11.65 -47.40 14.93
N ALA G 133 12.58 -46.76 14.23
CA ALA G 133 12.95 -47.22 12.88
C ALA G 133 13.75 -48.50 12.95
N ARG G 134 14.64 -48.62 13.94
CA ARG G 134 15.44 -49.85 14.07
C ARG G 134 14.56 -51.03 14.45
N ARG G 135 13.57 -50.83 15.32
CA ARG G 135 12.65 -51.90 15.69
C ARG G 135 11.77 -52.30 14.50
N ILE G 136 11.23 -51.32 13.78
CA ILE G 136 10.53 -51.62 12.53
C ILE G 136 11.45 -52.36 11.58
N GLY G 137 12.70 -51.88 11.46
CA GLY G 137 13.63 -52.49 10.52
C GLY G 137 13.98 -53.93 10.85
N GLU G 138 13.84 -54.33 12.11
CA GLU G 138 13.99 -55.72 12.51
C GLU G 138 12.71 -56.52 12.36
N GLY G 139 11.62 -55.88 11.93
CA GLY G 139 10.36 -56.57 11.73
C GLY G 139 9.35 -56.44 12.85
N ALA G 140 9.45 -55.41 13.69
CA ALA G 140 8.38 -55.15 14.63
C ALA G 140 7.13 -54.81 13.83
N ALA G 141 6.00 -55.38 14.22
CA ALA G 141 4.74 -55.05 13.57
C ALA G 141 3.97 -53.96 14.28
N MET G 142 4.38 -53.61 15.50
CA MET G 142 3.62 -52.74 16.38
C MET G 142 4.56 -52.13 17.43
N LEU G 143 4.36 -50.83 17.71
CA LEU G 143 5.26 -50.04 18.56
C LEU G 143 4.52 -49.50 19.78
N ARG G 144 5.27 -49.34 20.88
CA ARG G 144 4.76 -48.66 22.05
C ARG G 144 5.79 -47.69 22.61
N THR G 145 5.33 -46.79 23.46
CA THR G 145 6.27 -46.00 24.23
C THR G 145 6.94 -46.90 25.26
N LYS G 146 8.21 -46.64 25.54
CA LYS G 146 8.80 -47.33 26.68
C LYS G 146 8.18 -46.83 27.97
N GLY G 147 7.75 -45.56 28.00
CA GLY G 147 7.17 -45.01 29.18
C GLY G 147 8.07 -45.22 30.39
N GLU G 148 7.43 -45.38 31.54
CA GLU G 148 8.12 -45.65 32.79
C GLU G 148 7.22 -46.60 33.58
N PRO G 149 7.30 -47.90 33.27
CA PRO G 149 6.33 -48.83 33.85
C PRO G 149 6.45 -48.94 35.36
N GLY G 150 5.29 -49.04 36.01
CA GLY G 150 5.19 -49.27 37.44
C GLY G 150 5.14 -48.02 38.28
N THR G 151 5.03 -46.83 37.66
CA THR G 151 5.13 -45.59 38.40
C THR G 151 3.81 -44.86 38.52
N GLY G 152 2.85 -45.14 37.64
CA GLY G 152 1.61 -44.38 37.62
C GLY G 152 1.86 -42.96 37.15
N ASN G 153 3.06 -42.73 36.64
CA ASN G 153 3.45 -41.42 36.14
C ASN G 153 3.44 -41.45 34.63
N ILE G 154 2.65 -40.54 34.06
CA ILE G 154 2.44 -40.51 32.62
C ILE G 154 3.48 -39.69 31.89
N VAL G 155 4.32 -38.94 32.61
CA VAL G 155 5.16 -37.93 31.97
C VAL G 155 6.09 -38.58 30.94
N GLU G 156 6.71 -39.70 31.31
CA GLU G 156 7.66 -40.29 30.38
C GLU G 156 6.96 -40.74 29.11
N ALA G 157 5.84 -41.46 29.25
CA ALA G 157 5.06 -41.85 28.07
C ALA G 157 4.71 -40.65 27.21
N VAL G 158 4.45 -39.50 27.83
CA VAL G 158 4.12 -38.28 27.08
C VAL G 158 5.33 -37.77 26.31
N ARG G 159 6.51 -37.78 26.93
CA ARG G 159 7.74 -37.37 26.24
C ARG G 159 7.96 -38.18 24.98
N HIS G 160 7.80 -39.51 25.08
CA HIS G 160 8.13 -40.42 23.99
C HIS G 160 7.15 -40.31 22.84
N MET G 161 5.85 -40.30 23.14
CA MET G 161 4.85 -40.07 22.11
C MET G 161 5.09 -38.74 21.41
N ARG G 162 5.35 -37.68 22.19
CA ARG G 162 5.60 -36.37 21.61
C ARG G 162 6.84 -36.38 20.73
N GLN G 163 7.91 -37.01 21.23
CA GLN G 163 9.17 -37.13 20.48
C GLN G 163 8.97 -37.83 19.13
N VAL G 164 8.43 -39.05 19.15
CA VAL G 164 8.25 -39.81 17.92
C VAL G 164 7.40 -39.04 16.92
N ASN G 165 6.28 -38.47 17.39
CA ASN G 165 5.35 -37.79 16.49
C ASN G 165 6.00 -36.55 15.89
N SER G 166 6.77 -35.82 16.69
CA SER G 166 7.45 -34.64 16.15
C SER G 166 8.46 -35.04 15.07
N GLU G 167 9.23 -36.09 15.33
CA GLU G 167 10.22 -36.49 14.34
C GLU G 167 9.57 -37.03 13.07
N VAL G 168 8.50 -37.82 13.21
CA VAL G 168 7.80 -38.35 12.04
C VAL G 168 7.25 -37.20 11.20
N SER G 169 6.56 -36.24 11.83
CA SER G 169 5.93 -35.20 11.04
C SER G 169 6.97 -34.34 10.32
N ARG G 170 8.05 -33.98 11.03
CA ARG G 170 9.19 -33.34 10.37
C ARG G 170 9.67 -34.15 9.18
N LEU G 171 9.69 -35.48 9.31
CA LEU G 171 10.12 -36.33 8.22
C LEU G 171 9.14 -36.29 7.06
N THR G 172 7.83 -36.25 7.34
CA THR G 172 6.85 -36.29 6.24
C THR G 172 7.01 -35.12 5.27
N VAL G 173 7.55 -33.99 5.72
CA VAL G 173 7.68 -32.82 4.87
C VAL G 173 9.16 -32.43 4.69
N MET G 174 10.08 -33.36 4.93
CA MET G 174 11.51 -33.14 4.77
C MET G 174 11.97 -33.33 3.32
N ASN G 175 12.98 -32.56 2.92
CA ASN G 175 13.55 -32.70 1.59
C ASN G 175 14.10 -34.10 1.34
N ASP G 176 13.94 -34.56 0.10
CA ASP G 176 14.48 -35.87 -0.29
C ASP G 176 15.99 -35.95 -0.06
N ASP G 177 16.75 -34.97 -0.52
CA ASP G 177 18.18 -35.06 -0.41
C ASP G 177 18.70 -34.82 1.00
N GLU G 178 17.82 -34.53 1.97
CA GLU G 178 18.23 -34.37 3.36
C GLU G 178 17.95 -35.62 4.20
N ILE G 179 17.35 -36.65 3.62
CA ILE G 179 16.83 -37.76 4.43
C ILE G 179 17.98 -38.67 4.89
N MET G 180 18.92 -38.98 3.98
CA MET G 180 20.05 -39.83 4.33
C MET G 180 20.74 -39.35 5.59
N THR G 181 21.24 -38.12 5.55
CA THR G 181 21.98 -37.63 6.69
C THR G 181 21.10 -37.44 7.91
N PHE G 182 19.79 -37.34 7.73
CA PHE G 182 18.89 -37.38 8.88
C PHE G 182 18.82 -38.78 9.48
N ALA G 183 18.75 -39.81 8.64
CA ALA G 183 18.81 -41.17 9.16
C ALA G 183 20.12 -41.40 9.89
N LYS G 184 21.21 -40.85 9.36
CA LYS G 184 22.52 -41.00 9.99
C LYS G 184 22.53 -40.39 11.39
N ASP G 185 22.11 -39.13 11.51
CA ASP G 185 22.09 -38.43 12.79
C ASP G 185 21.28 -39.18 13.84
N ILE G 186 20.14 -39.77 13.46
CA ILE G 186 19.28 -40.44 14.44
C ILE G 186 19.52 -41.94 14.52
N GLY G 187 20.34 -42.50 13.63
CA GLY G 187 20.64 -43.91 13.71
C GLY G 187 19.56 -44.81 13.17
N ALA G 188 18.81 -44.33 12.20
CA ALA G 188 17.69 -44.99 11.57
C ALA G 188 18.10 -45.57 10.23
N PRO G 189 17.46 -46.66 9.79
CA PRO G 189 17.70 -47.19 8.45
C PRO G 189 17.04 -46.31 7.41
N TYR G 190 17.86 -45.80 6.48
CA TYR G 190 17.42 -44.91 5.40
C TYR G 190 16.11 -45.34 4.79
N GLU G 191 16.04 -46.60 4.38
CA GLU G 191 14.86 -47.15 3.75
C GLU G 191 13.61 -46.94 4.60
N ILE G 192 13.68 -47.27 5.88
CA ILE G 192 12.51 -47.09 6.74
C ILE G 192 12.07 -45.63 6.75
N LEU G 193 13.02 -44.70 6.78
CA LEU G 193 12.65 -43.28 6.86
C LEU G 193 11.95 -42.82 5.59
N LYS G 194 12.44 -43.24 4.43
CA LYS G 194 11.79 -42.91 3.16
C LYS G 194 10.39 -43.50 3.11
N GLN G 195 10.21 -44.70 3.68
CA GLN G 195 8.87 -45.29 3.76
C GLN G 195 7.95 -44.44 4.61
N ILE G 196 8.42 -44.03 5.79
CA ILE G 196 7.59 -43.23 6.68
C ILE G 196 7.14 -41.95 6.00
N LYS G 197 8.01 -41.36 5.18
CA LYS G 197 7.61 -40.15 4.46
C LYS G 197 6.51 -40.48 3.45
N ASP G 198 6.72 -41.50 2.61
CA ASP G 198 5.80 -41.77 1.51
C ASP G 198 4.43 -42.24 1.99
N ASN G 199 4.37 -43.01 3.07
CA ASN G 199 3.10 -43.35 3.70
C ASN G 199 2.52 -42.15 4.46
N GLY G 200 3.36 -41.21 4.90
CA GLY G 200 2.88 -40.04 5.60
C GLY G 200 2.74 -40.20 7.09
N ARG G 201 2.89 -41.40 7.63
CA ARG G 201 3.08 -41.60 9.07
C ARG G 201 3.70 -42.97 9.24
N LEU G 202 3.77 -43.45 10.49
CA LEU G 202 4.42 -44.72 10.76
C LEU G 202 3.68 -45.87 10.08
N PRO G 203 4.37 -46.80 9.41
CA PRO G 203 3.70 -47.94 8.79
C PRO G 203 3.18 -48.97 9.78
N VAL G 204 3.34 -48.74 11.07
CA VAL G 204 2.77 -49.59 12.10
C VAL G 204 2.03 -48.70 13.08
N VAL G 205 1.31 -49.34 13.99
CA VAL G 205 0.59 -48.62 15.02
C VAL G 205 1.52 -48.39 16.21
N ASN G 206 1.19 -47.40 17.01
CA ASN G 206 2.06 -46.95 18.09
C ASN G 206 1.19 -46.65 19.30
N PHE G 207 1.26 -47.49 20.32
CA PHE G 207 0.42 -47.35 21.50
C PHE G 207 1.17 -46.61 22.61
N ALA G 208 0.41 -46.06 23.52
CA ALA G 208 1.00 -45.54 24.74
C ALA G 208 1.06 -46.66 25.76
N ALA G 209 2.13 -46.69 26.54
CA ALA G 209 2.36 -47.77 27.51
C ALA G 209 3.25 -47.24 28.63
N GLY G 210 2.92 -47.61 29.87
CA GLY G 210 3.72 -47.18 31.00
C GLY G 210 3.16 -45.97 31.73
N GLY G 211 2.76 -46.16 32.99
CA GLY G 211 2.35 -45.07 33.85
C GLY G 211 0.91 -44.60 33.75
N VAL G 212 0.04 -45.34 33.08
CA VAL G 212 -1.37 -44.94 32.99
C VAL G 212 -2.09 -45.39 34.26
N ALA G 213 -2.54 -44.42 35.06
CA ALA G 213 -3.15 -44.73 36.33
C ALA G 213 -4.58 -44.26 36.48
N THR G 214 -5.08 -43.40 35.58
CA THR G 214 -6.41 -42.82 35.65
C THR G 214 -7.05 -42.79 34.26
N PRO G 215 -8.38 -42.65 34.17
CA PRO G 215 -8.99 -42.57 32.85
C PRO G 215 -8.64 -41.27 32.13
N GLN G 216 -8.34 -40.21 32.90
CA GLN G 216 -7.78 -39.00 32.30
C GLN G 216 -6.40 -39.28 31.72
N ASP G 217 -5.61 -40.12 32.38
CA ASP G 217 -4.37 -40.54 31.76
C ASP G 217 -4.64 -41.16 30.39
N ALA G 218 -5.61 -42.08 30.34
CA ALA G 218 -5.82 -42.85 29.11
C ALA G 218 -6.26 -41.97 27.97
N ALA G 219 -7.17 -41.01 28.24
CA ALA G 219 -7.65 -40.12 27.19
C ALA G 219 -6.54 -39.18 26.70
N LEU G 220 -5.70 -38.69 27.63
CA LEU G 220 -4.58 -37.83 27.25
C LEU G 220 -3.66 -38.48 26.22
N MET G 221 -3.27 -39.73 26.48
CA MET G 221 -2.47 -40.46 25.50
C MET G 221 -3.15 -40.47 24.13
N MET G 222 -4.46 -40.75 24.08
CA MET G 222 -5.15 -40.75 22.79
C MET G 222 -5.24 -39.35 22.22
N GLU G 223 -5.46 -38.35 23.08
CA GLU G 223 -5.40 -36.97 22.66
C GLU G 223 -4.06 -36.66 21.99
N LEU G 224 -2.98 -37.25 22.52
CA LEU G 224 -1.64 -36.96 22.03
C LEU G 224 -1.31 -37.65 20.71
N GLY G 225 -2.26 -38.37 20.10
CA GLY G 225 -2.02 -39.06 18.85
C GLY G 225 -1.66 -40.53 18.98
N ALA G 226 -1.66 -41.08 20.19
CA ALA G 226 -1.47 -42.51 20.34
C ALA G 226 -2.52 -43.30 19.56
N ASP G 227 -2.11 -44.47 19.06
CA ASP G 227 -3.03 -45.41 18.44
C ASP G 227 -3.73 -46.30 19.44
N GLY G 228 -3.38 -46.23 20.71
CA GLY G 228 -3.93 -47.15 21.69
C GLY G 228 -3.26 -46.95 23.03
N VAL G 229 -3.65 -47.78 23.97
CA VAL G 229 -3.20 -47.65 25.35
C VAL G 229 -2.92 -49.02 25.94
N PHE G 230 -1.73 -49.20 26.49
CA PHE G 230 -1.37 -50.35 27.32
C PHE G 230 -1.48 -49.96 28.78
N VAL G 231 -2.07 -50.83 29.60
CA VAL G 231 -2.17 -50.56 31.03
C VAL G 231 -1.95 -51.84 31.79
N GLY G 232 -1.06 -51.81 32.77
CA GLY G 232 -0.85 -52.96 33.62
C GLY G 232 -1.07 -52.64 35.08
N SER G 233 -0.23 -51.75 35.61
CA SER G 233 -0.27 -51.48 37.04
C SER G 233 -1.42 -50.57 37.42
N GLY G 234 -1.78 -49.62 36.55
CA GLY G 234 -2.86 -48.69 36.88
C GLY G 234 -4.18 -49.34 37.25
N ILE G 235 -4.41 -50.60 36.84
CA ILE G 235 -5.70 -51.26 37.02
C ILE G 235 -5.72 -52.09 38.30
N PHE G 236 -4.83 -53.07 38.36
CA PHE G 236 -4.96 -54.10 39.38
C PHE G 236 -4.30 -53.73 40.70
N LYS G 237 -3.60 -52.60 40.77
CA LYS G 237 -3.08 -52.06 42.03
C LYS G 237 -3.92 -50.88 42.53
N SER G 238 -5.25 -50.97 42.36
CA SER G 238 -6.14 -49.86 42.63
C SER G 238 -7.39 -50.36 43.35
N GLU G 239 -8.19 -49.39 43.82
CA GLU G 239 -9.47 -49.67 44.45
C GLU G 239 -10.49 -50.11 43.39
N ASP G 240 -10.97 -51.36 43.48
CA ASP G 240 -11.94 -51.93 42.54
C ASP G 240 -11.36 -51.94 41.12
N PRO G 241 -10.41 -52.84 40.82
CA PRO G 241 -9.88 -52.90 39.45
C PRO G 241 -10.95 -53.08 38.39
N GLU G 242 -12.08 -53.72 38.73
CA GLU G 242 -13.09 -53.96 37.70
C GLU G 242 -13.70 -52.64 37.23
N LYS G 243 -13.85 -51.66 38.14
CA LYS G 243 -14.35 -50.35 37.73
C LYS G 243 -13.27 -49.53 37.03
N PHE G 244 -12.03 -49.64 37.51
CA PHE G 244 -10.89 -49.00 36.85
C PHE G 244 -10.77 -49.46 35.39
N ALA G 245 -10.72 -50.77 35.20
CA ALA G 245 -10.79 -51.41 33.90
C ALA G 245 -11.81 -50.75 32.98
N LYS G 246 -13.11 -50.89 33.30
CA LYS G 246 -14.15 -50.35 32.42
C LYS G 246 -13.95 -48.86 32.16
N ALA G 247 -13.60 -48.09 33.19
CA ALA G 247 -13.43 -46.65 33.02
C ALA G 247 -12.38 -46.33 31.99
N ILE G 248 -11.18 -46.91 32.13
CA ILE G 248 -10.11 -46.64 31.19
C ILE G 248 -10.52 -47.03 29.78
N VAL G 249 -11.24 -48.14 29.64
CA VAL G 249 -11.68 -48.59 28.32
C VAL G 249 -12.58 -47.56 27.65
N GLN G 250 -13.53 -46.99 28.41
CA GLN G 250 -14.41 -46.00 27.80
C GLN G 250 -13.75 -44.64 27.67
N ALA G 251 -12.80 -44.32 28.57
CA ALA G 251 -12.03 -43.09 28.40
C ALA G 251 -11.22 -43.14 27.12
N THR G 252 -10.59 -44.28 26.85
CA THR G 252 -9.80 -44.43 25.63
C THR G 252 -10.69 -44.32 24.40
N THR G 253 -11.85 -44.96 24.43
CA THR G 253 -12.76 -44.89 23.30
C THR G 253 -13.33 -43.48 23.11
N HIS G 254 -13.83 -42.87 24.19
CA HIS G 254 -14.51 -41.59 24.05
C HIS G 254 -13.63 -40.48 24.61
N TYR G 255 -12.45 -40.31 24.02
CA TYR G 255 -11.42 -39.58 24.75
C TYR G 255 -11.62 -38.07 24.75
N GLN G 256 -12.58 -37.55 23.99
CA GLN G 256 -12.94 -36.13 24.04
C GLN G 256 -14.30 -35.88 24.66
N ASP G 257 -14.98 -36.91 25.18
CA ASP G 257 -16.22 -36.73 25.93
C ASP G 257 -15.83 -36.45 27.37
N TYR G 258 -15.50 -35.19 27.63
CA TYR G 258 -14.91 -34.84 28.91
C TYR G 258 -15.90 -35.03 30.05
N GLU G 259 -17.18 -34.74 29.80
CA GLU G 259 -18.19 -34.95 30.83
C GLU G 259 -18.31 -36.42 31.17
N LEU G 260 -18.27 -37.27 30.16
CA LEU G 260 -18.28 -38.72 30.41
C LEU G 260 -17.06 -39.14 31.22
N ILE G 261 -15.89 -38.57 30.91
CA ILE G 261 -14.67 -38.97 31.62
C ILE G 261 -14.74 -38.52 33.08
N GLY G 262 -15.16 -37.28 33.32
CA GLY G 262 -15.28 -36.79 34.69
C GLY G 262 -16.18 -37.67 35.55
N ARG G 263 -17.37 -37.98 35.02
CA ARG G 263 -18.28 -38.91 35.70
C ARG G 263 -17.58 -40.24 35.98
N LEU G 264 -16.94 -40.82 34.96
CA LEU G 264 -16.24 -42.08 35.14
C LEU G 264 -15.28 -42.02 36.31
N ALA G 265 -14.64 -40.87 36.53
CA ALA G 265 -13.79 -40.76 37.71
C ALA G 265 -14.62 -40.91 38.98
N SER G 266 -14.43 -42.06 39.65
CA SER G 266 -15.19 -42.48 40.82
C SER G 266 -14.45 -43.61 41.56
N GLU G 267 -13.29 -43.29 42.15
CA GLU G 267 -12.36 -44.29 42.68
C GLU G 267 -11.12 -43.67 43.35
N LEU G 268 -10.10 -44.49 43.66
CA LEU G 268 -8.83 -44.02 44.22
C LEU G 268 -7.68 -44.84 43.64
N GLY G 269 -6.73 -44.14 43.03
CA GLY G 269 -5.76 -44.74 42.13
C GLY G 269 -4.54 -45.32 42.81
N THR G 270 -3.48 -45.47 42.02
CA THR G 270 -2.18 -45.96 42.49
C THR G 270 -1.19 -44.79 42.68
N ALA G 271 -0.16 -45.02 43.48
CA ALA G 271 0.84 -43.98 43.74
C ALA G 271 2.15 -44.29 43.03
N SER H 3 30.35 23.80 45.66
CA SER H 3 31.43 23.96 44.69
C SER H 3 31.42 22.82 43.68
N ASP H 4 30.53 21.85 43.89
CA ASP H 4 30.37 20.78 42.90
C ASP H 4 29.45 21.23 41.77
N ARG H 5 28.28 21.78 42.10
CA ARG H 5 27.40 22.31 41.07
C ARG H 5 28.01 23.50 40.35
N VAL H 6 29.00 24.16 40.97
CA VAL H 6 29.75 25.19 40.25
C VAL H 6 30.59 24.55 39.13
N LYS H 7 31.25 23.42 39.43
CA LYS H 7 32.05 22.71 38.42
C LYS H 7 31.16 22.01 37.39
N ARG H 8 30.14 21.28 37.85
CA ARG H 8 29.20 20.63 36.92
C ARG H 8 28.42 21.64 36.09
N GLY H 9 28.28 22.88 36.57
CA GLY H 9 27.54 23.90 35.84
C GLY H 9 28.29 24.51 34.67
N MET H 10 29.62 24.69 34.80
CA MET H 10 30.43 25.12 33.65
C MET H 10 30.39 24.08 32.54
N ALA H 11 30.38 22.79 32.91
CA ALA H 11 30.36 21.70 31.93
C ALA H 11 28.97 21.54 31.31
N GLU H 12 27.92 21.72 32.11
CA GLU H 12 26.56 21.75 31.59
C GLU H 12 26.45 22.78 30.46
N MET H 13 27.29 23.82 30.50
CA MET H 13 27.36 24.85 29.47
C MET H 13 27.97 24.32 28.16
N GLN H 14 27.76 23.02 27.88
CA GLN H 14 28.20 22.42 26.62
C GLN H 14 27.24 21.36 26.09
N LYS H 15 26.17 21.01 26.81
CA LYS H 15 25.18 20.07 26.33
C LYS H 15 24.85 20.36 24.87
N GLY H 16 25.04 19.36 24.01
CA GLY H 16 24.80 19.49 22.60
C GLY H 16 26.01 19.85 21.76
N GLY H 17 27.18 20.08 22.37
CA GLY H 17 28.32 20.63 21.66
C GLY H 17 29.26 19.57 21.07
N VAL H 18 30.38 20.06 20.54
CA VAL H 18 31.40 19.23 19.89
C VAL H 18 32.78 19.72 20.34
N ILE H 19 33.50 18.89 21.11
CA ILE H 19 34.87 19.18 21.54
C ILE H 19 35.81 18.46 20.59
N MET H 20 36.90 19.13 20.21
CA MET H 20 37.81 18.60 19.19
C MET H 20 39.25 18.55 19.67
N ASP H 21 39.86 17.38 19.55
CA ASP H 21 41.30 17.24 19.79
C ASP H 21 42.07 18.01 18.72
N VAL H 22 42.91 18.97 19.16
CA VAL H 22 43.75 19.77 18.28
C VAL H 22 45.16 19.78 18.85
N VAL H 23 46.14 19.89 17.94
CA VAL H 23 47.54 19.78 18.33
C VAL H 23 48.32 21.08 18.12
N ASN H 24 47.70 22.12 17.60
CA ASN H 24 48.37 23.39 17.42
C ASN H 24 47.33 24.49 17.38
N ALA H 25 47.81 25.73 17.22
CA ALA H 25 46.89 26.87 17.12
C ALA H 25 46.02 26.77 15.87
N GLU H 26 46.64 26.42 14.73
CA GLU H 26 45.89 26.41 13.48
C GLU H 26 44.67 25.49 13.57
N GLN H 27 44.86 24.27 14.07
CA GLN H 27 43.74 23.39 14.33
C GLN H 27 42.81 23.98 15.38
N ALA H 28 43.36 24.59 16.43
CA ALA H 28 42.51 25.21 17.44
C ALA H 28 41.59 26.24 16.80
N ARG H 29 42.07 26.95 15.78
CA ARG H 29 41.25 27.96 15.13
C ARG H 29 40.24 27.31 14.19
N ILE H 30 40.68 26.30 13.45
CA ILE H 30 39.74 25.57 12.59
C ILE H 30 38.56 25.10 13.42
N ALA H 31 38.84 24.57 14.61
CA ALA H 31 37.79 24.07 15.49
C ALA H 31 36.85 25.19 15.92
N GLU H 32 37.41 26.31 16.39
CA GLU H 32 36.59 27.43 16.83
C GLU H 32 35.76 27.99 15.67
N GLU H 33 36.40 28.25 14.53
CA GLU H 33 35.68 28.76 13.38
C GLU H 33 34.57 27.82 12.92
N ALA H 34 34.73 26.51 13.13
CA ALA H 34 33.74 25.57 12.65
C ALA H 34 32.53 25.40 13.58
N GLY H 35 32.65 25.79 14.85
CA GLY H 35 31.52 25.69 15.77
C GLY H 35 31.78 24.98 17.09
N ALA H 36 33.03 24.58 17.36
CA ALA H 36 33.33 23.80 18.55
C ALA H 36 32.87 24.53 19.81
N VAL H 37 32.43 23.78 20.82
CA VAL H 37 32.14 24.38 22.12
C VAL H 37 33.36 24.35 23.04
N ALA H 38 34.41 23.63 22.65
CA ALA H 38 35.61 23.45 23.45
C ALA H 38 36.67 22.84 22.55
N VAL H 39 37.92 22.93 23.00
CA VAL H 39 38.98 22.20 22.32
C VAL H 39 39.79 21.44 23.36
N MET H 40 40.49 20.42 22.86
CA MET H 40 41.25 19.45 23.65
C MET H 40 42.68 19.56 23.13
N ALA H 41 43.53 20.24 23.88
CA ALA H 41 44.93 20.31 23.48
C ALA H 41 45.63 19.00 23.77
N LEU H 42 46.40 18.51 22.81
CA LEU H 42 47.19 17.31 23.01
C LEU H 42 48.30 17.22 21.97
N GLU H 43 49.25 16.31 22.21
CA GLU H 43 50.47 16.21 21.41
C GLU H 43 50.30 15.33 20.18
N ARG H 44 49.61 14.20 20.30
CA ARG H 44 49.31 13.30 19.18
C ARG H 44 47.85 12.88 19.33
N VAL H 45 47.05 13.04 18.27
CA VAL H 45 45.63 12.69 18.31
C VAL H 45 45.48 11.19 18.58
N PRO H 46 44.34 10.70 19.09
CA PRO H 46 44.26 9.29 19.51
C PRO H 46 44.54 8.27 18.39
N SER H 47 44.38 8.65 17.12
CA SER H 47 44.85 7.82 16.01
C SER H 47 46.36 7.58 16.10
N ASP H 48 47.13 8.63 16.36
CA ASP H 48 48.59 8.58 16.38
C ASP H 48 49.16 8.13 17.72
N ILE H 49 48.43 8.34 18.82
CA ILE H 49 48.84 7.79 20.11
C ILE H 49 49.05 6.29 20.01
N ARG H 50 48.06 5.59 19.44
CA ARG H 50 48.07 4.13 19.42
C ARG H 50 49.09 3.59 18.41
N ALA H 51 49.35 4.32 17.32
CA ALA H 51 50.31 3.87 16.32
C ALA H 51 51.74 4.24 16.67
N ALA H 52 51.95 5.34 17.39
CA ALA H 52 53.30 5.71 17.81
C ALA H 52 53.83 4.75 18.89
N GLY H 53 52.95 4.19 19.71
CA GLY H 53 53.41 3.38 20.83
C GLY H 53 54.00 4.27 21.89
N GLY H 54 55.08 3.80 22.53
CA GLY H 54 55.79 4.53 23.57
C GLY H 54 54.92 4.80 24.79
N VAL H 55 55.36 5.77 25.61
CA VAL H 55 54.61 6.19 26.79
C VAL H 55 53.95 7.53 26.48
N ALA H 56 52.63 7.59 26.65
CA ALA H 56 51.84 8.78 26.35
C ALA H 56 51.65 9.57 27.64
N ARG H 57 52.46 10.61 27.81
CA ARG H 57 52.39 11.49 28.97
C ARG H 57 51.61 12.75 28.59
N MET H 58 51.55 13.71 29.50
CA MET H 58 50.89 14.98 29.19
C MET H 58 51.59 15.68 28.03
N ALA H 59 50.91 16.67 27.46
CA ALA H 59 51.56 17.42 26.40
C ALA H 59 52.58 18.39 26.99
N ASN H 60 53.49 18.87 26.14
CA ASN H 60 54.37 19.92 26.61
C ASN H 60 53.54 21.15 26.93
N PRO H 61 53.83 21.84 28.05
CA PRO H 61 53.04 23.02 28.41
C PRO H 61 53.08 24.13 27.38
N LYS H 62 54.12 24.19 26.55
CA LYS H 62 54.13 25.16 25.46
C LYS H 62 52.94 24.94 24.54
N ILE H 63 52.68 23.68 24.15
CA ILE H 63 51.62 23.36 23.20
C ILE H 63 50.25 23.77 23.74
N VAL H 64 49.96 23.46 25.00
CA VAL H 64 48.65 23.84 25.55
C VAL H 64 48.56 25.36 25.65
N GLU H 65 49.64 26.01 26.08
CA GLU H 65 49.69 27.48 26.10
C GLU H 65 49.38 28.06 24.70
N GLU H 66 49.97 27.48 23.66
CA GLU H 66 49.76 27.97 22.30
C GLU H 66 48.33 27.76 21.84
N VAL H 67 47.74 26.60 22.15
CA VAL H 67 46.32 26.38 21.86
C VAL H 67 45.46 27.34 22.68
N MET H 68 45.75 27.48 23.99
CA MET H 68 44.97 28.41 24.80
C MET H 68 44.99 29.81 24.20
N ASN H 69 46.15 30.26 23.74
CA ASN H 69 46.31 31.60 23.17
C ASN H 69 45.84 31.69 21.72
N ALA H 70 44.99 30.76 21.26
CA ALA H 70 44.47 30.78 19.91
C ALA H 70 42.96 30.78 19.84
N VAL H 71 42.26 30.52 20.95
CA VAL H 71 40.80 30.50 20.94
C VAL H 71 40.26 31.18 22.18
N SER H 72 38.98 31.53 22.11
CA SER H 72 38.26 32.04 23.26
C SER H 72 37.28 31.03 23.85
N ILE H 73 37.09 29.89 23.18
CA ILE H 73 36.30 28.79 23.73
C ILE H 73 37.16 28.06 24.75
N PRO H 74 36.59 27.42 25.77
CA PRO H 74 37.41 26.83 26.84
C PRO H 74 38.32 25.75 26.27
N VAL H 75 39.47 25.57 26.93
CA VAL H 75 40.47 24.60 26.49
C VAL H 75 40.65 23.55 27.57
N MET H 76 40.68 22.29 27.14
CA MET H 76 40.85 21.09 27.95
C MET H 76 42.20 20.47 27.62
N ALA H 77 42.83 19.87 28.62
CA ALA H 77 44.05 19.09 28.36
C ALA H 77 44.00 17.77 29.11
N LYS H 78 44.74 16.78 28.61
CA LYS H 78 44.76 15.44 29.19
C LYS H 78 45.93 15.26 30.17
N ALA H 79 45.66 14.49 31.24
CA ALA H 79 46.68 14.04 32.20
C ALA H 79 46.52 12.54 32.43
N ARG H 80 47.63 11.88 32.75
CA ARG H 80 47.60 10.43 32.95
C ARG H 80 46.88 10.09 34.25
N ILE H 81 46.06 9.03 34.20
CA ILE H 81 45.28 8.60 35.37
C ILE H 81 46.15 8.53 36.61
N GLY H 82 45.70 9.20 37.66
CA GLY H 82 46.39 9.17 38.94
C GLY H 82 47.69 9.94 39.00
N HIS H 83 48.00 10.76 38.00
CA HIS H 83 49.26 11.50 37.97
C HIS H 83 49.06 12.85 38.65
N ILE H 84 49.11 12.82 39.99
CA ILE H 84 48.84 14.01 40.80
C ILE H 84 49.57 15.23 40.26
N THR H 85 50.90 15.10 40.07
CA THR H 85 51.67 16.24 39.58
C THR H 85 51.16 16.73 38.23
N GLU H 86 50.92 15.81 37.30
CA GLU H 86 50.51 16.22 35.96
C GLU H 86 49.25 17.09 36.00
N ALA H 87 48.21 16.65 36.73
CA ALA H 87 47.01 17.46 36.81
C ALA H 87 47.26 18.78 37.51
N ARG H 88 48.06 18.77 38.60
CA ARG H 88 48.30 20.03 39.30
C ARG H 88 49.03 21.03 38.40
N VAL H 89 49.97 20.54 37.59
CA VAL H 89 50.61 21.42 36.62
C VAL H 89 49.57 21.99 35.65
N LEU H 90 48.65 21.15 35.14
CA LEU H 90 47.62 21.63 34.21
C LEU H 90 46.64 22.58 34.88
N GLU H 91 46.24 22.26 36.10
CA GLU H 91 45.36 23.15 36.85
C GLU H 91 46.02 24.51 37.02
N ALA H 92 47.29 24.51 37.47
CA ALA H 92 47.99 25.77 37.69
C ALA H 92 48.17 26.56 36.40
N MET H 93 48.29 25.87 35.24
CA MET H 93 48.36 26.60 33.98
C MET H 93 47.11 27.42 33.76
N GLY H 94 45.97 26.91 34.22
CA GLY H 94 44.70 27.53 33.97
C GLY H 94 43.88 26.92 32.85
N VAL H 95 44.08 25.65 32.52
CA VAL H 95 43.15 25.01 31.60
C VAL H 95 41.77 24.96 32.24
N ASP H 96 40.73 24.99 31.40
CA ASP H 96 39.37 25.02 31.90
C ASP H 96 38.93 23.66 32.44
N TYR H 97 39.40 22.57 31.82
CA TYR H 97 39.15 21.21 32.28
C TYR H 97 40.39 20.37 32.10
N ILE H 98 40.57 19.41 33.00
CA ILE H 98 41.52 18.32 32.82
C ILE H 98 40.74 17.06 32.50
N ASP H 99 41.20 16.35 31.46
CA ASP H 99 40.77 15.00 31.13
C ASP H 99 41.72 13.98 31.76
N GLU H 100 41.28 13.31 32.84
CA GLU H 100 42.01 12.16 33.37
C GLU H 100 41.81 10.97 32.42
N SER H 101 42.72 10.77 31.47
CA SER H 101 42.40 10.10 30.22
C SER H 101 43.05 8.74 30.12
N GLU H 102 42.23 7.71 29.92
CA GLU H 102 42.71 6.38 29.60
C GLU H 102 43.39 6.30 28.23
N VAL H 103 43.31 7.35 27.41
CA VAL H 103 44.08 7.36 26.17
C VAL H 103 45.56 7.55 26.44
N LEU H 104 45.92 8.18 27.57
CA LEU H 104 47.30 8.28 28.00
C LEU H 104 47.73 7.06 28.80
N THR H 105 49.03 6.85 28.88
CA THR H 105 49.56 5.74 29.66
C THR H 105 49.24 5.98 31.12
N PRO H 106 48.45 5.13 31.78
CA PRO H 106 48.15 5.39 33.19
C PRO H 106 49.46 5.58 33.96
N ALA H 107 49.41 6.47 34.94
CA ALA H 107 50.52 6.57 35.85
C ALA H 107 50.25 5.81 37.13
N ASP H 108 48.98 5.52 37.39
CA ASP H 108 48.57 4.76 38.57
C ASP H 108 47.52 3.78 38.10
N GLU H 109 47.79 2.50 38.24
CA GLU H 109 46.91 1.50 37.68
C GLU H 109 45.85 1.03 38.67
N GLU H 110 45.90 1.49 39.91
CA GLU H 110 44.92 1.11 40.91
C GLU H 110 44.07 2.26 41.43
N TYR H 111 44.53 3.51 41.32
CA TYR H 111 43.89 4.62 42.02
C TYR H 111 43.83 5.83 41.11
N HIS H 112 42.63 6.41 40.97
CA HIS H 112 42.48 7.66 40.24
C HIS H 112 42.71 8.87 41.17
N LEU H 113 42.77 10.05 40.57
CA LEU H 113 42.97 11.27 41.34
C LEU H 113 41.76 11.58 42.23
N ARG H 114 42.03 12.27 43.34
CA ARG H 114 40.96 12.79 44.19
C ARG H 114 40.47 14.12 43.62
N LYS H 115 39.55 14.03 42.63
CA LYS H 115 39.19 15.19 41.82
C LYS H 115 38.41 16.24 42.61
N ASP H 116 37.73 15.84 43.69
CA ASP H 116 37.12 16.80 44.58
C ASP H 116 38.14 17.65 45.33
N GLN H 117 39.40 17.20 45.40
CA GLN H 117 40.47 17.98 46.02
C GLN H 117 41.12 18.95 45.04
N PHE H 118 40.55 19.11 43.85
CA PHE H 118 40.99 20.08 42.88
C PHE H 118 39.96 21.21 42.77
N THR H 119 40.39 22.31 42.18
CA THR H 119 39.45 23.38 41.85
C THR H 119 38.97 23.27 40.41
N VAL H 120 39.87 22.97 39.48
CA VAL H 120 39.48 22.81 38.06
C VAL H 120 38.56 21.60 37.92
N PRO H 121 37.52 21.67 37.07
CA PRO H 121 36.66 20.50 36.86
C PRO H 121 37.34 19.42 36.03
N PHE H 122 36.89 18.19 36.23
CA PHE H 122 37.47 17.00 35.59
C PHE H 122 36.45 16.29 34.71
N VAL H 123 36.92 15.77 33.58
CA VAL H 123 36.17 14.84 32.74
C VAL H 123 36.85 13.48 32.79
N CYS H 124 36.07 12.42 32.99
CA CYS H 124 36.58 11.06 33.00
C CYS H 124 35.74 10.17 32.08
N GLY H 125 36.40 9.11 31.60
CA GLY H 125 35.72 8.11 30.79
C GLY H 125 35.05 7.02 31.62
N CYS H 126 33.94 6.50 31.10
CA CYS H 126 33.26 5.36 31.72
C CYS H 126 32.74 4.44 30.64
N ARG H 127 32.31 3.25 31.08
CA ARG H 127 31.75 2.23 30.17
C ARG H 127 30.50 1.57 30.74
N ASN H 128 30.10 1.92 31.96
CA ASN H 128 28.94 1.35 32.64
C ASN H 128 28.67 2.21 33.86
N LEU H 129 27.48 2.04 34.45
CA LEU H 129 27.11 2.85 35.61
C LEU H 129 28.13 2.72 36.74
N GLY H 130 28.70 1.53 36.93
CA GLY H 130 29.74 1.32 37.94
C GLY H 130 30.94 2.25 37.83
N GLU H 131 31.62 2.26 36.68
CA GLU H 131 32.71 3.20 36.48
C GLU H 131 32.22 4.64 36.55
N ALA H 132 31.10 4.92 35.91
CA ALA H 132 30.52 6.26 35.97
C ALA H 132 30.32 6.70 37.43
N ALA H 133 29.77 5.83 38.27
CA ALA H 133 29.52 6.18 39.66
C ALA H 133 30.82 6.45 40.41
N ARG H 134 31.84 5.62 40.18
CA ARG H 134 33.09 5.76 40.92
C ARG H 134 33.84 7.02 40.50
N ARG H 135 33.82 7.37 39.22
CA ARG H 135 34.41 8.62 38.80
C ARG H 135 33.65 9.81 39.39
N ILE H 136 32.31 9.74 39.39
CA ILE H 136 31.53 10.81 39.99
C ILE H 136 31.86 10.94 41.47
N GLY H 137 31.88 9.83 42.20
CA GLY H 137 32.22 9.88 43.61
C GLY H 137 33.61 10.43 43.89
N GLU H 138 34.55 10.21 42.98
CA GLU H 138 35.87 10.79 43.09
C GLU H 138 35.91 12.27 42.71
N GLY H 139 34.81 12.83 42.20
CA GLY H 139 34.72 14.24 41.93
C GLY H 139 34.65 14.64 40.47
N ALA H 140 34.60 13.68 39.54
CA ALA H 140 34.47 14.04 38.14
C ALA H 140 33.30 15.00 37.95
N ALA H 141 33.46 15.96 37.05
CA ALA H 141 32.45 16.99 36.80
C ALA H 141 31.75 16.81 35.46
N MET H 142 32.03 15.71 34.76
CA MET H 142 31.65 15.55 33.37
C MET H 142 32.15 14.17 32.95
N LEU H 143 31.34 13.42 32.19
CA LEU H 143 31.67 12.06 31.79
C LEU H 143 31.74 11.93 30.28
N ARG H 144 32.47 10.91 29.84
CA ARG H 144 32.46 10.53 28.44
C ARG H 144 32.56 9.02 28.34
N THR H 145 32.01 8.47 27.26
CA THR H 145 32.32 7.09 26.92
C THR H 145 33.83 6.92 26.76
N LYS H 146 34.31 5.72 27.09
CA LYS H 146 35.64 5.35 26.66
C LYS H 146 35.64 5.09 25.17
N GLY H 147 34.69 4.27 24.70
CA GLY H 147 34.67 3.87 23.31
C GLY H 147 35.96 3.19 22.94
N GLU H 148 36.41 3.46 21.72
CA GLU H 148 37.60 2.84 21.15
C GLU H 148 38.31 3.92 20.36
N PRO H 149 39.06 4.79 21.03
CA PRO H 149 39.64 5.95 20.34
C PRO H 149 40.65 5.56 19.27
N GLY H 150 40.73 6.40 18.24
CA GLY H 150 41.70 6.25 17.18
C GLY H 150 41.32 5.27 16.10
N THR H 151 40.25 4.50 16.28
CA THR H 151 39.85 3.45 15.35
C THR H 151 38.83 3.92 14.31
N GLY H 152 38.30 5.13 14.44
CA GLY H 152 37.28 5.61 13.53
C GLY H 152 36.09 4.68 13.46
N ASN H 153 35.97 3.81 14.46
CA ASN H 153 34.85 2.89 14.59
C ASN H 153 34.01 3.27 15.80
N ILE H 154 32.70 3.40 15.57
CA ILE H 154 31.79 3.94 16.58
C ILE H 154 31.25 2.88 17.54
N VAL H 155 31.43 1.59 17.25
CA VAL H 155 30.60 0.57 17.90
C VAL H 155 30.83 0.53 19.41
N GLU H 156 32.07 0.67 19.87
CA GLU H 156 32.28 0.58 21.30
C GLU H 156 31.66 1.75 22.04
N ALA H 157 31.77 2.97 21.51
CA ALA H 157 31.10 4.10 22.15
C ALA H 157 29.58 3.90 22.18
N VAL H 158 29.03 3.29 21.12
CA VAL H 158 27.62 2.93 21.12
C VAL H 158 27.31 1.96 22.26
N ARG H 159 28.18 0.98 22.49
CA ARG H 159 27.92 0.02 23.55
C ARG H 159 27.94 0.68 24.93
N HIS H 160 28.90 1.58 25.16
CA HIS H 160 29.06 2.18 26.48
C HIS H 160 27.94 3.17 26.77
N MET H 161 27.64 4.04 25.80
CA MET H 161 26.45 4.89 25.88
C MET H 161 25.21 4.08 26.22
N ARG H 162 24.97 2.97 25.49
CA ARG H 162 23.73 2.21 25.71
C ARG H 162 23.73 1.52 27.06
N GLN H 163 24.92 1.16 27.56
CA GLN H 163 25.04 0.44 28.82
C GLN H 163 24.81 1.36 30.01
N VAL H 164 25.52 2.49 30.05
CA VAL H 164 25.28 3.49 31.07
C VAL H 164 23.82 3.90 31.07
N ASN H 165 23.27 4.22 29.90
CA ASN H 165 21.91 4.72 29.86
C ASN H 165 20.92 3.68 30.36
N SER H 166 21.12 2.42 29.98
CA SER H 166 20.24 1.34 30.44
C SER H 166 20.29 1.21 31.96
N GLU H 167 21.49 1.16 32.53
CA GLU H 167 21.62 0.97 33.97
C GLU H 167 21.06 2.16 34.75
N VAL H 168 21.30 3.37 34.24
CA VAL H 168 20.68 4.56 34.84
C VAL H 168 19.16 4.45 34.78
N SER H 169 18.62 4.11 33.61
CA SER H 169 17.17 4.11 33.49
C SER H 169 16.56 3.03 34.39
N ARG H 170 17.19 1.85 34.44
CA ARG H 170 16.75 0.84 35.40
C ARG H 170 16.89 1.34 36.84
N LEU H 171 17.89 2.17 37.12
CA LEU H 171 18.03 2.70 38.46
C LEU H 171 16.95 3.72 38.78
N THR H 172 16.51 4.51 37.79
CA THR H 172 15.53 5.55 38.10
C THR H 172 14.20 4.97 38.58
N VAL H 173 13.86 3.74 38.21
CA VAL H 173 12.62 3.14 38.70
C VAL H 173 12.89 1.93 39.58
N MET H 174 14.07 1.89 40.21
CA MET H 174 14.46 0.75 41.03
C MET H 174 13.96 0.89 42.47
N ASN H 175 13.52 -0.23 43.05
CA ASN H 175 13.11 -0.28 44.45
C ASN H 175 14.18 0.32 45.36
N ASP H 176 13.73 0.99 46.41
CA ASP H 176 14.68 1.60 47.33
C ASP H 176 15.47 0.55 48.11
N ASP H 177 14.84 -0.56 48.47
CA ASP H 177 15.51 -1.60 49.24
C ASP H 177 16.37 -2.51 48.38
N GLU H 178 16.52 -2.19 47.10
CA GLU H 178 17.38 -2.98 46.22
C GLU H 178 18.62 -2.22 45.77
N ILE H 179 18.73 -0.92 46.07
CA ILE H 179 19.83 -0.15 45.54
C ILE H 179 21.16 -0.55 46.19
N MET H 180 21.13 -1.02 47.45
CA MET H 180 22.38 -1.40 48.10
C MET H 180 23.00 -2.59 47.42
N THR H 181 22.21 -3.62 47.14
CA THR H 181 22.74 -4.75 46.38
C THR H 181 23.19 -4.32 45.00
N PHE H 182 22.41 -3.48 44.31
CA PHE H 182 22.85 -2.99 43.01
C PHE H 182 24.23 -2.34 43.11
N ALA H 183 24.34 -1.27 43.91
CA ALA H 183 25.61 -0.61 44.16
C ALA H 183 26.74 -1.62 44.38
N LYS H 184 26.51 -2.59 45.26
CA LYS H 184 27.55 -3.59 45.52
C LYS H 184 27.80 -4.44 44.28
N ASP H 185 26.73 -4.91 43.64
CA ASP H 185 26.88 -5.78 42.47
C ASP H 185 27.66 -5.10 41.36
N ILE H 186 27.45 -3.80 41.15
CA ILE H 186 28.17 -3.10 40.09
C ILE H 186 29.41 -2.38 40.61
N GLY H 187 29.69 -2.45 41.91
CA GLY H 187 30.85 -1.77 42.43
C GLY H 187 30.76 -0.27 42.30
N ALA H 188 29.72 0.32 42.89
CA ALA H 188 29.44 1.74 42.80
C ALA H 188 29.12 2.33 44.17
N PRO H 189 29.41 3.62 44.38
CA PRO H 189 29.03 4.27 45.63
C PRO H 189 27.52 4.35 45.78
N TYR H 190 27.01 3.74 46.84
CA TYR H 190 25.58 3.68 47.12
C TYR H 190 24.94 5.07 47.16
N GLU H 191 25.63 6.03 47.78
CA GLU H 191 25.09 7.39 47.86
C GLU H 191 24.89 7.98 46.47
N ILE H 192 25.87 7.79 45.57
CA ILE H 192 25.77 8.35 44.22
C ILE H 192 24.58 7.75 43.48
N LEU H 193 24.39 6.44 43.61
CA LEU H 193 23.24 5.80 42.97
C LEU H 193 21.93 6.43 43.43
N LYS H 194 21.78 6.66 44.74
CA LYS H 194 20.56 7.30 45.23
C LYS H 194 20.39 8.70 44.63
N GLN H 195 21.45 9.51 44.57
CA GLN H 195 21.38 10.79 43.86
C GLN H 195 20.90 10.60 42.43
N ILE H 196 21.49 9.63 41.72
CA ILE H 196 21.07 9.41 40.35
C ILE H 196 19.58 9.13 40.27
N LYS H 197 19.06 8.31 41.20
CA LYS H 197 17.63 8.02 41.19
C LYS H 197 16.82 9.28 41.47
N ASP H 198 17.20 10.02 42.52
CA ASP H 198 16.53 11.28 42.85
C ASP H 198 16.50 12.21 41.65
N ASN H 199 17.65 12.41 41.02
CA ASN H 199 17.81 13.34 39.91
C ASN H 199 17.20 12.83 38.61
N GLY H 200 16.66 11.61 38.58
CA GLY H 200 16.11 11.05 37.36
C GLY H 200 17.12 10.75 36.26
N ARG H 201 18.41 11.06 36.45
CA ARG H 201 19.45 10.88 35.46
C ARG H 201 20.80 11.22 36.09
N LEU H 202 21.90 11.05 35.36
CA LEU H 202 23.21 11.38 35.91
C LEU H 202 23.24 12.85 36.32
N PRO H 203 23.92 13.18 37.41
CA PRO H 203 24.08 14.59 37.80
C PRO H 203 25.08 15.35 36.95
N VAL H 204 25.91 14.68 36.17
CA VAL H 204 26.85 15.37 35.30
C VAL H 204 26.47 14.99 33.89
N VAL H 205 26.96 15.75 32.92
CA VAL H 205 26.64 15.45 31.54
C VAL H 205 27.59 14.38 31.02
N ASN H 206 27.11 13.60 30.04
CA ASN H 206 27.80 12.42 29.52
C ASN H 206 27.97 12.54 28.01
N PHE H 207 29.19 12.83 27.57
CA PHE H 207 29.50 13.00 26.16
C PHE H 207 29.89 11.68 25.53
N ALA H 208 29.85 11.65 24.21
CA ALA H 208 30.30 10.49 23.44
C ALA H 208 31.70 10.76 22.93
N ALA H 209 32.52 9.71 22.86
CA ALA H 209 33.94 9.85 22.56
C ALA H 209 34.47 8.57 21.96
N GLY H 210 35.22 8.68 20.87
CA GLY H 210 35.94 7.51 20.37
C GLY H 210 35.45 6.96 19.05
N GLY H 211 36.16 7.29 17.98
CA GLY H 211 35.83 6.78 16.67
C GLY H 211 34.71 7.47 15.94
N VAL H 212 34.35 8.69 16.33
CA VAL H 212 33.34 9.40 15.55
C VAL H 212 34.00 9.89 14.27
N ALA H 213 33.70 9.23 13.16
CA ALA H 213 34.40 9.46 11.90
C ALA H 213 33.59 10.18 10.84
N THR H 214 32.27 10.26 10.99
CA THR H 214 31.36 10.79 9.97
C THR H 214 30.25 11.62 10.63
N PRO H 215 29.69 12.60 9.91
CA PRO H 215 28.51 13.33 10.45
C PRO H 215 27.44 12.41 11.01
N GLN H 216 27.18 11.30 10.32
CA GLN H 216 26.13 10.39 10.78
C GLN H 216 26.47 9.76 12.13
N ASP H 217 27.72 9.34 12.30
CA ASP H 217 28.15 8.82 13.60
C ASP H 217 27.84 9.83 14.70
N ALA H 218 28.29 11.08 14.52
CA ALA H 218 28.06 12.12 15.52
C ALA H 218 26.58 12.28 15.82
N ALA H 219 25.74 12.31 14.78
CA ALA H 219 24.32 12.47 15.00
C ALA H 219 23.72 11.28 15.74
N LEU H 220 24.17 10.08 15.38
CA LEU H 220 23.71 8.85 16.04
C LEU H 220 23.97 8.88 17.53
N MET H 221 25.19 9.28 17.92
CA MET H 221 25.50 9.37 19.35
C MET H 221 24.50 10.29 20.06
N MET H 222 24.11 11.39 19.40
CA MET H 222 23.07 12.26 19.96
C MET H 222 21.73 11.54 19.98
N GLU H 223 21.39 10.84 18.89
CA GLU H 223 20.15 10.08 18.85
C GLU H 223 20.09 9.08 20.00
N LEU H 224 21.24 8.58 20.44
CA LEU H 224 21.32 7.57 21.49
C LEU H 224 21.24 8.14 22.91
N GLY H 225 21.35 9.45 23.08
CA GLY H 225 21.16 10.04 24.39
C GLY H 225 22.43 10.66 24.95
N ALA H 226 23.42 10.86 24.09
CA ALA H 226 24.59 11.61 24.51
C ALA H 226 24.17 13.03 24.86
N ASP H 227 25.00 13.70 25.65
CA ASP H 227 24.88 15.13 25.82
C ASP H 227 25.82 15.90 24.90
N GLY H 228 26.69 15.21 24.16
CA GLY H 228 27.64 15.89 23.32
C GLY H 228 28.57 14.89 22.68
N VAL H 229 29.60 15.40 22.00
CA VAL H 229 30.51 14.57 21.21
C VAL H 229 31.94 15.06 21.33
N PHE H 230 32.87 14.17 21.67
CA PHE H 230 34.30 14.41 21.43
C PHE H 230 34.70 13.82 20.09
N VAL H 231 35.60 14.52 19.39
CA VAL H 231 36.20 14.01 18.15
C VAL H 231 37.68 14.35 18.16
N GLY H 232 38.45 13.58 17.40
CA GLY H 232 39.86 13.90 17.27
C GLY H 232 40.44 13.47 15.95
N SER H 233 40.46 12.17 15.70
CA SER H 233 41.05 11.65 14.47
C SER H 233 40.16 11.94 13.28
N GLY H 234 38.84 11.76 13.43
CA GLY H 234 37.93 11.91 12.31
C GLY H 234 38.04 13.22 11.56
N ILE H 235 38.52 14.28 12.23
CA ILE H 235 38.61 15.61 11.62
C ILE H 235 39.95 15.77 10.92
N PHE H 236 41.03 15.56 11.63
CA PHE H 236 42.33 15.96 11.13
C PHE H 236 43.08 14.81 10.46
N LYS H 237 42.58 13.58 10.54
CA LYS H 237 43.03 12.46 9.72
C LYS H 237 42.02 12.16 8.61
N SER H 238 41.54 13.22 7.94
CA SER H 238 40.61 13.09 6.82
C SER H 238 40.96 14.13 5.77
N GLU H 239 40.37 13.98 4.57
CA GLU H 239 40.49 15.01 3.56
C GLU H 239 39.76 16.26 4.04
N ASP H 240 40.40 17.44 3.86
CA ASP H 240 39.83 18.74 4.24
C ASP H 240 39.21 18.71 5.63
N PRO H 241 40.02 18.71 6.70
CA PRO H 241 39.46 18.80 8.06
C PRO H 241 38.47 19.95 8.30
N GLU H 242 38.64 21.12 7.68
CA GLU H 242 37.72 22.22 7.93
C GLU H 242 36.28 21.83 7.54
N LYS H 243 36.13 21.10 6.43
CA LYS H 243 34.82 20.62 6.00
C LYS H 243 34.21 19.69 7.03
N PHE H 244 34.97 18.63 7.39
CA PHE H 244 34.49 17.65 8.36
C PHE H 244 34.11 18.32 9.67
N ALA H 245 34.86 19.34 10.08
CA ALA H 245 34.60 19.96 11.37
C ALA H 245 33.24 20.64 11.38
N LYS H 246 32.97 21.50 10.41
CA LYS H 246 31.66 22.14 10.40
C LYS H 246 30.56 21.12 10.20
N ALA H 247 30.80 20.10 9.36
CA ALA H 247 29.80 19.06 9.13
C ALA H 247 29.48 18.31 10.40
N ILE H 248 30.48 18.02 11.23
CA ILE H 248 30.21 17.29 12.46
C ILE H 248 29.49 18.19 13.46
N VAL H 249 29.87 19.47 13.53
CA VAL H 249 29.19 20.40 14.44
C VAL H 249 27.70 20.49 14.13
N GLN H 250 27.35 20.67 12.85
CA GLN H 250 25.93 20.87 12.54
C GLN H 250 25.13 19.58 12.66
N ALA H 251 25.75 18.45 12.33
CA ALA H 251 25.08 17.17 12.53
C ALA H 251 24.81 16.91 14.00
N THR H 252 25.76 17.24 14.88
CA THR H 252 25.52 17.11 16.32
C THR H 252 24.40 18.02 16.82
N THR H 253 24.27 19.21 16.24
CA THR H 253 23.19 20.11 16.63
C THR H 253 21.84 19.72 16.05
N HIS H 254 21.79 19.49 14.74
CA HIS H 254 20.54 19.06 14.09
C HIS H 254 20.60 17.56 13.79
N TYR H 255 20.75 16.78 14.85
CA TYR H 255 21.00 15.37 14.67
C TYR H 255 19.78 14.58 14.18
N GLN H 256 18.62 15.23 14.07
CA GLN H 256 17.44 14.59 13.49
C GLN H 256 17.06 15.21 12.15
N ASP H 257 17.81 16.19 11.68
CA ASP H 257 17.59 16.76 10.35
C ASP H 257 18.29 15.85 9.35
N TYR H 258 17.65 14.69 9.09
CA TYR H 258 18.30 13.64 8.31
C TYR H 258 18.57 14.06 6.87
N GLU H 259 17.89 15.13 6.40
CA GLU H 259 18.20 15.67 5.09
C GLU H 259 19.48 16.49 5.13
N LEU H 260 19.58 17.39 6.11
CA LEU H 260 20.78 18.20 6.25
C LEU H 260 22.02 17.33 6.43
N ILE H 261 21.93 16.26 7.23
CA ILE H 261 23.06 15.37 7.43
C ILE H 261 23.44 14.73 6.10
N GLY H 262 22.44 14.34 5.30
CA GLY H 262 22.73 13.81 3.98
C GLY H 262 23.44 14.79 3.07
N ARG H 263 22.96 16.04 3.04
CA ARG H 263 23.69 17.08 2.32
C ARG H 263 25.14 17.12 2.75
N LEU H 264 25.36 17.25 4.07
CA LEU H 264 26.69 17.45 4.61
C LEU H 264 27.64 16.35 4.17
N ALA H 265 27.23 15.10 4.35
CA ALA H 265 28.11 14.00 4.01
C ALA H 265 28.33 13.89 2.51
N SER H 266 27.36 14.35 1.71
CA SER H 266 27.48 14.21 0.26
C SER H 266 28.65 15.02 -0.27
N GLU H 267 29.00 16.12 0.39
CA GLU H 267 30.11 16.98 -0.03
C GLU H 267 31.33 16.79 0.85
N LEU H 268 31.73 15.53 1.10
CA LEU H 268 32.85 15.21 1.97
C LEU H 268 33.72 14.17 1.29
N GLY H 269 35.03 14.33 1.40
CA GLY H 269 35.98 13.35 0.89
C GLY H 269 36.02 12.09 1.73
N THR H 270 37.15 11.38 1.73
CA THR H 270 37.24 10.13 2.48
C THR H 270 37.34 10.39 3.99
N ALA H 271 36.80 9.44 4.77
CA ALA H 271 37.01 9.43 6.22
C ALA H 271 38.39 8.85 6.55
N MET H 272 38.46 7.77 7.35
CA MET H 272 39.76 7.41 7.90
C MET H 272 39.99 5.89 8.04
N LYS H 273 39.15 5.05 7.43
CA LYS H 273 39.08 3.61 7.71
C LYS H 273 39.25 3.31 9.20
N GLY H 274 40.21 2.47 9.58
CA GLY H 274 40.47 2.20 10.99
C GLY H 274 40.50 0.73 11.38
P PO4 I . -22.70 22.02 -40.86
O1 PO4 I . -23.48 22.51 -39.66
O2 PO4 I . -23.69 21.55 -41.89
O3 PO4 I . -21.79 20.91 -40.44
O4 PO4 I . -21.82 23.13 -41.39
P PO4 J . -3.63 29.33 -47.90
O1 PO4 J . -4.80 28.39 -48.02
O2 PO4 J . -2.35 28.53 -47.67
O3 PO4 J . -3.85 30.29 -46.73
O4 PO4 J . -3.57 30.14 -49.17
C1 EDO K . 10.66 13.27 -40.55
O1 EDO K . 11.35 14.25 -39.74
C2 EDO K . 10.87 11.89 -39.94
O2 EDO K . 10.14 11.78 -38.72
CL CL L . -6.33 25.96 -49.62
MG MG M . 11.70 31.81 -43.30
P PO4 N . -31.80 11.86 -24.56
O1 PO4 N . -32.87 11.36 -23.61
O2 PO4 N . -30.53 11.04 -24.45
O3 PO4 N . -31.42 13.27 -24.19
O4 PO4 N . -32.29 11.84 -25.98
P PO4 O . -50.95 4.95 -17.64
O1 PO4 O . -51.11 4.30 -16.31
O2 PO4 O . -52.14 4.58 -18.53
O3 PO4 O . -50.94 6.45 -17.48
O4 PO4 O . -49.65 4.48 -18.26
C1 EDO P . -65.72 5.55 -20.04
O1 EDO P . -66.44 5.60 -18.79
C2 EDO P . -66.65 5.56 -21.25
O2 EDO P . -67.42 6.77 -21.36
CL CL Q . -46.64 2.54 -19.08
P PO4 R . 20.60 -11.43 17.01
O1 PO4 R . 20.97 -12.77 17.56
O2 PO4 R . 19.51 -11.65 16.01
O3 PO4 R . 20.09 -10.54 18.11
O4 PO4 R . 21.80 -10.81 16.31
P PO4 S . 28.71 -11.49 -2.90
O1 PO4 S . 27.60 -10.97 -1.98
O2 PO4 S . 28.12 -12.02 -4.20
O3 PO4 S . 29.48 -12.61 -2.24
O4 PO4 S . 29.65 -10.34 -3.20
CL CL T . 25.22 -8.63 -0.64
P PO4 U . -12.64 22.69 -3.64
O1 PO4 U . -13.53 22.24 -2.52
O2 PO4 U . -12.40 21.55 -4.59
O3 PO4 U . -11.28 23.19 -3.14
O4 PO4 U . -13.33 23.80 -4.41
P PO4 V . -25.56 6.45 2.00
O1 PO4 V . -26.03 5.96 3.34
O2 PO4 V . -25.11 5.25 1.17
O3 PO4 V . -24.41 7.41 2.21
O4 PO4 V . -26.71 7.13 1.27
CL CL W . -21.30 7.42 3.30
P PO4 X . -2.21 30.92 -20.15
O1 PO4 X . -3.32 31.11 -19.15
O2 PO4 X . -1.42 29.77 -19.63
O3 PO4 X . -1.36 32.17 -20.20
O4 PO4 X . -2.77 30.62 -21.52
P PO4 Y . 10.28 47.52 -25.80
O1 PO4 Y . 9.83 46.35 -24.96
O2 PO4 Y . 9.11 48.43 -26.08
O3 PO4 Y . 11.35 48.31 -25.07
O4 PO4 Y . 10.87 47.01 -27.09
CL CL Z . 11.64 42.16 -25.75
CL CL AA . 6.74 19.17 -27.47
MG MG BA . 16.02 61.02 -21.03
P PO4 CA . 9.14 -23.05 30.37
O1 PO4 CA . 8.77 -23.95 31.53
O2 PO4 CA . 8.69 -21.66 30.69
O3 PO4 CA . 10.65 -23.02 30.19
O4 PO4 CA . 8.45 -23.47 29.09
P PO4 DA . 1.39 -23.19 50.70
O1 PO4 DA . 0.60 -24.42 51.00
O2 PO4 DA . 2.86 -23.49 50.96
O3 PO4 DA . 0.92 -22.06 51.61
O4 PO4 DA . 1.16 -22.80 49.25
CL CL EA . -0.76 -23.29 46.65
P PO4 FA . 19.12 -49.69 20.20
O1 PO4 FA . 19.04 -50.94 21.04
O2 PO4 FA . 17.88 -48.85 20.45
O3 PO4 FA . 20.32 -48.87 20.64
O4 PO4 FA . 19.28 -49.99 18.72
P PO4 GA . 2.34 -49.91 33.42
O1 PO4 GA . 2.45 -50.76 34.65
O2 PO4 GA . 0.92 -49.42 33.21
O3 PO4 GA . 3.28 -48.74 33.61
O4 PO4 GA . 2.76 -50.74 32.21
MG MG HA . 3.18 -53.15 29.59
P PO4 IA . 38.18 1.44 38.39
O1 PO4 IA . 37.83 -0.03 38.44
O2 PO4 IA . 36.96 2.21 37.92
O3 PO4 IA . 38.56 1.96 39.77
O4 PO4 IA . 39.27 1.62 37.34
P PO4 JA . 38.81 9.71 18.45
O1 PO4 JA . 38.89 9.64 19.95
O2 PO4 JA . 37.54 10.44 18.02
O3 PO4 JA . 38.81 8.31 17.86
O4 PO4 JA . 40.01 10.46 17.93
CL CL KA . 39.15 11.67 23.07
#